data_6WXL
#
_entry.id   6WXL
#
_cell.length_a   1.00
_cell.length_b   1.00
_cell.length_c   1.00
_cell.angle_alpha   90.00
_cell.angle_beta   90.00
_cell.angle_gamma   90.00
#
_symmetry.space_group_name_H-M   'P 1'
#
loop_
_entity.id
_entity.type
_entity.pdbx_description
1 polymer 'Hemagglutinin HA1 chain'
2 polymer 'Hemagglutinin HA2 chain'
3 polymer '1D12 Light chain'
4 polymer '1D21 Heavy chain'
5 non-polymer 2-acetamido-2-deoxy-beta-D-glucopyranose
#
loop_
_entity_poly.entity_id
_entity_poly.type
_entity_poly.pdbx_seq_one_letter_code
_entity_poly.pdbx_strand_id
1 'polypeptide(L)'
;DKICLGHHAVSNGTKVNTLTERGVEVVNATETVERTNIPRICSKGKRTVDLGQCGLLGTITGPPQCDQFLEFSADLIIER
REGSDVCYPGKFVNEEALRQILRESGGIDKEAMGFTYSGIRTNGATSSCRRSGSSFYAEMKWLLSNTDNAAFPQMTKSYK
NTRKNPALIVWGIHHSGSTAEQTKLYGSGNKLVTVGSSNYQQSFVPSPGARTQVNGQSGRIDFHWLMLNPNDTVTFSFNG
AFIAPDRASFLRGKSMGIQSGVQVDADCEGDCYYSGGTIISNLPFQNIDSRAVGKCPRYVKQRSLLLATGMKNVPEIPKG
R
;
A,C,G
2 'polypeptide(L)'
;GLFGAIAGFIENGWEGLIDGWYGFRHQNAQGEGTAADYKSTQSAIDQITGKLNRLIEKTNQQFELIDNEFTEVEKQIGNV
INWTRDSITEVWSYNAELLVAMENQHTIDLADSEMDKLYERVKRQLRENAEEDGTGCFEIFHKCDDDCMASIRNNTYDHS
KYREEAMQNRIQIDPVKLSSGYKDVILWFSFGASCFILLAIAMGLVFICVKNGNMRCTICI
;
B,D,I
3 'polypeptide(L)'
;DIVMTQSPLSLSVTPGEPASISCRSSHSLLHLNGYNYLDWYLQKPGQSPQLLIYLGSNRASGVPDRFSGSGSGTDFTLKI
SRVEAEDVGIYYCMQALRTPPGLTFGGGTKVDIKRTVAAPSVFIFPPSEDQVKSGTVSVVCLLNNFYPREASVKWKVDGA
LKTGNSQESVTEQDSKDNTYSLSSTLTLSSTEYQSHKVYACEVTHQGLSSPVTKSFNRGEC
;
L,E,J
4 'polypeptide(L)'
;QLVQSGAEVKKPGASVKVSCKASGYTFTGYYLHWVRQAPGQGLEWMGRINPDTGGTNYAQKFQGRVSMTRDMSISTHYME
LSRLTSDDTAVYYCATKRGAVTAMVYYYFYGMDVWGQGTTVTVSSASTKGPSVFPLAPSSESTAALGCLVKDYFPEPVTV
SWNSGSLTSGVHTFPAVLQSSGLYSLSSVVTVPSSSLGTQTYVCNVNHKPSNTKVDKRVEIKTCGGLEVLFQ
;
H,F,K
#
loop_
_chem_comp.id
_chem_comp.type
_chem_comp.name
_chem_comp.formula
NAG D-saccharide, beta linking 2-acetamido-2-deoxy-beta-D-glucopyranose 'C8 H15 N O6'
#
# COMPACT_ATOMS: atom_id res chain seq x y z
N ASP A 1 38.74 39.07 -14.53
CA ASP A 1 39.26 37.71 -14.52
C ASP A 1 38.53 36.86 -13.49
N LYS A 2 37.33 36.41 -13.85
CA LYS A 2 36.58 35.48 -13.01
C LYS A 2 35.60 34.71 -13.87
N ILE A 3 35.12 33.60 -13.33
CA ILE A 3 34.23 32.69 -14.04
C ILE A 3 33.24 32.12 -13.04
N CYS A 4 31.96 32.20 -13.37
CA CYS A 4 30.90 31.82 -12.44
C CYS A 4 30.17 30.59 -12.95
N LEU A 5 29.32 30.04 -12.08
CA LEU A 5 28.48 28.89 -12.41
C LEU A 5 27.10 29.11 -11.81
N GLY A 6 26.07 28.95 -12.62
CA GLY A 6 24.72 29.23 -12.15
C GLY A 6 23.71 28.33 -12.82
N HIS A 7 22.49 28.37 -12.29
CA HIS A 7 21.37 27.62 -12.84
C HIS A 7 20.30 28.59 -13.31
N HIS A 8 19.36 28.07 -14.08
CA HIS A 8 18.35 28.93 -14.67
C HIS A 8 17.19 29.15 -13.71
N ALA A 9 16.41 30.18 -13.98
CA ALA A 9 15.26 30.50 -13.14
C ALA A 9 14.21 31.18 -14.00
N VAL A 10 12.99 31.21 -13.49
CA VAL A 10 11.87 31.90 -14.12
C VAL A 10 11.32 32.91 -13.12
N SER A 11 10.45 33.79 -13.62
CA SER A 11 9.87 34.82 -12.77
C SER A 11 8.87 34.24 -11.78
N ASN A 12 7.98 33.37 -12.28
CA ASN A 12 6.97 32.74 -11.44
C ASN A 12 6.92 31.26 -11.78
N GLY A 13 7.11 30.41 -10.77
CA GLY A 13 7.08 28.97 -10.94
C GLY A 13 5.82 28.35 -10.36
N THR A 14 5.82 27.03 -10.35
CA THR A 14 4.70 26.25 -9.86
C THR A 14 5.01 25.77 -8.45
N LYS A 15 4.00 25.74 -7.60
CA LYS A 15 4.14 25.29 -6.22
C LYS A 15 3.75 23.82 -6.12
N VAL A 16 4.71 22.98 -5.73
CA VAL A 16 4.46 21.58 -5.47
C VAL A 16 4.79 21.29 -4.00
N ASN A 17 4.29 20.16 -3.52
CA ASN A 17 4.54 19.72 -2.15
C ASN A 17 5.69 18.72 -2.13
N THR A 18 6.44 18.75 -1.05
CA THR A 18 7.61 17.91 -0.85
C THR A 18 7.39 17.16 0.46
N LEU A 19 8.35 16.34 0.88
CA LEU A 19 8.19 15.53 2.08
C LEU A 19 8.27 16.36 3.34
N THR A 20 9.08 17.43 3.34
CA THR A 20 9.28 18.27 4.52
C THR A 20 8.78 19.70 4.32
N GLU A 21 8.12 20.00 3.21
CA GLU A 21 7.75 21.38 2.92
C GLU A 21 6.56 21.39 1.98
N ARG A 22 5.64 22.32 2.19
CA ARG A 22 4.48 22.50 1.34
C ARG A 22 4.63 23.81 0.56
N GLY A 23 4.40 23.74 -0.75
CA GLY A 23 4.46 24.94 -1.56
C GLY A 23 5.85 25.35 -1.97
N VAL A 24 6.71 24.40 -2.31
CA VAL A 24 8.03 24.73 -2.83
C VAL A 24 7.89 25.22 -4.27
N GLU A 25 8.52 26.34 -4.58
CA GLU A 25 8.57 26.84 -5.94
C GLU A 25 9.53 25.99 -6.75
N VAL A 26 9.01 25.19 -7.66
CA VAL A 26 9.81 24.55 -8.67
C VAL A 26 9.65 25.36 -9.96
N VAL A 27 10.52 25.09 -10.94
CA VAL A 27 10.48 25.82 -12.20
C VAL A 27 9.26 25.39 -13.01
N ASN A 28 9.06 24.09 -13.15
CA ASN A 28 7.93 23.57 -13.91
C ASN A 28 7.33 22.40 -13.16
N ALA A 29 6.08 22.08 -13.46
CA ALA A 29 5.41 20.95 -12.85
C ALA A 29 4.37 20.40 -13.82
N THR A 30 3.78 19.28 -13.45
CA THR A 30 2.75 18.66 -14.26
C THR A 30 1.75 17.97 -13.35
N GLU A 31 0.58 17.68 -13.90
CA GLU A 31 -0.50 17.07 -13.17
C GLU A 31 -0.45 15.56 -13.31
N THR A 32 -0.64 14.86 -12.19
CA THR A 32 -0.60 13.41 -12.14
C THR A 32 -2.00 12.79 -12.01
N VAL A 33 -3.02 13.58 -11.69
CA VAL A 33 -4.36 13.07 -11.44
C VAL A 33 -5.27 13.53 -12.57
N GLU A 34 -5.95 12.58 -13.22
CA GLU A 34 -6.80 12.88 -14.36
C GLU A 34 -8.18 13.32 -13.90
N ARG A 35 -8.68 14.39 -14.51
CA ARG A 35 -10.03 14.88 -14.22
C ARG A 35 -10.91 15.04 -15.43
N THR A 36 -10.34 15.12 -16.64
CA THR A 36 -11.13 15.29 -17.85
C THR A 36 -11.21 13.97 -18.61
N ASN A 37 -12.38 13.70 -19.17
CA ASN A 37 -12.65 12.46 -19.89
C ASN A 37 -13.27 12.78 -21.24
N ILE A 38 -13.54 11.73 -22.00
CA ILE A 38 -14.24 11.83 -23.27
C ILE A 38 -15.66 11.34 -23.05
N PRO A 39 -16.70 12.18 -23.24
CA PRO A 39 -18.07 11.84 -22.85
C PRO A 39 -18.83 10.97 -23.86
N ARG A 40 -18.15 9.94 -24.37
CA ARG A 40 -18.71 8.95 -25.27
C ARG A 40 -18.09 7.61 -24.95
N ILE A 41 -18.72 6.55 -25.45
CA ILE A 41 -18.19 5.20 -25.33
C ILE A 41 -17.40 4.94 -26.60
N CYS A 42 -16.15 5.38 -26.61
CA CYS A 42 -15.27 5.24 -27.77
C CYS A 42 -14.79 3.79 -27.82
N SER A 43 -15.27 3.05 -28.82
CA SER A 43 -15.07 1.60 -28.89
C SER A 43 -14.69 1.15 -30.29
N LYS A 44 -13.68 1.77 -30.89
CA LYS A 44 -13.15 1.27 -32.16
C LYS A 44 -12.40 -0.04 -31.93
N GLY A 45 -12.50 -0.94 -32.91
CA GLY A 45 -11.82 -2.21 -32.83
C GLY A 45 -12.53 -3.26 -32.02
N LYS A 46 -13.67 -2.95 -31.43
CA LYS A 46 -14.46 -3.90 -30.67
C LYS A 46 -15.79 -4.14 -31.38
N ARG A 47 -16.53 -5.10 -30.84
CA ARG A 47 -17.83 -5.50 -31.38
C ARG A 47 -18.87 -5.13 -30.32
N THR A 48 -19.47 -3.96 -30.47
CA THR A 48 -20.29 -3.34 -29.44
C THR A 48 -21.76 -3.62 -29.71
N VAL A 49 -22.46 -4.12 -28.69
CA VAL A 49 -23.90 -4.31 -28.74
C VAL A 49 -24.53 -3.30 -27.78
N ASP A 50 -25.43 -2.47 -28.30
CA ASP A 50 -26.12 -1.44 -27.52
C ASP A 50 -27.55 -1.91 -27.33
N LEU A 51 -27.89 -2.31 -26.10
CA LEU A 51 -29.20 -2.90 -25.85
C LEU A 51 -30.31 -1.87 -25.90
N GLY A 52 -30.17 -0.78 -25.15
CA GLY A 52 -31.17 0.27 -25.20
C GLY A 52 -32.38 -0.02 -24.36
N GLN A 53 -33.53 -0.23 -24.99
CA GLN A 53 -34.78 -0.51 -24.30
C GLN A 53 -34.85 -1.93 -23.76
N CYS A 54 -33.90 -2.77 -24.11
CA CYS A 54 -33.89 -4.17 -23.70
C CYS A 54 -32.96 -4.37 -22.50
N GLY A 55 -33.32 -5.32 -21.64
CA GLY A 55 -32.51 -5.66 -20.50
C GLY A 55 -31.62 -6.83 -20.81
N LEU A 56 -30.56 -6.99 -19.99
CA LEU A 56 -29.57 -8.01 -20.27
C LEU A 56 -30.15 -9.41 -20.05
N LEU A 57 -30.93 -9.60 -18.99
CA LEU A 57 -31.54 -10.90 -18.73
C LEU A 57 -32.78 -11.16 -19.57
N GLY A 58 -33.32 -10.14 -20.23
CA GLY A 58 -34.47 -10.35 -21.08
C GLY A 58 -34.15 -11.18 -22.31
N THR A 59 -32.93 -11.05 -22.83
CA THR A 59 -32.50 -11.78 -24.02
C THR A 59 -32.46 -13.29 -23.81
N ILE A 60 -32.47 -13.76 -22.57
CA ILE A 60 -32.66 -15.17 -22.29
C ILE A 60 -34.12 -15.58 -22.45
N THR A 61 -35.04 -14.79 -21.90
CA THR A 61 -36.46 -15.11 -21.96
C THR A 61 -37.17 -14.52 -23.16
N GLY A 62 -36.71 -13.39 -23.69
CA GLY A 62 -37.26 -12.80 -24.90
C GLY A 62 -38.59 -12.08 -24.80
N PRO A 63 -38.64 -10.91 -24.16
CA PRO A 63 -39.81 -10.04 -24.28
C PRO A 63 -39.84 -9.37 -25.64
N PRO A 64 -40.92 -8.64 -25.99
CA PRO A 64 -40.95 -7.96 -27.31
C PRO A 64 -39.87 -6.93 -27.54
N GLN A 65 -39.31 -6.30 -26.51
CA GLN A 65 -38.26 -5.32 -26.72
C GLN A 65 -36.89 -5.93 -26.93
N CYS A 66 -36.77 -7.25 -26.79
CA CYS A 66 -35.49 -7.95 -26.92
C CYS A 66 -35.54 -8.95 -28.07
N ASP A 67 -36.23 -8.59 -29.14
CA ASP A 67 -36.41 -9.53 -30.25
C ASP A 67 -35.18 -9.63 -31.14
N GLN A 68 -34.38 -8.56 -31.23
CA GLN A 68 -33.20 -8.55 -32.08
C GLN A 68 -31.93 -8.87 -31.31
N PHE A 69 -32.05 -9.26 -30.05
CA PHE A 69 -30.88 -9.55 -29.21
C PHE A 69 -30.92 -10.97 -28.66
N LEU A 70 -31.66 -11.87 -29.30
CA LEU A 70 -31.83 -13.21 -28.77
C LEU A 70 -30.65 -14.12 -29.03
N GLU A 71 -29.83 -13.78 -30.02
CA GLU A 71 -28.62 -14.55 -30.33
C GLU A 71 -27.47 -13.60 -30.61
N PHE A 72 -27.36 -12.54 -29.80
CA PHE A 72 -26.39 -11.48 -30.08
C PHE A 72 -24.97 -11.96 -29.79
N SER A 73 -24.01 -11.18 -30.27
CA SER A 73 -22.60 -11.48 -30.08
C SER A 73 -21.87 -10.16 -29.91
N ALA A 74 -20.98 -10.10 -28.92
CA ALA A 74 -20.41 -8.81 -28.56
C ALA A 74 -19.04 -8.99 -27.92
N ASP A 75 -18.21 -7.96 -28.08
CA ASP A 75 -17.02 -7.76 -27.28
C ASP A 75 -17.25 -6.73 -26.18
N LEU A 76 -18.37 -6.03 -26.22
CA LEU A 76 -18.66 -4.96 -25.27
C LEU A 76 -20.17 -4.75 -25.25
N ILE A 77 -20.80 -5.03 -24.11
CA ILE A 77 -22.24 -4.89 -23.95
C ILE A 77 -22.52 -3.63 -23.15
N ILE A 78 -23.32 -2.72 -23.72
CA ILE A 78 -23.69 -1.48 -23.05
C ILE A 78 -25.13 -1.58 -22.57
N GLU A 79 -25.32 -1.53 -21.26
CA GLU A 79 -26.65 -1.50 -20.66
C GLU A 79 -27.10 -0.07 -20.46
N ARG A 80 -28.36 0.20 -20.81
CA ARG A 80 -28.95 1.50 -20.60
C ARG A 80 -29.95 1.44 -19.46
N ARG A 81 -30.29 2.61 -18.91
CA ARG A 81 -31.15 2.69 -17.74
C ARG A 81 -32.59 2.30 -18.07
N GLU A 82 -33.05 2.63 -19.27
CA GLU A 82 -34.43 2.37 -19.67
C GLU A 82 -34.66 0.93 -20.12
N GLY A 83 -33.67 0.06 -20.00
CA GLY A 83 -33.85 -1.33 -20.39
C GLY A 83 -34.65 -2.10 -19.37
N SER A 84 -35.60 -2.90 -19.87
CA SER A 84 -36.45 -3.73 -19.04
C SER A 84 -36.27 -5.20 -19.42
N ASP A 85 -36.38 -6.06 -18.41
CA ASP A 85 -36.16 -7.49 -18.61
C ASP A 85 -37.45 -8.24 -18.92
N VAL A 86 -38.59 -7.71 -18.48
CA VAL A 86 -39.86 -8.44 -18.51
C VAL A 86 -40.91 -7.63 -19.25
N CYS A 87 -41.91 -8.34 -19.76
CA CYS A 87 -43.15 -7.71 -20.24
C CYS A 87 -44.34 -8.04 -19.35
N TYR A 88 -44.59 -9.32 -19.09
CA TYR A 88 -45.45 -9.70 -17.98
C TYR A 88 -44.70 -9.45 -16.67
N PRO A 89 -45.37 -8.94 -15.64
CA PRO A 89 -44.67 -8.56 -14.41
C PRO A 89 -44.09 -9.76 -13.67
N GLY A 90 -42.91 -9.56 -13.10
CA GLY A 90 -42.16 -10.63 -12.51
C GLY A 90 -40.70 -10.24 -12.41
N LYS A 91 -39.90 -11.15 -11.87
CA LYS A 91 -38.48 -10.88 -11.68
C LYS A 91 -37.73 -12.20 -11.58
N PHE A 92 -36.41 -12.10 -11.67
CA PHE A 92 -35.53 -13.26 -11.60
C PHE A 92 -35.10 -13.53 -10.16
N VAL A 93 -34.62 -14.75 -9.94
CA VAL A 93 -34.09 -15.16 -8.65
C VAL A 93 -32.58 -15.34 -8.82
N ASN A 94 -31.82 -14.75 -7.90
CA ASN A 94 -30.38 -14.50 -8.05
C ASN A 94 -30.10 -13.78 -9.37
N GLU A 95 -30.71 -12.60 -9.50
CA GLU A 95 -30.64 -11.84 -10.74
C GLU A 95 -29.29 -11.19 -10.94
N GLU A 96 -28.55 -10.89 -9.87
CA GLU A 96 -27.27 -10.22 -10.02
C GLU A 96 -26.14 -11.20 -10.28
N ALA A 97 -26.28 -12.46 -9.87
CA ALA A 97 -25.33 -13.48 -10.29
C ALA A 97 -25.50 -13.83 -11.75
N LEU A 98 -26.73 -13.76 -12.26
CA LEU A 98 -26.96 -14.02 -13.67
C LEU A 98 -26.53 -12.86 -14.55
N ARG A 99 -26.60 -11.63 -14.04
CA ARG A 99 -26.13 -10.47 -14.80
C ARG A 99 -24.62 -10.48 -14.96
N GLN A 100 -23.89 -10.95 -13.95
CA GLN A 100 -22.44 -11.02 -14.06
C GLN A 100 -22.00 -12.18 -14.94
N ILE A 101 -22.90 -13.13 -15.22
CA ILE A 101 -22.59 -14.21 -16.14
C ILE A 101 -22.69 -13.72 -17.58
N LEU A 102 -23.79 -13.06 -17.93
CA LEU A 102 -24.01 -12.62 -19.30
C LEU A 102 -23.20 -11.39 -19.68
N ARG A 103 -22.77 -10.59 -18.71
CA ARG A 103 -21.84 -9.50 -19.01
C ARG A 103 -20.49 -10.03 -19.45
N GLU A 104 -20.12 -11.22 -18.99
CA GLU A 104 -18.83 -11.84 -19.26
C GLU A 104 -18.93 -12.88 -20.37
N SER A 105 -20.13 -13.12 -20.89
CA SER A 105 -20.41 -14.30 -21.70
C SER A 105 -19.99 -14.13 -23.16
N GLY A 106 -19.95 -12.91 -23.66
CA GLY A 106 -19.59 -12.70 -25.05
C GLY A 106 -20.71 -12.92 -26.04
N GLY A 107 -21.91 -13.25 -25.59
CA GLY A 107 -23.01 -13.56 -26.47
C GLY A 107 -23.81 -14.74 -25.99
N ILE A 108 -24.82 -15.15 -26.75
CA ILE A 108 -25.68 -16.28 -26.40
C ILE A 108 -26.01 -17.07 -27.65
N ASP A 109 -25.93 -18.39 -27.56
CA ASP A 109 -26.23 -19.30 -28.66
C ASP A 109 -27.40 -20.17 -28.24
N LYS A 110 -28.59 -19.88 -28.76
CA LYS A 110 -29.78 -20.60 -28.36
C LYS A 110 -29.87 -21.95 -29.08
N GLU A 111 -30.19 -22.99 -28.32
CA GLU A 111 -30.30 -24.36 -28.81
C GLU A 111 -31.63 -24.94 -28.38
N ALA A 112 -32.42 -25.43 -29.34
CA ALA A 112 -33.78 -25.88 -29.05
C ALA A 112 -33.78 -27.16 -28.23
N MET A 113 -34.79 -27.28 -27.36
CA MET A 113 -34.91 -28.41 -26.46
C MET A 113 -35.76 -29.54 -27.02
N GLY A 114 -36.79 -29.21 -27.81
CA GLY A 114 -37.61 -30.24 -28.41
C GLY A 114 -38.60 -30.90 -27.48
N PHE A 115 -39.30 -30.11 -26.67
CA PHE A 115 -40.32 -30.66 -25.79
C PHE A 115 -41.63 -30.83 -26.55
N THR A 116 -42.30 -31.96 -26.31
CA THR A 116 -43.61 -32.22 -26.85
C THR A 116 -44.63 -32.23 -25.72
N TYR A 117 -45.84 -31.75 -26.01
CA TYR A 117 -46.86 -31.57 -25.00
C TYR A 117 -48.14 -32.26 -25.42
N SER A 118 -48.56 -33.24 -24.63
CA SER A 118 -49.63 -34.17 -25.00
C SER A 118 -50.92 -33.78 -24.29
N GLY A 119 -51.84 -33.16 -25.04
CA GLY A 119 -53.18 -32.93 -24.55
C GLY A 119 -53.40 -31.67 -23.76
N ILE A 120 -52.43 -30.76 -23.74
CA ILE A 120 -52.56 -29.48 -23.02
C ILE A 120 -52.42 -28.35 -24.02
N ARG A 121 -52.96 -27.20 -23.65
CA ARG A 121 -52.75 -26.01 -24.46
C ARG A 121 -51.34 -25.48 -24.28
N THR A 122 -50.90 -24.68 -25.25
CA THR A 122 -49.58 -24.08 -25.22
C THR A 122 -49.58 -22.60 -25.58
N ASN A 123 -50.56 -22.13 -26.35
CA ASN A 123 -50.61 -20.74 -26.81
C ASN A 123 -51.16 -19.81 -25.73
N GLY A 124 -50.50 -19.81 -24.58
CA GLY A 124 -50.84 -18.86 -23.53
C GLY A 124 -50.28 -17.50 -23.87
N ALA A 125 -51.15 -16.50 -23.90
CA ALA A 125 -50.78 -15.15 -24.28
C ALA A 125 -51.29 -14.17 -23.22
N THR A 126 -50.83 -12.94 -23.31
CA THR A 126 -51.20 -11.91 -22.36
C THR A 126 -51.16 -10.56 -23.05
N SER A 127 -51.87 -9.59 -22.46
CA SER A 127 -51.97 -8.26 -23.03
C SER A 127 -50.79 -7.37 -22.66
N SER A 128 -49.89 -7.82 -21.80
CA SER A 128 -48.72 -7.02 -21.47
C SER A 128 -47.62 -7.15 -22.52
N CYS A 129 -47.56 -8.28 -23.20
CA CYS A 129 -46.49 -8.56 -24.16
C CYS A 129 -47.08 -8.36 -25.56
N ARG A 130 -47.04 -7.13 -26.05
CA ARG A 130 -47.67 -6.76 -27.32
C ARG A 130 -46.71 -7.04 -28.47
N ARG A 131 -47.02 -8.04 -29.27
CA ARG A 131 -46.21 -8.41 -30.44
C ARG A 131 -47.19 -8.86 -31.53
N SER A 132 -47.59 -7.92 -32.38
CA SER A 132 -48.63 -8.10 -33.40
C SER A 132 -49.92 -8.64 -32.80
N GLY A 133 -50.35 -8.01 -31.71
CA GLY A 133 -51.51 -8.47 -30.96
C GLY A 133 -51.11 -8.88 -29.54
N SER A 134 -51.72 -9.96 -29.07
CA SER A 134 -51.42 -10.52 -27.76
C SER A 134 -50.48 -11.70 -27.92
N SER A 135 -49.36 -11.66 -27.22
CA SER A 135 -48.34 -12.69 -27.33
C SER A 135 -47.78 -12.98 -25.94
N PHE A 136 -46.66 -13.68 -25.91
CA PHE A 136 -45.96 -14.03 -24.68
C PHE A 136 -44.47 -13.83 -24.94
N TYR A 137 -43.64 -14.39 -24.07
CA TYR A 137 -42.20 -14.43 -24.30
C TYR A 137 -41.87 -15.26 -25.53
N ALA A 138 -40.76 -14.93 -26.18
CA ALA A 138 -40.42 -15.57 -27.44
C ALA A 138 -39.75 -16.93 -27.24
N GLU A 139 -39.18 -17.17 -26.06
CA GLU A 139 -38.42 -18.39 -25.80
C GLU A 139 -39.01 -19.20 -24.65
N MET A 140 -40.22 -18.84 -24.21
CA MET A 140 -40.91 -19.55 -23.15
C MET A 140 -42.33 -19.85 -23.61
N LYS A 141 -42.91 -20.92 -23.06
CA LYS A 141 -44.28 -21.31 -23.38
C LYS A 141 -45.11 -21.28 -22.11
N TRP A 142 -46.37 -20.89 -22.23
CA TRP A 142 -47.31 -20.86 -21.12
C TRP A 142 -48.24 -22.05 -21.29
N LEU A 143 -47.99 -23.11 -20.52
CA LEU A 143 -48.75 -24.34 -20.61
C LEU A 143 -50.04 -24.19 -19.82
N LEU A 144 -51.18 -24.38 -20.49
CA LEU A 144 -52.49 -24.22 -19.86
C LEU A 144 -53.26 -25.53 -19.96
N SER A 145 -54.51 -25.49 -19.51
CA SER A 145 -55.45 -26.57 -19.75
C SER A 145 -56.15 -26.35 -21.09
N ASN A 146 -56.92 -27.34 -21.50
CA ASN A 146 -57.52 -27.33 -22.85
C ASN A 146 -58.59 -26.25 -22.96
N THR A 147 -59.37 -26.05 -21.91
CA THR A 147 -60.27 -24.93 -21.80
C THR A 147 -60.24 -24.44 -20.36
N ASP A 148 -61.04 -23.43 -20.06
CA ASP A 148 -61.06 -22.86 -18.72
C ASP A 148 -61.71 -23.83 -17.73
N ASN A 149 -61.15 -23.87 -16.51
CA ASN A 149 -61.56 -24.71 -15.38
C ASN A 149 -61.38 -26.21 -15.65
N ALA A 150 -60.68 -26.57 -16.72
CA ALA A 150 -60.40 -27.97 -17.00
C ALA A 150 -59.23 -28.47 -16.17
N ALA A 151 -59.01 -29.78 -16.19
CA ALA A 151 -57.95 -30.37 -15.41
C ALA A 151 -56.60 -30.19 -16.11
N PHE A 152 -55.53 -30.59 -15.41
CA PHE A 152 -54.18 -30.52 -15.95
C PHE A 152 -53.45 -31.81 -15.61
N PRO A 153 -52.99 -32.56 -16.61
CA PRO A 153 -52.32 -33.84 -16.32
C PRO A 153 -50.91 -33.63 -15.79
N GLN A 154 -50.47 -34.59 -14.98
CA GLN A 154 -49.11 -34.56 -14.44
C GLN A 154 -48.13 -34.96 -15.53
N MET A 155 -47.11 -34.12 -15.75
CA MET A 155 -46.16 -34.30 -16.83
C MET A 155 -44.73 -34.37 -16.29
N THR A 156 -43.83 -34.81 -17.15
CA THR A 156 -42.42 -34.88 -16.82
C THR A 156 -41.63 -34.82 -18.13
N LYS A 157 -40.84 -33.76 -18.29
CA LYS A 157 -40.05 -33.55 -19.50
C LYS A 157 -38.58 -33.46 -19.14
N SER A 158 -37.73 -33.95 -20.03
CA SER A 158 -36.31 -34.08 -19.75
C SER A 158 -35.47 -33.50 -20.88
N TYR A 159 -34.29 -33.01 -20.53
CA TYR A 159 -33.35 -32.45 -21.48
C TYR A 159 -31.94 -32.86 -21.09
N LYS A 160 -31.15 -33.28 -22.08
CA LYS A 160 -29.78 -33.70 -21.85
C LYS A 160 -28.82 -32.74 -22.55
N ASN A 161 -27.86 -32.21 -21.81
CA ASN A 161 -26.88 -31.28 -22.36
C ASN A 161 -25.81 -32.08 -23.11
N THR A 162 -25.94 -32.16 -24.42
CA THR A 162 -25.02 -32.96 -25.22
C THR A 162 -23.75 -32.21 -25.60
N ARG A 163 -23.74 -30.88 -25.50
CA ARG A 163 -22.60 -30.10 -25.94
C ARG A 163 -21.52 -30.10 -24.86
N LYS A 164 -20.37 -29.52 -25.19
CA LYS A 164 -19.19 -29.55 -24.32
C LYS A 164 -19.06 -28.28 -23.47
N ASN A 165 -20.19 -27.67 -23.13
CA ASN A 165 -20.20 -26.41 -22.41
C ASN A 165 -21.42 -26.37 -21.51
N PRO A 166 -21.39 -25.59 -20.43
CA PRO A 166 -22.58 -25.46 -19.58
C PRO A 166 -23.73 -24.75 -20.29
N ALA A 167 -24.95 -25.18 -19.98
CA ALA A 167 -26.16 -24.69 -20.61
C ALA A 167 -27.00 -23.91 -19.62
N LEU A 168 -27.36 -22.68 -20.00
CA LEU A 168 -28.17 -21.81 -19.16
C LEU A 168 -29.64 -22.16 -19.36
N ILE A 169 -30.18 -22.97 -18.46
CA ILE A 169 -31.59 -23.36 -18.48
C ILE A 169 -32.38 -22.33 -17.68
N VAL A 170 -33.57 -21.95 -18.16
CA VAL A 170 -34.42 -20.99 -17.47
C VAL A 170 -35.87 -21.45 -17.56
N TRP A 171 -36.56 -21.50 -16.43
CA TRP A 171 -37.98 -21.78 -16.39
C TRP A 171 -38.67 -20.76 -15.49
N GLY A 172 -39.98 -20.65 -15.63
CA GLY A 172 -40.76 -19.72 -14.85
C GLY A 172 -41.84 -20.41 -14.05
N ILE A 173 -42.23 -19.77 -12.95
CA ILE A 173 -43.33 -20.22 -12.10
C ILE A 173 -44.37 -19.12 -12.07
N HIS A 174 -45.61 -19.46 -12.40
CA HIS A 174 -46.69 -18.48 -12.45
C HIS A 174 -47.39 -18.42 -11.10
N HIS A 175 -47.40 -17.23 -10.49
CA HIS A 175 -48.16 -16.97 -9.26
C HIS A 175 -49.36 -16.13 -9.68
N SER A 176 -50.53 -16.78 -9.76
CA SER A 176 -51.70 -16.14 -10.32
C SER A 176 -52.26 -15.08 -9.37
N GLY A 177 -53.18 -14.26 -9.89
CA GLY A 177 -53.72 -13.18 -9.11
C GLY A 177 -54.80 -13.58 -8.12
N SER A 178 -55.43 -14.73 -8.32
CA SER A 178 -56.51 -15.18 -7.47
C SER A 178 -56.45 -16.69 -7.35
N THR A 179 -57.29 -17.24 -6.48
CA THR A 179 -57.47 -18.68 -6.44
C THR A 179 -58.53 -19.16 -7.41
N ALA A 180 -59.36 -18.26 -7.93
CA ALA A 180 -60.24 -18.55 -9.05
C ALA A 180 -59.55 -18.37 -10.38
N GLU A 181 -58.30 -17.89 -10.37
CA GLU A 181 -57.50 -17.75 -11.57
C GLU A 181 -56.56 -18.94 -11.76
N GLN A 182 -55.99 -19.45 -10.65
CA GLN A 182 -55.14 -20.63 -10.72
C GLN A 182 -55.95 -21.86 -11.10
N THR A 183 -57.18 -21.97 -10.62
CA THR A 183 -58.03 -23.10 -10.95
C THR A 183 -58.60 -23.00 -12.35
N LYS A 184 -58.68 -21.78 -12.90
CA LYS A 184 -59.16 -21.61 -14.27
C LYS A 184 -58.16 -22.13 -15.29
N LEU A 185 -56.87 -22.07 -14.99
CA LEU A 185 -55.83 -22.37 -15.96
C LEU A 185 -55.05 -23.64 -15.70
N TYR A 186 -55.09 -24.19 -14.48
CA TYR A 186 -54.41 -25.44 -14.19
C TYR A 186 -55.27 -26.38 -13.36
N GLY A 187 -56.57 -26.14 -13.27
CA GLY A 187 -57.46 -26.99 -12.51
C GLY A 187 -57.34 -26.81 -11.01
N SER A 188 -58.22 -27.49 -10.29
CA SER A 188 -58.22 -27.42 -8.84
C SER A 188 -57.14 -28.33 -8.26
N GLY A 189 -56.78 -28.06 -7.02
CA GLY A 189 -55.83 -28.87 -6.29
C GLY A 189 -54.55 -28.12 -5.98
N ASN A 190 -53.66 -28.80 -5.27
CA ASN A 190 -52.36 -28.26 -4.89
C ASN A 190 -51.33 -28.63 -5.95
N LYS A 191 -50.61 -27.63 -6.45
CA LYS A 191 -49.71 -27.80 -7.58
C LYS A 191 -48.26 -27.79 -7.11
N LEU A 192 -47.37 -28.21 -8.00
CA LEU A 192 -45.96 -28.37 -7.67
C LEU A 192 -45.14 -28.39 -8.94
N VAL A 193 -43.92 -27.88 -8.84
CA VAL A 193 -42.93 -27.99 -9.90
C VAL A 193 -41.64 -28.47 -9.25
N THR A 194 -41.12 -29.59 -9.73
CA THR A 194 -39.89 -30.18 -9.21
C THR A 194 -38.83 -30.13 -10.30
N VAL A 195 -37.63 -29.68 -9.95
CA VAL A 195 -36.54 -29.52 -10.90
C VAL A 195 -35.30 -30.17 -10.30
N GLY A 196 -34.71 -31.11 -11.02
CA GLY A 196 -33.54 -31.81 -10.54
C GLY A 196 -32.45 -31.87 -11.58
N SER A 197 -31.24 -32.12 -11.10
CA SER A 197 -30.07 -32.29 -11.95
C SER A 197 -29.06 -33.13 -11.18
N SER A 198 -27.85 -33.26 -11.73
CA SER A 198 -26.78 -33.98 -11.07
C SER A 198 -26.02 -33.10 -10.09
N ASN A 199 -26.36 -31.82 -10.00
CA ASN A 199 -25.70 -30.88 -9.11
C ASN A 199 -26.71 -29.94 -8.48
N TYR A 200 -28.00 -30.15 -8.70
CA TYR A 200 -29.04 -29.23 -8.32
C TYR A 200 -30.28 -30.01 -7.91
N GLN A 201 -30.99 -29.51 -6.91
CA GLN A 201 -32.31 -30.05 -6.57
C GLN A 201 -33.06 -28.96 -5.83
N GLN A 202 -34.20 -28.55 -6.37
CA GLN A 202 -35.12 -27.65 -5.72
C GLN A 202 -36.53 -28.01 -6.16
N SER A 203 -37.51 -27.41 -5.48
CA SER A 203 -38.90 -27.59 -5.86
C SER A 203 -39.65 -26.31 -5.53
N PHE A 204 -40.74 -26.10 -6.25
CA PHE A 204 -41.48 -24.85 -6.20
C PHE A 204 -42.97 -25.15 -6.14
N VAL A 205 -43.71 -24.23 -5.54
CA VAL A 205 -45.15 -24.33 -5.41
C VAL A 205 -45.73 -22.94 -5.68
N PRO A 206 -46.75 -22.82 -6.53
CA PRO A 206 -47.32 -21.50 -6.79
C PRO A 206 -48.11 -20.99 -5.59
N SER A 207 -48.14 -19.67 -5.46
CA SER A 207 -48.83 -19.01 -4.35
C SER A 207 -49.68 -17.89 -4.89
N PRO A 208 -50.95 -18.15 -5.17
CA PRO A 208 -51.84 -17.10 -5.65
C PRO A 208 -52.20 -16.13 -4.54
N GLY A 209 -52.76 -15.01 -4.95
CA GLY A 209 -53.15 -13.95 -4.04
C GLY A 209 -53.04 -12.63 -4.77
N ALA A 210 -53.85 -11.67 -4.33
CA ALA A 210 -53.86 -10.36 -4.94
C ALA A 210 -52.64 -9.54 -4.50
N ARG A 211 -52.14 -8.72 -5.42
CA ARG A 211 -51.11 -7.75 -5.09
C ARG A 211 -51.32 -6.55 -6.00
N THR A 212 -50.32 -5.67 -6.07
CA THR A 212 -50.50 -4.40 -6.78
C THR A 212 -50.43 -4.61 -8.28
N GLN A 213 -51.11 -3.73 -9.03
CA GLN A 213 -51.16 -3.82 -10.48
C GLN A 213 -49.85 -3.31 -11.07
N VAL A 214 -49.11 -4.18 -11.74
CA VAL A 214 -47.97 -3.80 -12.55
C VAL A 214 -48.28 -4.23 -13.97
N ASN A 215 -48.21 -3.27 -14.91
CA ASN A 215 -48.56 -3.41 -16.32
C ASN A 215 -49.99 -3.90 -16.54
N GLY A 216 -50.88 -3.65 -15.59
CA GLY A 216 -52.27 -4.05 -15.70
C GLY A 216 -52.61 -5.41 -15.13
N GLN A 217 -51.64 -6.17 -14.62
CA GLN A 217 -51.89 -7.47 -14.04
C GLN A 217 -51.41 -7.53 -12.59
N SER A 218 -51.99 -8.47 -11.85
CA SER A 218 -51.60 -8.74 -10.47
C SER A 218 -50.98 -10.12 -10.31
N GLY A 219 -50.79 -10.86 -11.39
CA GLY A 219 -50.01 -12.08 -11.33
C GLY A 219 -48.53 -11.81 -11.56
N ARG A 220 -47.71 -12.75 -11.13
CA ARG A 220 -46.26 -12.64 -11.25
C ARG A 220 -45.69 -13.90 -11.84
N ILE A 221 -44.54 -13.79 -12.49
CA ILE A 221 -43.80 -14.94 -13.01
C ILE A 221 -42.38 -14.88 -12.48
N ASP A 222 -41.99 -15.89 -11.70
CA ASP A 222 -40.66 -15.97 -11.11
C ASP A 222 -39.77 -16.81 -11.99
N PHE A 223 -38.71 -16.20 -12.53
CA PHE A 223 -37.78 -16.90 -13.40
C PHE A 223 -36.61 -17.43 -12.60
N HIS A 224 -36.29 -18.71 -12.78
CA HIS A 224 -35.18 -19.35 -12.11
C HIS A 224 -34.22 -19.89 -13.16
N TRP A 225 -33.01 -20.22 -12.73
CA TRP A 225 -32.00 -20.63 -13.68
C TRP A 225 -30.97 -21.55 -13.05
N LEU A 226 -30.35 -22.38 -13.89
CA LEU A 226 -29.23 -23.24 -13.49
C LEU A 226 -28.31 -23.39 -14.68
N MET A 227 -27.09 -23.84 -14.43
CA MET A 227 -26.12 -24.14 -15.48
C MET A 227 -25.92 -25.64 -15.54
N LEU A 228 -26.53 -26.28 -16.53
CA LEU A 228 -26.39 -27.73 -16.73
C LEU A 228 -24.99 -28.06 -17.21
N ASN A 229 -24.29 -28.91 -16.47
CA ASN A 229 -22.94 -29.31 -16.83
C ASN A 229 -22.96 -30.18 -18.09
N PRO A 230 -21.82 -30.33 -18.78
CA PRO A 230 -21.78 -31.22 -19.95
C PRO A 230 -22.09 -32.68 -19.61
N ASN A 231 -22.95 -33.27 -20.45
CA ASN A 231 -23.49 -34.63 -20.28
C ASN A 231 -24.21 -34.76 -18.93
N ASP A 232 -25.05 -33.78 -18.62
CA ASP A 232 -25.96 -33.84 -17.49
C ASP A 232 -27.39 -33.79 -17.99
N THR A 233 -28.34 -33.91 -17.06
CA THR A 233 -29.74 -34.03 -17.43
C THR A 233 -30.60 -33.28 -16.43
N VAL A 234 -31.53 -32.46 -16.94
CA VAL A 234 -32.47 -31.73 -16.11
C VAL A 234 -33.85 -32.32 -16.35
N THR A 235 -34.68 -32.28 -15.31
CA THR A 235 -35.99 -32.91 -15.35
C THR A 235 -37.01 -31.97 -14.72
N PHE A 236 -38.13 -31.75 -15.39
CA PHE A 236 -39.17 -30.85 -14.91
C PHE A 236 -40.44 -31.63 -14.67
N SER A 237 -40.65 -32.06 -13.43
CA SER A 237 -41.94 -32.60 -13.02
C SER A 237 -42.85 -31.43 -12.69
N PHE A 238 -44.04 -31.41 -13.30
CA PHE A 238 -44.96 -30.32 -13.05
C PHE A 238 -46.39 -30.80 -13.28
N ASN A 239 -47.32 -30.10 -12.64
CA ASN A 239 -48.75 -30.31 -12.88
C ASN A 239 -49.49 -28.98 -12.93
N GLY A 240 -48.80 -27.88 -13.14
CA GLY A 240 -49.41 -26.58 -13.26
C GLY A 240 -48.43 -25.48 -12.90
N ALA A 241 -48.77 -24.26 -13.33
CA ALA A 241 -48.05 -23.02 -13.03
C ALA A 241 -46.58 -23.08 -13.47
N PHE A 242 -46.36 -23.62 -14.66
CA PHE A 242 -45.01 -23.84 -15.18
C PHE A 242 -44.90 -23.11 -16.51
N ILE A 243 -43.97 -22.16 -16.59
CA ILE A 243 -43.65 -21.47 -17.83
C ILE A 243 -42.47 -22.22 -18.45
N ALA A 244 -42.76 -23.07 -19.42
CA ALA A 244 -41.79 -24.05 -19.86
C ALA A 244 -40.71 -23.40 -20.73
N PRO A 245 -39.46 -23.84 -20.61
CA PRO A 245 -38.43 -23.37 -21.54
C PRO A 245 -38.64 -23.96 -22.93
N ASP A 246 -38.08 -23.26 -23.91
CA ASP A 246 -38.14 -23.71 -25.28
C ASP A 246 -36.74 -23.93 -25.85
N ARG A 247 -35.82 -22.99 -25.64
CA ARG A 247 -34.47 -23.06 -26.18
C ARG A 247 -33.47 -22.83 -25.05
N ALA A 248 -32.56 -23.79 -24.85
CA ALA A 248 -31.48 -23.59 -23.90
C ALA A 248 -30.44 -22.66 -24.50
N SER A 249 -29.65 -22.04 -23.63
CA SER A 249 -28.71 -21.01 -24.05
C SER A 249 -27.28 -21.41 -23.70
N PHE A 250 -26.35 -20.99 -24.54
CA PHE A 250 -24.94 -21.32 -24.39
C PHE A 250 -24.10 -20.06 -24.55
N LEU A 251 -23.00 -20.00 -23.82
CA LEU A 251 -22.16 -18.82 -23.88
C LEU A 251 -21.19 -18.91 -25.05
N ARG A 252 -20.73 -17.74 -25.50
CA ARG A 252 -19.92 -17.65 -26.71
C ARG A 252 -18.43 -17.50 -26.42
N GLY A 253 -18.06 -16.56 -25.56
CA GLY A 253 -16.66 -16.24 -25.36
C GLY A 253 -16.41 -15.30 -24.20
N LYS A 254 -15.55 -14.30 -24.41
CA LYS A 254 -15.22 -13.32 -23.39
C LYS A 254 -15.57 -11.93 -23.89
N SER A 255 -16.26 -11.17 -23.03
CA SER A 255 -16.55 -9.77 -23.27
C SER A 255 -16.62 -9.05 -21.94
N MET A 256 -16.96 -7.76 -21.98
CA MET A 256 -17.15 -7.00 -20.77
C MET A 256 -18.39 -6.14 -20.91
N GLY A 257 -19.14 -6.01 -19.82
CA GLY A 257 -20.38 -5.25 -19.79
C GLY A 257 -20.21 -3.98 -18.97
N ILE A 258 -20.71 -2.88 -19.51
CA ILE A 258 -20.74 -1.61 -18.81
C ILE A 258 -22.17 -1.10 -18.78
N GLN A 259 -22.42 -0.19 -17.84
CA GLN A 259 -23.67 0.55 -17.75
C GLN A 259 -23.35 2.01 -17.97
N SER A 260 -24.08 2.64 -18.90
CA SER A 260 -23.71 3.98 -19.32
C SER A 260 -24.96 4.77 -19.66
N GLY A 261 -24.76 6.06 -19.92
CA GLY A 261 -25.84 6.94 -20.32
C GLY A 261 -25.47 7.82 -21.49
N VAL A 262 -24.25 7.67 -21.99
CA VAL A 262 -23.75 8.48 -23.09
C VAL A 262 -23.74 7.65 -24.36
N GLN A 263 -23.53 8.30 -25.49
CA GLN A 263 -23.63 7.64 -26.79
C GLN A 263 -22.35 6.87 -27.11
N VAL A 264 -22.48 5.88 -27.96
CA VAL A 264 -21.36 5.04 -28.34
C VAL A 264 -20.71 5.63 -29.59
N ASP A 265 -19.37 5.61 -29.60
CA ASP A 265 -18.58 6.16 -30.69
C ASP A 265 -17.68 5.03 -31.18
N ALA A 266 -17.62 4.85 -32.50
CA ALA A 266 -16.76 3.83 -33.09
C ALA A 266 -15.50 4.41 -33.70
N ASP A 267 -15.17 5.66 -33.37
CA ASP A 267 -14.00 6.31 -33.93
C ASP A 267 -12.79 6.27 -33.00
N CYS A 268 -13.00 6.46 -31.70
CA CYS A 268 -11.89 6.45 -30.76
C CYS A 268 -11.64 5.02 -30.34
N GLU A 269 -10.40 4.72 -29.97
CA GLU A 269 -10.07 3.47 -29.29
C GLU A 269 -9.98 3.76 -27.80
N GLY A 270 -10.85 3.11 -27.02
CA GLY A 270 -10.86 3.31 -25.59
C GLY A 270 -10.64 2.03 -24.83
N ASP A 271 -10.25 2.13 -23.57
CA ASP A 271 -9.99 0.93 -22.77
C ASP A 271 -10.53 1.00 -21.34
N CYS A 272 -10.93 2.17 -20.86
CA CYS A 272 -11.40 2.35 -19.48
C CYS A 272 -12.69 3.16 -19.51
N TYR A 273 -13.80 2.50 -19.18
CA TYR A 273 -15.11 3.10 -19.29
C TYR A 273 -15.74 3.29 -17.92
N TYR A 274 -16.65 4.26 -17.84
CA TYR A 274 -17.51 4.43 -16.69
C TYR A 274 -18.86 4.92 -17.20
N SER A 275 -19.74 5.32 -16.29
CA SER A 275 -21.12 5.65 -16.66
C SER A 275 -21.25 6.98 -17.38
N GLY A 276 -20.18 7.74 -17.56
CA GLY A 276 -20.28 9.01 -18.23
C GLY A 276 -19.32 9.19 -19.38
N GLY A 277 -18.62 8.14 -19.76
CA GLY A 277 -17.75 8.23 -20.90
C GLY A 277 -16.56 7.29 -20.80
N THR A 278 -15.41 7.78 -21.24
CA THR A 278 -14.19 6.99 -21.38
C THR A 278 -13.01 7.82 -20.91
N ILE A 279 -12.10 7.20 -20.17
CA ILE A 279 -10.89 7.86 -19.69
C ILE A 279 -9.74 7.44 -20.58
N ILE A 280 -9.20 8.40 -21.34
CA ILE A 280 -8.06 8.17 -22.22
C ILE A 280 -6.96 9.14 -21.80
N SER A 281 -5.93 8.64 -21.13
CA SER A 281 -4.84 9.49 -20.65
C SER A 281 -3.63 8.63 -20.36
N ASN A 282 -2.48 9.29 -20.30
CA ASN A 282 -1.24 8.67 -19.85
C ASN A 282 -0.96 8.92 -18.38
N LEU A 283 -1.80 9.69 -17.70
CA LEU A 283 -1.61 9.95 -16.29
C LEU A 283 -1.91 8.68 -15.48
N PRO A 284 -1.17 8.43 -14.39
CA PRO A 284 -1.37 7.18 -13.65
C PRO A 284 -2.50 7.21 -12.63
N PHE A 285 -3.04 8.38 -12.32
CA PHE A 285 -4.08 8.51 -11.32
C PHE A 285 -5.25 9.27 -11.93
N GLN A 286 -6.46 8.95 -11.46
CA GLN A 286 -7.65 9.65 -11.92
C GLN A 286 -8.60 9.86 -10.76
N ASN A 287 -9.47 10.86 -10.90
CA ASN A 287 -10.42 11.25 -9.88
C ASN A 287 -11.78 11.51 -10.51
N ILE A 288 -12.22 10.60 -11.37
CA ILE A 288 -13.49 10.74 -12.09
C ILE A 288 -14.56 9.82 -11.52
N ASP A 289 -14.30 8.52 -11.53
CA ASP A 289 -15.26 7.56 -10.99
C ASP A 289 -14.54 6.44 -10.25
N SER A 290 -15.10 6.06 -9.10
CA SER A 290 -14.59 4.90 -8.37
C SER A 290 -14.84 3.61 -9.13
N ARG A 291 -15.98 3.52 -9.82
CA ARG A 291 -16.45 2.29 -10.44
C ARG A 291 -16.14 2.22 -11.93
N ALA A 292 -15.01 2.79 -12.35
CA ALA A 292 -14.58 2.65 -13.73
C ALA A 292 -14.02 1.27 -13.95
N VAL A 293 -14.39 0.66 -15.07
CA VAL A 293 -14.04 -0.73 -15.35
C VAL A 293 -13.18 -0.80 -16.61
N GLY A 294 -12.51 -1.93 -16.76
CA GLY A 294 -11.56 -2.11 -17.84
C GLY A 294 -10.13 -2.04 -17.34
N LYS A 295 -9.22 -1.50 -18.15
CA LYS A 295 -7.83 -1.28 -17.74
C LYS A 295 -7.69 0.21 -17.46
N CYS A 296 -7.88 0.58 -16.20
CA CYS A 296 -8.08 1.96 -15.79
C CYS A 296 -6.90 2.50 -15.01
N PRO A 297 -6.74 3.82 -14.94
CA PRO A 297 -5.83 4.40 -13.96
C PRO A 297 -6.38 4.23 -12.55
N ARG A 298 -5.50 4.31 -11.57
CA ARG A 298 -5.90 4.09 -10.18
C ARG A 298 -6.71 5.28 -9.67
N TYR A 299 -7.85 4.99 -9.07
CA TYR A 299 -8.69 6.05 -8.52
C TYR A 299 -8.11 6.54 -7.20
N VAL A 300 -7.94 7.86 -7.10
CA VAL A 300 -7.48 8.51 -5.88
C VAL A 300 -8.57 9.45 -5.42
N LYS A 301 -8.48 9.90 -4.17
CA LYS A 301 -9.46 10.83 -3.65
C LYS A 301 -9.03 12.28 -3.78
N GLN A 302 -7.75 12.54 -4.05
CA GLN A 302 -7.29 13.89 -4.33
C GLN A 302 -7.64 14.27 -5.75
N ARG A 303 -7.76 15.58 -5.98
CA ARG A 303 -8.07 16.08 -7.31
C ARG A 303 -6.90 16.81 -7.96
N SER A 304 -5.80 17.01 -7.24
CA SER A 304 -4.60 17.60 -7.80
C SER A 304 -3.39 17.04 -7.06
N LEU A 305 -2.42 16.54 -7.82
CA LEU A 305 -1.15 16.08 -7.26
C LEU A 305 -0.08 16.48 -8.26
N LEU A 306 0.63 17.57 -7.97
CA LEU A 306 1.58 18.15 -8.91
C LEU A 306 2.95 17.50 -8.76
N LEU A 307 3.50 17.04 -9.86
CA LEU A 307 4.80 16.40 -9.91
C LEU A 307 5.82 17.35 -10.51
N ALA A 308 6.92 17.57 -9.80
CA ALA A 308 7.93 18.50 -10.27
C ALA A 308 8.73 17.89 -11.42
N THR A 309 8.79 18.61 -12.53
CA THR A 309 9.59 18.22 -13.68
C THR A 309 10.83 19.10 -13.83
N GLY A 310 10.97 20.13 -13.01
CA GLY A 310 12.15 20.97 -13.06
C GLY A 310 12.88 21.07 -11.73
N MET A 311 13.80 22.01 -11.61
CA MET A 311 14.55 22.22 -10.39
C MET A 311 13.78 23.18 -9.48
N LYS A 312 14.34 23.44 -8.30
CA LYS A 312 13.77 24.43 -7.40
C LYS A 312 14.06 25.83 -7.93
N ASN A 313 13.05 26.70 -7.89
CA ASN A 313 13.15 28.04 -8.46
C ASN A 313 13.68 29.02 -7.43
N VAL A 314 14.83 29.60 -7.69
CA VAL A 314 15.39 30.69 -6.91
C VAL A 314 15.56 31.90 -7.83
N PRO A 315 14.67 32.88 -7.74
CA PRO A 315 14.72 34.02 -8.68
C PRO A 315 15.85 34.97 -8.34
N GLU A 316 16.10 35.89 -9.28
CA GLU A 316 17.17 36.88 -9.13
C GLU A 316 16.81 37.94 -8.11
N GLY B 4 28.44 45.83 -13.28
CA GLY B 4 28.69 45.55 -11.88
C GLY B 4 29.39 44.22 -11.65
N ALA B 5 29.00 43.52 -10.59
CA ALA B 5 29.59 42.24 -10.23
C ALA B 5 28.61 41.11 -10.54
N ILE B 6 29.16 39.92 -10.71
CA ILE B 6 28.38 38.73 -11.05
C ILE B 6 28.51 37.72 -9.93
N ALA B 7 27.43 36.98 -9.70
CA ALA B 7 27.35 35.96 -8.67
C ALA B 7 26.90 34.63 -9.28
N GLY B 8 27.10 33.56 -8.53
CA GLY B 8 26.80 32.24 -9.05
C GLY B 8 25.61 31.55 -8.42
N PHE B 9 25.64 30.22 -8.38
CA PHE B 9 24.47 29.44 -7.98
C PHE B 9 24.21 29.43 -6.49
N ILE B 10 25.20 29.84 -5.67
CA ILE B 10 25.02 29.83 -4.23
C ILE B 10 24.04 30.93 -3.82
N GLU B 11 24.14 32.10 -4.46
CA GLU B 11 23.26 33.21 -4.10
C GLU B 11 21.90 33.08 -4.77
N ASN B 12 21.86 33.01 -6.10
CA ASN B 12 20.60 33.02 -6.83
C ASN B 12 20.77 32.30 -8.16
N GLY B 13 19.70 32.24 -8.93
CA GLY B 13 19.69 31.62 -10.24
C GLY B 13 19.43 32.66 -11.32
N TRP B 14 20.05 32.46 -12.48
CA TRP B 14 20.00 33.45 -13.55
C TRP B 14 18.74 33.29 -14.38
N GLU B 15 18.04 34.41 -14.61
CA GLU B 15 16.87 34.40 -15.47
C GLU B 15 17.20 34.70 -16.93
N GLY B 16 18.49 34.84 -17.25
CA GLY B 16 18.93 35.03 -18.62
C GLY B 16 19.44 33.78 -19.29
N LEU B 17 19.38 32.63 -18.62
CA LEU B 17 19.78 31.36 -19.19
C LEU B 17 18.53 30.68 -19.74
N ILE B 18 18.43 30.58 -21.06
CA ILE B 18 17.22 30.10 -21.70
C ILE B 18 17.44 28.87 -22.57
N ASP B 19 18.68 28.55 -22.95
CA ASP B 19 18.96 27.39 -23.79
C ASP B 19 19.52 26.22 -22.99
N GLY B 20 19.57 26.33 -21.67
CA GLY B 20 20.07 25.25 -20.85
C GLY B 20 19.72 25.49 -19.41
N TRP B 21 19.96 24.46 -18.59
CA TRP B 21 19.69 24.54 -17.17
C TRP B 21 20.87 25.13 -16.41
N TYR B 22 22.08 24.66 -16.70
CA TYR B 22 23.29 25.15 -16.06
C TYR B 22 24.18 25.83 -17.09
N GLY B 23 24.95 26.81 -16.66
CA GLY B 23 25.78 27.54 -17.58
C GLY B 23 26.89 28.29 -16.87
N PHE B 24 27.66 29.01 -17.67
CA PHE B 24 28.79 29.79 -17.19
C PHE B 24 28.55 31.27 -17.41
N ARG B 25 29.37 32.09 -16.76
CA ARG B 25 29.32 33.54 -16.92
C ARG B 25 30.68 34.08 -16.53
N HIS B 26 31.42 34.59 -17.50
CA HIS B 26 32.78 35.06 -17.28
C HIS B 26 32.82 36.58 -17.35
N GLN B 27 33.95 37.12 -16.89
CA GLN B 27 34.15 38.57 -16.87
C GLN B 27 35.64 38.82 -16.96
N ASN B 28 36.10 39.37 -18.08
CA ASN B 28 37.51 39.64 -18.31
C ASN B 28 37.63 40.99 -18.99
N ALA B 29 38.81 41.27 -19.56
CA ALA B 29 39.07 42.58 -20.15
C ALA B 29 38.27 42.81 -21.43
N GLN B 30 37.93 41.73 -22.15
CA GLN B 30 37.16 41.88 -23.38
C GLN B 30 35.68 42.19 -23.11
N GLY B 31 35.19 41.87 -21.92
CA GLY B 31 33.82 42.14 -21.54
C GLY B 31 33.21 40.97 -20.82
N GLU B 32 31.88 40.92 -20.82
CA GLU B 32 31.14 39.84 -20.19
C GLU B 32 30.77 38.77 -21.21
N GLY B 33 30.08 37.74 -20.75
CA GLY B 33 29.66 36.65 -21.61
C GLY B 33 28.84 35.63 -20.86
N THR B 34 27.94 34.93 -21.56
CA THR B 34 27.09 33.93 -20.93
C THR B 34 26.92 32.77 -21.90
N ALA B 35 27.23 31.56 -21.42
CA ALA B 35 27.05 30.35 -22.20
C ALA B 35 26.27 29.33 -21.39
N ALA B 36 25.82 28.27 -22.05
CA ALA B 36 25.10 27.18 -21.42
C ALA B 36 25.93 25.90 -21.47
N ASP B 37 25.60 24.98 -20.58
CA ASP B 37 26.28 23.69 -20.48
C ASP B 37 25.32 22.61 -20.96
N TYR B 38 25.63 22.01 -22.11
CA TYR B 38 24.74 21.03 -22.72
C TYR B 38 24.90 19.64 -22.12
N LYS B 39 26.05 19.32 -21.54
CA LYS B 39 26.27 17.98 -21.03
C LYS B 39 25.67 17.79 -19.64
N SER B 40 25.57 18.86 -18.85
CA SER B 40 24.95 18.79 -17.54
C SER B 40 23.45 19.01 -17.59
N THR B 41 22.96 19.76 -18.58
CA THR B 41 21.53 19.92 -18.77
C THR B 41 20.90 18.61 -19.26
N GLN B 42 21.56 17.95 -20.22
CA GLN B 42 21.04 16.70 -20.77
C GLN B 42 21.09 15.58 -19.73
N SER B 43 22.07 15.61 -18.83
CA SER B 43 22.17 14.59 -17.80
C SER B 43 21.08 14.75 -16.74
N ALA B 44 20.65 15.99 -16.49
CA ALA B 44 19.57 16.22 -15.54
C ALA B 44 18.21 15.86 -16.11
N ILE B 45 18.00 16.13 -17.40
CA ILE B 45 16.72 15.84 -18.04
C ILE B 45 16.58 14.35 -18.33
N ASP B 46 17.69 13.64 -18.57
CA ASP B 46 17.64 12.20 -18.82
C ASP B 46 17.26 11.41 -17.57
N GLN B 47 17.42 11.99 -16.38
CA GLN B 47 17.00 11.32 -15.15
C GLN B 47 15.57 11.66 -14.76
N ILE B 48 14.99 12.70 -15.31
CA ILE B 48 13.64 13.10 -14.97
C ILE B 48 12.61 12.48 -15.91
N THR B 49 12.92 12.40 -17.20
CA THR B 49 12.04 11.68 -18.12
C THR B 49 12.17 10.17 -17.93
N GLY B 50 13.32 9.70 -17.46
CA GLY B 50 13.41 8.32 -17.03
C GLY B 50 12.63 8.04 -15.77
N LYS B 51 12.55 9.04 -14.89
CA LYS B 51 11.67 8.97 -13.73
C LYS B 51 10.21 9.04 -14.15
N LEU B 52 9.90 9.84 -15.18
CA LEU B 52 8.54 9.98 -15.67
C LEU B 52 8.11 8.81 -16.56
N ASN B 53 9.07 8.08 -17.14
CA ASN B 53 8.73 6.88 -17.89
C ASN B 53 8.26 5.75 -17.00
N ARG B 54 8.60 5.79 -15.71
CA ARG B 54 8.15 4.80 -14.75
C ARG B 54 6.68 4.95 -14.39
N LEU B 55 6.08 6.10 -14.66
CA LEU B 55 4.72 6.41 -14.22
C LEU B 55 3.68 6.33 -15.32
N ILE B 56 4.07 6.24 -16.59
CA ILE B 56 3.13 6.20 -17.70
C ILE B 56 2.92 4.78 -18.21
N GLU B 57 3.27 3.77 -17.42
CA GLU B 57 3.05 2.37 -17.82
C GLU B 57 1.82 1.84 -17.10
N LYS B 58 0.83 1.44 -17.90
CA LYS B 58 -0.50 1.12 -17.39
C LYS B 58 -0.60 -0.36 -17.07
N THR B 59 -1.44 -0.67 -16.07
CA THR B 59 -1.66 -2.03 -15.63
C THR B 59 -2.35 -2.87 -16.71
N ASN B 60 -2.19 -4.19 -16.59
CA ASN B 60 -2.84 -5.13 -17.48
C ASN B 60 -3.93 -5.93 -16.78
N GLN B 61 -4.30 -5.54 -15.56
CA GLN B 61 -5.33 -6.23 -14.79
C GLN B 61 -6.68 -5.60 -15.10
N GLN B 62 -7.59 -6.41 -15.62
CA GLN B 62 -8.92 -5.94 -15.99
C GLN B 62 -9.88 -6.13 -14.82
N PHE B 63 -10.49 -5.04 -14.39
CA PHE B 63 -11.49 -5.05 -13.33
C PHE B 63 -12.87 -4.92 -13.94
N GLU B 64 -13.78 -5.80 -13.54
CA GLU B 64 -15.13 -5.83 -14.08
C GLU B 64 -16.13 -5.33 -13.03
N LEU B 65 -17.41 -5.40 -13.37
CA LEU B 65 -18.47 -4.79 -12.58
C LEU B 65 -19.06 -5.80 -11.61
N ILE B 66 -19.15 -5.41 -10.34
CA ILE B 66 -19.80 -6.24 -9.32
C ILE B 66 -21.00 -5.56 -8.68
N ASP B 67 -21.11 -4.23 -8.75
CA ASP B 67 -22.30 -3.54 -8.31
C ASP B 67 -23.26 -3.38 -9.49
N ASN B 68 -24.30 -2.57 -9.30
CA ASN B 68 -25.26 -2.27 -10.35
C ASN B 68 -25.84 -0.89 -10.05
N GLU B 69 -25.68 0.02 -10.99
CA GLU B 69 -26.12 1.40 -10.79
C GLU B 69 -27.63 1.57 -10.93
N PHE B 70 -28.30 0.64 -11.60
CA PHE B 70 -29.74 0.76 -11.86
C PHE B 70 -30.57 -0.01 -10.84
N THR B 71 -30.32 -1.31 -10.68
CA THR B 71 -31.03 -2.16 -9.74
C THR B 71 -30.08 -2.52 -8.62
N GLU B 72 -30.31 -1.97 -7.44
CA GLU B 72 -29.35 -2.05 -6.35
C GLU B 72 -29.25 -3.48 -5.80
N VAL B 73 -28.03 -3.86 -5.40
CA VAL B 73 -27.72 -5.17 -4.86
C VAL B 73 -28.29 -5.33 -3.45
N GLU B 74 -28.21 -6.54 -2.91
CA GLU B 74 -28.65 -6.81 -1.55
C GLU B 74 -27.79 -6.03 -0.56
N LYS B 75 -28.40 -5.65 0.57
CA LYS B 75 -27.84 -4.62 1.43
C LYS B 75 -26.60 -5.09 2.19
N GLN B 76 -26.56 -6.37 2.58
CA GLN B 76 -25.39 -6.84 3.31
C GLN B 76 -24.21 -7.08 2.39
N ILE B 77 -24.47 -7.49 1.15
CA ILE B 77 -23.40 -7.56 0.16
C ILE B 77 -23.15 -6.20 -0.48
N GLY B 78 -24.08 -5.25 -0.35
CA GLY B 78 -23.83 -3.90 -0.82
C GLY B 78 -23.02 -3.07 0.15
N ASN B 79 -22.82 -3.56 1.36
CA ASN B 79 -21.99 -2.86 2.34
C ASN B 79 -20.60 -3.45 2.45
N VAL B 80 -20.44 -4.73 2.10
CA VAL B 80 -19.11 -5.34 2.08
C VAL B 80 -18.33 -4.83 0.86
N ILE B 81 -19.01 -4.66 -0.27
CA ILE B 81 -18.39 -4.07 -1.44
C ILE B 81 -18.04 -2.60 -1.19
N ASN B 82 -18.91 -1.88 -0.50
CA ASN B 82 -18.67 -0.46 -0.24
C ASN B 82 -17.58 -0.26 0.81
N TRP B 83 -17.48 -1.17 1.80
CA TRP B 83 -16.42 -1.06 2.78
C TRP B 83 -15.06 -1.45 2.21
N THR B 84 -15.04 -2.43 1.29
CA THR B 84 -13.79 -2.87 0.69
C THR B 84 -13.25 -1.83 -0.28
N ARG B 85 -14.13 -1.19 -1.05
CA ARG B 85 -13.69 -0.21 -2.04
C ARG B 85 -13.18 1.07 -1.38
N ASP B 86 -13.74 1.46 -0.23
CA ASP B 86 -13.19 2.60 0.47
C ASP B 86 -11.89 2.28 1.17
N SER B 87 -11.66 1.02 1.55
CA SER B 87 -10.39 0.63 2.15
C SER B 87 -9.25 0.71 1.13
N ILE B 88 -9.47 0.16 -0.06
CA ILE B 88 -8.48 0.20 -1.14
C ILE B 88 -8.26 1.64 -1.63
N THR B 89 -9.30 2.47 -1.61
CA THR B 89 -9.16 3.87 -2.03
C THR B 89 -8.27 4.66 -1.09
N GLU B 90 -8.30 4.33 0.21
CA GLU B 90 -7.37 4.95 1.15
C GLU B 90 -5.92 4.56 0.86
N VAL B 91 -5.71 3.35 0.34
CA VAL B 91 -4.35 2.88 0.06
C VAL B 91 -3.79 3.59 -1.17
N TRP B 92 -4.59 3.72 -2.23
CA TRP B 92 -4.10 4.36 -3.44
C TRP B 92 -4.09 5.88 -3.35
N SER B 93 -4.82 6.46 -2.40
CA SER B 93 -4.70 7.89 -2.16
C SER B 93 -3.51 8.21 -1.27
N TYR B 94 -3.12 7.26 -0.42
CA TYR B 94 -1.91 7.43 0.39
C TYR B 94 -0.67 7.20 -0.45
N ASN B 95 -0.68 6.18 -1.30
CA ASN B 95 0.49 5.85 -2.11
C ASN B 95 0.74 6.88 -3.20
N ALA B 96 -0.31 7.49 -3.74
CA ALA B 96 -0.13 8.55 -4.73
C ALA B 96 0.46 9.80 -4.10
N GLU B 97 -0.07 10.20 -2.94
CA GLU B 97 0.43 11.40 -2.26
C GLU B 97 1.81 11.17 -1.67
N LEU B 98 2.15 9.93 -1.33
CA LEU B 98 3.49 9.65 -0.84
C LEU B 98 4.51 9.62 -1.97
N LEU B 99 4.15 9.02 -3.10
CA LEU B 99 5.09 8.89 -4.22
C LEU B 99 5.40 10.24 -4.86
N VAL B 100 4.38 11.08 -5.03
CA VAL B 100 4.58 12.40 -5.63
C VAL B 100 5.43 13.29 -4.72
N ALA B 101 5.16 13.25 -3.41
CA ALA B 101 5.95 14.03 -2.47
C ALA B 101 7.37 13.50 -2.32
N MET B 102 7.57 12.19 -2.52
CA MET B 102 8.92 11.63 -2.43
C MET B 102 9.74 11.91 -3.68
N GLU B 103 9.11 11.83 -4.86
CA GLU B 103 9.82 12.12 -6.09
C GLU B 103 9.98 13.61 -6.35
N ASN B 104 9.31 14.47 -5.57
CA ASN B 104 9.63 15.89 -5.62
C ASN B 104 10.88 16.20 -4.81
N GLN B 105 11.13 15.44 -3.75
CA GLN B 105 12.39 15.56 -3.02
C GLN B 105 13.55 15.04 -3.84
N HIS B 106 13.32 14.02 -4.67
CA HIS B 106 14.39 13.45 -5.47
C HIS B 106 14.69 14.28 -6.71
N THR B 107 13.66 14.90 -7.31
CA THR B 107 13.85 15.75 -8.48
C THR B 107 14.64 17.01 -8.11
N ILE B 108 14.25 17.65 -7.00
CA ILE B 108 14.93 18.85 -6.52
C ILE B 108 16.39 18.54 -6.16
N ASP B 109 16.62 17.39 -5.53
CA ASP B 109 17.98 17.05 -5.09
C ASP B 109 18.88 16.55 -6.23
N LEU B 110 18.32 15.95 -7.28
CA LEU B 110 19.19 15.52 -8.38
C LEU B 110 19.63 16.69 -9.24
N ALA B 111 18.77 17.69 -9.43
CA ALA B 111 19.16 18.89 -10.15
C ALA B 111 20.07 19.80 -9.31
N ASP B 112 20.05 19.64 -7.98
CA ASP B 112 20.98 20.38 -7.13
C ASP B 112 22.34 19.70 -7.03
N SER B 113 22.43 18.42 -7.38
CA SER B 113 23.72 17.74 -7.36
C SER B 113 24.40 17.77 -8.72
N GLU B 114 23.65 18.08 -9.77
CA GLU B 114 24.28 18.30 -11.08
C GLU B 114 24.99 19.65 -11.12
N MET B 115 24.46 20.65 -10.43
CA MET B 115 25.16 21.92 -10.30
C MET B 115 26.38 21.79 -9.41
N ASP B 116 26.31 20.91 -8.40
CA ASP B 116 27.50 20.64 -7.58
C ASP B 116 28.56 19.89 -8.34
N LYS B 117 28.16 18.93 -9.19
CA LYS B 117 29.12 18.15 -9.97
C LYS B 117 29.81 18.99 -11.03
N LEU B 118 29.12 20.01 -11.55
CA LEU B 118 29.75 20.95 -12.45
C LEU B 118 30.72 21.87 -11.72
N TYR B 119 30.53 22.05 -10.42
CA TYR B 119 31.37 22.95 -9.65
C TYR B 119 32.71 22.33 -9.27
N GLU B 120 32.75 21.06 -8.87
CA GLU B 120 34.03 20.43 -8.59
C GLU B 120 34.72 19.93 -9.86
N ARG B 121 34.05 19.96 -11.01
CA ARG B 121 34.74 19.65 -12.26
C ARG B 121 35.61 20.81 -12.69
N VAL B 122 35.11 22.04 -12.56
CA VAL B 122 35.89 23.22 -12.88
C VAL B 122 36.95 23.46 -11.80
N LYS B 123 36.63 23.13 -10.54
CA LYS B 123 37.55 23.33 -9.43
C LYS B 123 38.80 22.48 -9.54
N ARG B 124 38.68 21.25 -10.06
CA ARG B 124 39.85 20.42 -10.27
C ARG B 124 40.54 20.70 -11.60
N GLN B 125 39.92 21.46 -12.49
CA GLN B 125 40.61 21.95 -13.67
C GLN B 125 41.56 23.08 -13.32
N LEU B 126 41.01 24.16 -12.73
CA LEU B 126 41.81 25.25 -12.19
C LEU B 126 42.39 24.79 -10.86
N ARG B 127 43.55 24.13 -10.94
CA ARG B 127 44.10 23.47 -9.77
C ARG B 127 44.65 24.47 -8.77
N GLU B 128 45.64 25.27 -9.18
CA GLU B 128 46.22 26.29 -8.32
C GLU B 128 46.17 27.66 -8.95
N ASN B 129 45.44 27.84 -10.05
CA ASN B 129 45.37 29.10 -10.76
C ASN B 129 44.14 29.92 -10.41
N ALA B 130 43.26 29.41 -9.55
CA ALA B 130 42.04 30.13 -9.22
C ALA B 130 41.64 29.83 -7.79
N GLU B 131 40.89 30.77 -7.21
CA GLU B 131 40.39 30.66 -5.85
C GLU B 131 38.88 30.83 -5.84
N GLU B 132 38.22 30.14 -4.92
CA GLU B 132 36.77 30.22 -4.82
C GLU B 132 36.35 31.51 -4.14
N ASP B 133 35.36 32.17 -4.74
CA ASP B 133 34.86 33.43 -4.19
C ASP B 133 33.96 33.19 -2.97
N GLY B 134 33.12 32.17 -3.04
CA GLY B 134 32.13 31.89 -2.01
C GLY B 134 30.70 32.01 -2.47
N THR B 135 30.46 32.58 -3.65
CA THR B 135 29.13 32.70 -4.22
C THR B 135 28.89 31.77 -5.38
N GLY B 136 29.87 30.94 -5.73
CA GLY B 136 29.78 30.08 -6.90
C GLY B 136 30.66 30.49 -8.05
N CYS B 137 31.67 31.33 -7.82
CA CYS B 137 32.55 31.83 -8.85
C CYS B 137 34.00 31.53 -8.47
N PHE B 138 34.87 31.54 -9.49
CA PHE B 138 36.29 31.30 -9.33
C PHE B 138 37.06 32.55 -9.72
N GLU B 139 37.97 32.98 -8.86
CA GLU B 139 38.80 34.16 -9.10
C GLU B 139 40.09 33.70 -9.77
N ILE B 140 40.14 33.79 -11.10
CA ILE B 140 41.32 33.37 -11.85
C ILE B 140 42.42 34.40 -11.67
N PHE B 141 43.63 33.92 -11.34
CA PHE B 141 44.76 34.79 -11.05
C PHE B 141 45.73 34.94 -12.22
N HIS B 142 45.25 34.76 -13.44
CA HIS B 142 46.04 35.03 -14.64
C HIS B 142 45.14 35.64 -15.70
N LYS B 143 45.75 36.23 -16.72
CA LYS B 143 45.03 36.90 -17.79
C LYS B 143 44.42 35.83 -18.71
N CYS B 144 43.15 35.51 -18.47
CA CYS B 144 42.44 34.48 -19.20
C CYS B 144 41.49 35.16 -20.18
N ASP B 145 41.80 35.08 -21.47
CA ASP B 145 41.02 35.78 -22.50
C ASP B 145 39.84 34.91 -22.94
N ASP B 146 39.21 35.29 -24.05
CA ASP B 146 37.92 34.70 -24.44
C ASP B 146 38.04 33.28 -24.97
N ASP B 147 39.21 32.87 -25.45
CA ASP B 147 39.43 31.47 -25.80
C ASP B 147 40.02 30.67 -24.65
N CYS B 148 40.67 31.33 -23.70
CA CYS B 148 41.00 30.69 -22.43
C CYS B 148 39.73 30.34 -21.65
N MET B 149 38.77 31.26 -21.59
CA MET B 149 37.50 31.00 -20.92
C MET B 149 36.70 29.93 -21.62
N ALA B 150 36.90 29.75 -22.93
CA ALA B 150 36.27 28.65 -23.64
C ALA B 150 36.90 27.31 -23.27
N SER B 151 38.17 27.31 -22.85
CA SER B 151 38.86 26.07 -22.51
C SER B 151 38.41 25.49 -21.18
N ILE B 152 37.97 26.32 -20.22
CA ILE B 152 37.35 25.78 -19.01
C ILE B 152 35.98 25.18 -19.35
N ARG B 153 35.27 25.79 -20.31
CA ARG B 153 33.91 25.37 -20.64
C ARG B 153 33.89 23.99 -21.30
N ASN B 154 34.88 23.67 -22.13
CA ASN B 154 34.85 22.44 -22.91
C ASN B 154 35.91 21.43 -22.45
N ASN B 155 36.39 21.57 -21.21
CA ASN B 155 37.23 20.58 -20.52
C ASN B 155 38.58 20.38 -21.21
N THR B 156 39.14 21.45 -21.76
CA THR B 156 40.44 21.41 -22.41
C THR B 156 41.46 22.31 -21.72
N TYR B 157 41.22 22.68 -20.47
CA TYR B 157 42.12 23.56 -19.74
C TYR B 157 43.36 22.79 -19.30
N ASP B 158 44.53 23.41 -19.45
CA ASP B 158 45.79 22.87 -18.98
C ASP B 158 46.33 23.85 -17.95
N HIS B 159 46.40 23.41 -16.68
CA HIS B 159 46.81 24.30 -15.60
C HIS B 159 48.30 24.58 -15.60
N SER B 160 49.12 23.71 -16.20
CA SER B 160 50.56 23.91 -16.18
C SER B 160 51.02 24.98 -17.18
N LYS B 161 50.16 25.40 -18.09
CA LYS B 161 50.51 26.49 -19.00
C LYS B 161 50.55 27.82 -18.27
N TYR B 162 49.70 28.00 -17.25
CA TYR B 162 49.61 29.26 -16.51
C TYR B 162 50.04 29.10 -15.06
N ARG B 163 50.72 28.00 -14.70
CA ARG B 163 50.99 27.73 -13.30
C ARG B 163 52.07 28.64 -12.73
N GLU B 164 53.09 28.96 -13.51
CA GLU B 164 54.16 29.83 -13.01
C GLU B 164 53.72 31.28 -12.96
N GLU B 165 52.74 31.66 -13.78
CA GLU B 165 52.22 33.02 -13.80
C GLU B 165 51.20 33.26 -12.69
N ALA B 166 50.26 32.34 -12.50
CA ALA B 166 49.22 32.50 -11.51
C ALA B 166 49.70 32.24 -10.08
N MET B 167 50.88 31.66 -9.91
CA MET B 167 51.40 31.46 -8.56
C MET B 167 52.17 32.69 -8.08
N GLN B 168 52.70 33.50 -9.00
CA GLN B 168 53.31 34.77 -8.61
C GLN B 168 52.26 35.75 -8.11
N ASN B 169 51.03 35.65 -8.63
CA ASN B 169 49.96 36.58 -8.26
C ASN B 169 49.26 36.19 -6.98
N ARG B 170 49.47 34.98 -6.46
CA ARG B 170 48.76 34.50 -5.29
C ARG B 170 49.56 34.62 -4.00
N ILE B 171 50.77 34.06 -3.98
CA ILE B 171 51.55 34.03 -2.74
C ILE B 171 52.40 35.28 -2.53
N GLN B 172 52.71 36.02 -3.58
CA GLN B 172 53.63 37.16 -3.48
C GLN B 172 52.91 38.50 -3.61
N ILE B 173 52.13 38.69 -4.65
CA ILE B 173 51.43 39.96 -4.86
C ILE B 173 50.20 40.03 -3.97
N ASP C 1 1.16 -1.48 -27.49
CA ASP C 1 0.80 -1.75 -28.87
C ASP C 1 0.13 -0.53 -29.52
N ILE C 2 0.93 0.49 -29.81
CA ILE C 2 0.45 1.69 -30.46
C ILE C 2 0.49 1.48 -31.97
N VAL C 3 -0.64 1.70 -32.63
CA VAL C 3 -0.78 1.48 -34.07
C VAL C 3 -1.01 2.81 -34.74
N MET C 4 -0.13 3.16 -35.68
CA MET C 4 -0.22 4.42 -36.41
C MET C 4 -0.99 4.19 -37.71
N THR C 5 -1.98 5.03 -37.96
CA THR C 5 -2.80 4.96 -39.16
C THR C 5 -2.70 6.29 -39.90
N GLN C 6 -2.16 6.25 -41.11
CA GLN C 6 -1.97 7.45 -41.92
C GLN C 6 -3.07 7.57 -42.96
N SER C 7 -3.19 8.78 -43.51
CA SER C 7 -4.20 9.13 -44.49
C SER C 7 -3.72 10.36 -45.24
N PRO C 8 -4.11 10.54 -46.52
CA PRO C 8 -5.05 9.81 -47.37
C PRO C 8 -4.42 8.71 -48.22
N LEU C 9 -3.23 8.23 -47.82
CA LEU C 9 -2.51 7.06 -48.35
C LEU C 9 -1.88 7.34 -49.73
N SER C 10 -2.24 8.47 -50.35
CA SER C 10 -1.70 9.01 -51.59
C SER C 10 -2.25 10.43 -51.72
N LEU C 11 -1.48 11.32 -52.35
CA LEU C 11 -1.90 12.71 -52.46
C LEU C 11 -1.24 13.32 -53.69
N SER C 12 -2.00 13.44 -54.77
CA SER C 12 -1.54 14.17 -55.96
C SER C 12 -1.70 15.66 -55.70
N VAL C 13 -0.61 16.41 -55.80
CA VAL C 13 -0.59 17.81 -55.43
C VAL C 13 -0.23 18.66 -56.65
N THR C 14 -0.50 19.96 -56.52
CA THR C 14 -0.18 20.98 -57.50
C THR C 14 0.87 21.92 -56.93
N PRO C 15 1.93 22.23 -57.68
CA PRO C 15 2.98 23.10 -57.15
C PRO C 15 2.52 24.55 -56.95
N GLY C 16 1.89 24.80 -55.81
CA GLY C 16 1.36 26.12 -55.51
C GLY C 16 0.07 26.07 -54.72
N GLU C 17 -0.45 24.86 -54.49
CA GLU C 17 -1.61 24.63 -53.65
C GLU C 17 -1.19 23.82 -52.42
N PRO C 18 -1.70 24.16 -51.24
CA PRO C 18 -1.26 23.48 -50.01
C PRO C 18 -1.71 22.03 -49.95
N ALA C 19 -1.04 21.29 -49.07
CA ALA C 19 -1.34 19.89 -48.84
C ALA C 19 -1.38 19.62 -47.34
N SER C 20 -1.94 18.47 -46.98
CA SER C 20 -2.11 18.13 -45.58
C SER C 20 -2.15 16.61 -45.43
N ILE C 21 -1.29 16.08 -44.57
CA ILE C 21 -1.20 14.65 -44.29
C ILE C 21 -1.51 14.43 -42.82
N SER C 22 -2.45 13.54 -42.53
CA SER C 22 -2.85 13.27 -41.16
C SER C 22 -2.44 11.86 -40.76
N CYS C 23 -2.09 11.72 -39.49
CA CYS C 23 -1.66 10.43 -38.93
C CYS C 23 -2.19 10.34 -37.51
N ARG C 24 -3.19 9.48 -37.31
CA ARG C 24 -3.85 9.35 -36.02
C ARG C 24 -3.35 8.11 -35.29
N SER C 25 -3.15 8.24 -33.99
CA SER C 25 -2.59 7.21 -33.14
C SER C 25 -3.69 6.37 -32.49
N SER C 26 -3.30 5.20 -31.98
CA SER C 26 -4.22 4.37 -31.23
C SER C 26 -4.30 4.80 -29.78
N HIS C 27 -3.16 4.96 -29.13
CA HIS C 27 -3.07 5.46 -27.77
C HIS C 27 -2.56 6.89 -27.78
N SER C 28 -2.68 7.55 -26.62
CA SER C 28 -2.23 8.92 -26.49
C SER C 28 -0.71 9.00 -26.51
N LEU C 29 -0.19 9.94 -27.30
CA LEU C 29 1.24 10.16 -27.43
C LEU C 29 1.75 11.30 -26.55
N LEU C 30 0.97 11.75 -25.57
CA LEU C 30 1.36 12.89 -24.76
C LEU C 30 2.01 12.42 -23.47
N HIS C 31 3.30 12.70 -23.32
CA HIS C 31 4.08 12.33 -22.16
C HIS C 31 3.71 13.19 -20.95
N LEU C 32 4.27 12.83 -19.79
CA LEU C 32 4.04 13.62 -18.58
C LEU C 32 4.76 14.96 -18.63
N ASN C 33 5.82 15.10 -19.42
CA ASN C 33 6.52 16.37 -19.54
C ASN C 33 5.84 17.35 -20.49
N GLY C 34 4.70 16.98 -21.07
CA GLY C 34 3.93 17.91 -21.87
C GLY C 34 4.28 17.96 -23.34
N TYR C 35 4.93 16.92 -23.87
CA TYR C 35 5.32 16.89 -25.27
C TYR C 35 4.66 15.69 -25.95
N ASN C 36 4.33 15.87 -27.22
CA ASN C 36 3.72 14.82 -28.03
C ASN C 36 4.80 14.14 -28.85
N TYR C 37 5.02 12.86 -28.58
CA TYR C 37 6.15 12.13 -29.17
C TYR C 37 5.72 11.58 -30.54
N LEU C 38 5.72 12.48 -31.53
CA LEU C 38 5.42 12.15 -32.91
C LEU C 38 6.43 12.85 -33.81
N ASP C 39 7.05 12.09 -34.71
CA ASP C 39 8.03 12.62 -35.64
C ASP C 39 7.54 12.45 -37.07
N TRP C 40 7.78 13.47 -37.90
CA TRP C 40 7.41 13.46 -39.31
C TRP C 40 8.67 13.31 -40.15
N TYR C 41 8.66 12.34 -41.07
CA TYR C 41 9.80 12.04 -41.91
C TYR C 41 9.44 12.14 -43.38
N LEU C 42 10.44 12.49 -44.19
CA LEU C 42 10.31 12.47 -45.64
C LEU C 42 11.47 11.66 -46.20
N GLN C 43 11.14 10.62 -46.96
CA GLN C 43 12.14 9.81 -47.64
C GLN C 43 11.94 9.95 -49.15
N LYS C 44 12.92 10.56 -49.82
CA LYS C 44 12.91 10.64 -51.27
C LYS C 44 13.30 9.30 -51.87
N PRO C 45 12.97 9.04 -53.15
CA PRO C 45 13.40 7.78 -53.77
C PRO C 45 14.91 7.70 -53.97
N GLY C 46 15.56 6.80 -53.21
CA GLY C 46 16.99 6.58 -53.32
C GLY C 46 17.82 7.19 -52.22
N GLN C 47 17.23 7.95 -51.30
CA GLN C 47 17.96 8.64 -50.26
C GLN C 47 17.51 8.16 -48.88
N SER C 48 18.26 8.59 -47.86
CA SER C 48 17.89 8.35 -46.49
C SER C 48 16.69 9.19 -46.10
N PRO C 49 15.93 8.79 -45.07
CA PRO C 49 14.84 9.63 -44.59
C PRO C 49 15.34 10.92 -43.96
N GLN C 50 14.54 11.98 -44.11
CA GLN C 50 14.86 13.31 -43.63
C GLN C 50 13.88 13.70 -42.54
N LEU C 51 14.41 14.16 -41.41
CA LEU C 51 13.53 14.59 -40.32
C LEU C 51 12.97 15.97 -40.61
N LEU C 52 11.66 16.11 -40.40
CA LEU C 52 10.96 17.36 -40.66
C LEU C 52 10.42 17.99 -39.38
N ILE C 53 9.63 17.26 -38.61
CA ILE C 53 9.12 17.70 -37.32
C ILE C 53 9.54 16.65 -36.29
N TYR C 54 10.04 17.09 -35.13
CA TYR C 54 10.62 16.14 -34.19
C TYR C 54 9.91 16.00 -32.86
N LEU C 55 8.99 16.88 -32.49
CA LEU C 55 8.19 16.66 -31.28
C LEU C 55 6.75 17.09 -31.48
N GLY C 56 6.18 16.78 -32.64
CA GLY C 56 4.82 17.14 -32.96
C GLY C 56 4.65 18.50 -33.61
N SER C 57 5.43 19.49 -33.18
CA SER C 57 5.28 20.85 -33.67
C SER C 57 6.58 21.57 -33.99
N ASN C 58 7.75 21.01 -33.69
CA ASN C 58 9.02 21.73 -33.79
C ASN C 58 9.74 21.34 -35.07
N ARG C 59 10.09 22.35 -35.88
CA ARG C 59 10.82 22.10 -37.12
C ARG C 59 12.28 21.76 -36.85
N ALA C 60 12.85 20.96 -37.75
CA ALA C 60 14.24 20.55 -37.64
C ALA C 60 15.16 21.65 -38.18
N SER C 61 16.43 21.31 -38.38
CA SER C 61 17.44 22.32 -38.73
C SER C 61 17.34 22.75 -40.19
N GLY C 62 17.54 21.82 -41.12
CA GLY C 62 17.57 22.17 -42.52
C GLY C 62 16.24 22.04 -43.23
N VAL C 63 15.16 22.38 -42.55
CA VAL C 63 13.80 22.27 -43.07
C VAL C 63 13.27 23.68 -43.31
N PRO C 64 12.69 23.96 -44.48
CA PRO C 64 12.12 25.29 -44.72
C PRO C 64 10.83 25.50 -43.93
N ASP C 65 10.34 26.73 -44.00
CA ASP C 65 9.12 27.12 -43.28
C ASP C 65 7.84 26.69 -43.98
N ARG C 66 7.94 25.94 -45.09
CA ARG C 66 6.75 25.39 -45.72
C ARG C 66 6.12 24.30 -44.84
N PHE C 67 6.94 23.49 -44.18
CA PHE C 67 6.45 22.35 -43.42
C PHE C 67 6.09 22.79 -42.01
N SER C 68 4.86 22.48 -41.59
CA SER C 68 4.37 22.82 -40.27
C SER C 68 3.77 21.58 -39.62
N GLY C 69 3.82 21.53 -38.30
CA GLY C 69 3.25 20.42 -37.56
C GLY C 69 2.32 20.91 -36.47
N SER C 70 1.15 20.27 -36.40
CA SER C 70 0.17 20.59 -35.37
C SER C 70 -0.46 19.29 -34.88
N GLY C 71 -1.33 19.40 -33.89
CA GLY C 71 -2.01 18.27 -33.32
C GLY C 71 -1.49 17.92 -31.94
N SER C 72 -2.33 17.23 -31.18
CA SER C 72 -1.99 16.79 -29.83
C SER C 72 -2.84 15.58 -29.48
N GLY C 73 -2.34 14.79 -28.53
CA GLY C 73 -3.05 13.61 -28.09
C GLY C 73 -2.88 12.44 -29.04
N THR C 74 -3.93 12.09 -29.76
CA THR C 74 -3.88 10.99 -30.73
C THR C 74 -3.94 11.45 -32.18
N ASP C 75 -4.54 12.61 -32.45
CA ASP C 75 -4.76 13.08 -33.81
C ASP C 75 -3.71 14.12 -34.18
N PHE C 76 -3.03 13.90 -35.30
CA PHE C 76 -1.93 14.75 -35.72
C PHE C 76 -2.02 15.00 -37.22
N THR C 77 -1.60 16.20 -37.64
CA THR C 77 -1.60 16.59 -39.04
C THR C 77 -0.29 17.25 -39.41
N LEU C 78 0.31 16.82 -40.51
CA LEU C 78 1.39 17.57 -41.14
C LEU C 78 0.79 18.52 -42.15
N LYS C 79 1.37 19.72 -42.25
CA LYS C 79 0.81 20.79 -43.06
C LYS C 79 1.92 21.45 -43.87
N ILE C 80 1.67 21.59 -45.17
CA ILE C 80 2.58 22.27 -46.08
C ILE C 80 1.88 23.54 -46.58
N SER C 81 2.53 24.69 -46.38
CA SER C 81 1.89 25.95 -46.73
C SER C 81 1.81 26.14 -48.24
N ARG C 82 2.87 25.75 -48.95
CA ARG C 82 2.85 25.68 -50.40
C ARG C 82 3.83 24.62 -50.85
N VAL C 83 3.48 23.88 -51.89
CA VAL C 83 4.24 22.73 -52.32
C VAL C 83 5.15 23.13 -53.47
N GLU C 84 6.41 22.72 -53.38
CA GLU C 84 7.37 22.87 -54.47
C GLU C 84 7.58 21.51 -55.14
N ALA C 85 8.40 21.51 -56.20
CA ALA C 85 8.71 20.27 -56.90
C ALA C 85 9.69 19.39 -56.16
N GLU C 86 10.35 19.91 -55.13
CA GLU C 86 11.29 19.15 -54.32
C GLU C 86 10.63 18.50 -53.11
N ASP C 87 9.29 18.53 -53.03
CA ASP C 87 8.57 17.99 -51.88
C ASP C 87 7.81 16.71 -52.22
N VAL C 88 8.29 15.96 -53.20
CA VAL C 88 7.69 14.68 -53.54
C VAL C 88 8.39 13.58 -52.73
N GLY C 89 7.75 12.41 -52.66
CA GLY C 89 8.26 11.29 -51.91
C GLY C 89 7.22 10.77 -50.95
N ILE C 90 7.67 9.95 -50.01
CA ILE C 90 6.78 9.26 -49.07
C ILE C 90 6.98 9.85 -47.69
N TYR C 91 5.87 10.17 -47.02
CA TYR C 91 5.89 10.80 -45.71
C TYR C 91 5.47 9.78 -44.66
N TYR C 92 6.33 9.55 -43.68
CA TYR C 92 6.06 8.63 -42.57
C TYR C 92 5.91 9.40 -41.27
N CYS C 93 4.95 8.97 -40.46
CA CYS C 93 4.85 9.41 -39.07
C CYS C 93 5.42 8.33 -38.17
N MET C 94 6.06 8.75 -37.08
CA MET C 94 6.76 7.81 -36.21
C MET C 94 6.59 8.26 -34.77
N GLN C 95 6.12 7.35 -33.91
CA GLN C 95 5.94 7.63 -32.50
C GLN C 95 7.08 7.05 -31.68
N ALA C 96 7.42 7.74 -30.59
CA ALA C 96 8.53 7.34 -29.73
C ALA C 96 8.16 7.51 -28.26
N LEU C 97 6.95 7.10 -27.89
CA LEU C 97 6.48 7.32 -26.51
C LEU C 97 7.16 6.38 -25.52
N ARG C 98 7.07 5.07 -25.77
CA ARG C 98 7.62 4.07 -24.87
C ARG C 98 8.54 3.13 -25.65
N THR C 99 9.77 3.00 -25.18
CA THR C 99 10.75 2.12 -25.80
C THR C 99 10.68 0.61 -25.48
N PRO C 100 10.26 0.12 -24.30
CA PRO C 100 10.13 -1.35 -24.16
C PRO C 100 9.03 -1.94 -25.03
N PRO C 101 7.95 -1.20 -25.39
CA PRO C 101 7.22 -1.59 -26.61
C PRO C 101 8.06 -1.40 -27.87
N GLY C 102 8.61 -0.20 -28.03
CA GLY C 102 9.43 0.13 -29.17
C GLY C 102 8.93 1.36 -29.90
N LEU C 103 9.67 1.73 -30.94
CA LEU C 103 9.31 2.78 -31.85
C LEU C 103 8.68 2.17 -33.10
N THR C 104 7.58 2.75 -33.57
CA THR C 104 6.90 2.25 -34.75
C THR C 104 6.67 3.38 -35.75
N PHE C 105 6.57 3.01 -37.02
CA PHE C 105 6.37 3.95 -38.10
C PHE C 105 4.95 3.85 -38.64
N GLY C 106 4.56 4.87 -39.40
CA GLY C 106 3.30 4.84 -40.11
C GLY C 106 3.42 4.06 -41.41
N GLY C 107 2.30 4.03 -42.14
CA GLY C 107 2.29 3.30 -43.40
C GLY C 107 2.94 4.03 -44.54
N GLY C 108 2.86 5.35 -44.56
CA GLY C 108 3.44 6.13 -45.63
C GLY C 108 2.36 6.83 -46.45
N THR C 109 2.76 7.90 -47.12
CA THR C 109 1.86 8.68 -47.97
C THR C 109 2.65 9.20 -49.16
N LYS C 110 2.40 8.63 -50.32
CA LYS C 110 3.08 9.05 -51.54
C LYS C 110 2.50 10.37 -52.03
N VAL C 111 3.38 11.33 -52.32
CA VAL C 111 3.00 12.66 -52.77
C VAL C 111 3.67 12.89 -54.11
N ASP C 112 2.86 13.06 -55.15
CA ASP C 112 3.35 13.29 -56.51
C ASP C 112 2.70 14.53 -57.10
N ILE C 113 3.32 15.04 -58.15
CA ILE C 113 2.89 16.28 -58.81
C ILE C 113 1.75 15.95 -59.76
N LYS C 114 0.63 16.66 -59.62
CA LYS C 114 -0.51 16.49 -60.51
C LYS C 114 -0.52 17.56 -61.59
N GLN D 1 28.51 13.07 -38.42
CA GLN D 1 27.90 12.37 -39.54
C GLN D 1 28.28 10.88 -39.52
N LEU D 2 27.37 10.04 -39.98
CA LEU D 2 27.51 8.59 -39.92
C LEU D 2 27.87 8.04 -41.29
N VAL D 3 28.77 7.06 -41.31
CA VAL D 3 29.23 6.41 -42.52
C VAL D 3 29.19 4.90 -42.28
N GLN D 4 28.43 4.18 -43.11
CA GLN D 4 28.24 2.75 -42.93
C GLN D 4 29.20 1.96 -43.81
N SER D 5 29.07 0.63 -43.74
CA SER D 5 29.88 -0.27 -44.54
C SER D 5 29.18 -0.59 -45.85
N GLY D 6 29.90 -1.25 -46.75
CA GLY D 6 29.40 -1.52 -48.07
C GLY D 6 28.36 -2.62 -48.12
N ALA D 7 27.92 -2.92 -49.34
CA ALA D 7 26.88 -3.92 -49.54
C ALA D 7 27.42 -5.32 -49.33
N GLU D 8 26.54 -6.23 -48.91
CA GLU D 8 26.92 -7.59 -48.59
C GLU D 8 25.88 -8.56 -49.14
N VAL D 9 26.36 -9.66 -49.70
CA VAL D 9 25.50 -10.74 -50.20
C VAL D 9 25.72 -11.95 -49.30
N LYS D 10 24.64 -12.50 -48.79
CA LYS D 10 24.71 -13.61 -47.83
C LYS D 10 23.79 -14.74 -48.30
N LYS D 11 23.87 -15.86 -47.60
CA LYS D 11 23.07 -17.04 -47.85
C LYS D 11 22.13 -17.27 -46.66
N PRO D 12 20.98 -17.92 -46.88
CA PRO D 12 20.06 -18.19 -45.77
C PRO D 12 20.67 -19.11 -44.72
N GLY D 13 20.79 -18.60 -43.50
CA GLY D 13 21.41 -19.30 -42.40
C GLY D 13 22.66 -18.64 -41.86
N ALA D 14 23.29 -17.75 -42.63
CA ALA D 14 24.50 -17.07 -42.21
C ALA D 14 24.16 -15.88 -41.33
N SER D 15 25.14 -15.03 -41.06
CA SER D 15 24.96 -13.84 -40.25
C SER D 15 25.63 -12.64 -40.91
N VAL D 16 24.93 -11.51 -40.91
CA VAL D 16 25.42 -10.27 -41.50
C VAL D 16 25.80 -9.34 -40.36
N LYS D 17 26.89 -8.59 -40.55
CA LYS D 17 27.33 -7.60 -39.56
C LYS D 17 27.60 -6.28 -40.26
N VAL D 18 26.91 -5.24 -39.82
CA VAL D 18 26.99 -3.91 -40.44
C VAL D 18 27.77 -2.99 -39.50
N SER D 19 28.53 -2.07 -40.09
CA SER D 19 29.30 -1.09 -39.34
C SER D 19 28.68 0.29 -39.47
N CYS D 20 28.98 1.16 -38.50
CA CYS D 20 28.48 2.53 -38.49
C CYS D 20 29.43 3.37 -37.64
N LYS D 21 30.28 4.15 -38.31
CA LYS D 21 31.30 4.93 -37.63
C LYS D 21 30.79 6.36 -37.40
N ALA D 22 30.46 6.66 -36.14
CA ALA D 22 30.01 8.00 -35.77
C ALA D 22 31.23 8.91 -35.65
N SER D 23 31.45 9.75 -36.67
CA SER D 23 32.63 10.60 -36.74
C SER D 23 32.26 12.02 -36.35
N GLY D 24 32.80 12.47 -35.21
CA GLY D 24 32.65 13.86 -34.81
C GLY D 24 31.72 14.08 -33.63
N TYR D 25 31.64 13.11 -32.73
CA TYR D 25 30.71 13.15 -31.60
C TYR D 25 31.48 13.38 -30.31
N THR D 26 31.18 14.48 -29.63
CA THR D 26 31.80 14.81 -28.36
C THR D 26 30.93 14.49 -27.15
N PHE D 27 29.65 14.18 -27.37
CA PHE D 27 28.77 13.78 -26.28
C PHE D 27 28.84 12.28 -26.04
N THR D 28 28.51 11.49 -27.08
CA THR D 28 28.52 10.01 -27.08
C THR D 28 27.66 9.43 -25.95
N GLY D 29 26.54 10.11 -25.66
CA GLY D 29 25.61 9.66 -24.64
C GLY D 29 24.19 9.72 -25.14
N TYR D 30 24.05 9.89 -26.44
CA TYR D 30 22.76 9.92 -27.11
C TYR D 30 22.28 8.48 -27.34
N TYR D 31 21.27 8.31 -28.17
CA TYR D 31 20.82 6.99 -28.57
C TYR D 31 21.04 6.82 -30.07
N LEU D 32 21.60 5.69 -30.46
CA LEU D 32 21.78 5.35 -31.86
C LEU D 32 20.80 4.24 -32.20
N HIS D 33 20.05 4.43 -33.28
CA HIS D 33 18.99 3.52 -33.68
C HIS D 33 19.35 2.85 -35.00
N TRP D 34 19.01 1.58 -35.12
CA TRP D 34 19.09 0.85 -36.37
C TRP D 34 17.67 0.61 -36.86
N VAL D 35 17.37 1.04 -38.09
CA VAL D 35 16.07 0.75 -38.70
C VAL D 35 16.29 -0.04 -39.97
N ARG D 36 15.19 -0.45 -40.60
CA ARG D 36 15.25 -1.36 -41.73
C ARG D 36 14.16 -0.99 -42.73
N GLN D 37 14.48 -1.11 -44.02
CA GLN D 37 13.52 -0.82 -45.09
C GLN D 37 13.65 -1.86 -46.19
N ALA D 38 12.70 -2.79 -46.23
CA ALA D 38 12.64 -3.75 -47.32
C ALA D 38 12.25 -3.03 -48.63
N PRO D 39 12.69 -3.56 -49.79
CA PRO D 39 12.32 -2.94 -51.07
C PRO D 39 10.82 -3.04 -51.36
N GLY D 40 10.14 -1.90 -51.38
CA GLY D 40 8.71 -1.87 -51.59
C GLY D 40 7.95 -1.53 -50.33
N GLN D 41 8.40 -2.06 -49.20
CA GLN D 41 7.74 -1.84 -47.91
C GLN D 41 8.28 -0.56 -47.27
N GLY D 42 7.84 -0.28 -46.04
CA GLY D 42 8.20 0.92 -45.34
C GLY D 42 9.33 0.69 -44.34
N LEU D 43 9.57 1.71 -43.52
CA LEU D 43 10.62 1.65 -42.52
C LEU D 43 10.22 0.75 -41.36
N GLU D 44 11.22 0.16 -40.72
CA GLU D 44 11.00 -0.82 -39.67
C GLU D 44 12.09 -0.69 -38.62
N TRP D 45 11.71 -0.28 -37.42
CA TRP D 45 12.66 -0.04 -36.35
C TRP D 45 13.15 -1.36 -35.77
N MET D 46 14.48 -1.52 -35.69
CA MET D 46 15.05 -2.73 -35.11
C MET D 46 15.37 -2.57 -33.64
N GLY D 47 16.23 -1.62 -33.29
CA GLY D 47 16.65 -1.48 -31.92
C GLY D 47 17.32 -0.16 -31.64
N ARG D 48 17.90 -0.06 -30.45
CA ARG D 48 18.47 1.17 -29.92
C ARG D 48 19.56 0.80 -28.93
N ILE D 49 20.69 1.50 -28.98
CA ILE D 49 21.83 1.20 -28.12
C ILE D 49 22.31 2.48 -27.44
N ASN D 50 22.77 2.33 -26.19
CA ASN D 50 23.37 3.42 -25.44
C ASN D 50 24.88 3.32 -25.51
N PRO D 51 25.59 4.27 -26.12
CA PRO D 51 27.06 4.17 -26.19
C PRO D 51 27.77 4.38 -24.85
N ASP D 52 27.10 4.95 -23.84
CA ASP D 52 27.73 5.07 -22.53
C ASP D 52 27.87 3.71 -21.85
N THR D 53 26.76 2.98 -21.71
CA THR D 53 26.73 1.74 -20.95
C THR D 53 26.75 0.50 -21.82
N GLY D 54 26.03 0.51 -22.94
CA GLY D 54 25.84 -0.67 -23.74
C GLY D 54 24.47 -1.31 -23.62
N GLY D 55 23.52 -0.62 -22.98
CA GLY D 55 22.19 -1.15 -22.80
C GLY D 55 21.37 -1.08 -24.06
N THR D 56 20.90 -2.22 -24.55
CA THR D 56 20.18 -2.31 -25.80
C THR D 56 18.69 -2.51 -25.54
N ASN D 57 17.89 -2.11 -26.53
CA ASN D 57 16.44 -2.31 -26.50
C ASN D 57 16.00 -2.70 -27.91
N TYR D 58 15.84 -3.99 -28.14
CA TYR D 58 15.41 -4.48 -29.45
C TYR D 58 13.89 -4.50 -29.54
N ALA D 59 13.39 -4.68 -30.76
CA ALA D 59 11.98 -4.90 -30.96
C ALA D 59 11.63 -6.34 -30.64
N GLN D 60 10.33 -6.59 -30.46
CA GLN D 60 9.88 -7.96 -30.17
C GLN D 60 9.98 -8.85 -31.41
N LYS D 61 9.91 -8.25 -32.60
CA LYS D 61 10.10 -9.02 -33.83
C LYS D 61 11.55 -9.46 -33.98
N PHE D 62 12.49 -8.58 -33.63
CA PHE D 62 13.91 -8.84 -33.78
C PHE D 62 14.57 -9.25 -32.46
N GLN D 63 13.81 -9.89 -31.58
CA GLN D 63 14.31 -10.27 -30.27
C GLN D 63 14.92 -11.66 -30.32
N GLY D 64 16.17 -11.78 -29.89
CA GLY D 64 16.84 -13.07 -29.87
C GLY D 64 17.89 -13.22 -30.93
N ARG D 65 17.63 -12.69 -32.13
CA ARG D 65 18.52 -12.85 -33.27
C ARG D 65 19.21 -11.54 -33.67
N VAL D 66 19.27 -10.57 -32.76
CA VAL D 66 19.95 -9.30 -32.99
C VAL D 66 20.89 -9.05 -31.82
N SER D 67 22.15 -8.76 -32.12
CA SER D 67 23.12 -8.33 -31.11
C SER D 67 23.79 -7.06 -31.60
N MET D 68 23.68 -5.99 -30.81
CA MET D 68 24.28 -4.71 -31.15
C MET D 68 25.37 -4.39 -30.13
N THR D 69 26.57 -4.09 -30.62
CA THR D 69 27.71 -3.73 -29.80
C THR D 69 28.32 -2.44 -30.34
N ARG D 70 29.32 -1.93 -29.63
CA ARG D 70 30.02 -0.73 -30.06
C ARG D 70 31.45 -0.80 -29.54
N ASP D 71 32.31 0.00 -30.16
CA ASP D 71 33.72 0.12 -29.79
C ASP D 71 34.02 1.62 -29.70
N MET D 72 33.94 2.18 -28.50
CA MET D 72 33.99 3.63 -28.32
C MET D 72 35.39 4.21 -28.49
N SER D 73 36.43 3.37 -28.57
CA SER D 73 37.77 3.88 -28.84
C SER D 73 37.87 4.38 -30.28
N ILE D 74 37.43 3.55 -31.24
CA ILE D 74 37.41 3.94 -32.64
C ILE D 74 36.09 4.60 -33.04
N SER D 75 35.13 4.70 -32.12
CA SER D 75 33.79 5.26 -32.33
C SER D 75 33.07 4.57 -33.50
N THR D 76 32.83 3.27 -33.31
CA THR D 76 32.22 2.44 -34.33
C THR D 76 31.17 1.54 -33.70
N HIS D 77 29.97 1.55 -34.26
CA HIS D 77 28.87 0.71 -33.81
C HIS D 77 28.68 -0.47 -34.74
N TYR D 78 28.14 -1.56 -34.20
CA TYR D 78 27.93 -2.78 -34.96
C TYR D 78 26.51 -3.29 -34.74
N MET D 79 26.06 -4.13 -35.68
CA MET D 79 24.76 -4.78 -35.57
C MET D 79 24.87 -6.12 -36.30
N GLU D 80 24.61 -7.20 -35.57
CA GLU D 80 24.72 -8.55 -36.13
C GLU D 80 23.35 -9.22 -36.09
N LEU D 81 22.90 -9.69 -37.25
CA LEU D 81 21.60 -10.33 -37.41
C LEU D 81 21.81 -11.76 -37.88
N SER D 82 21.59 -12.72 -36.99
CA SER D 82 21.84 -14.12 -37.26
C SER D 82 20.59 -14.81 -37.79
N ARG D 83 20.81 -15.98 -38.41
CA ARG D 83 19.78 -16.86 -38.98
C ARG D 83 18.95 -16.12 -40.04
N LEU D 84 19.65 -15.72 -41.10
CA LEU D 84 19.04 -14.92 -42.15
C LEU D 84 18.08 -15.73 -43.00
N THR D 85 17.05 -15.05 -43.50
CA THR D 85 16.10 -15.59 -44.46
C THR D 85 16.06 -14.66 -45.68
N SER D 86 15.21 -15.01 -46.64
CA SER D 86 15.09 -14.19 -47.84
C SER D 86 14.39 -12.86 -47.58
N ASP D 87 13.55 -12.79 -46.54
CA ASP D 87 12.84 -11.55 -46.23
C ASP D 87 13.70 -10.56 -45.44
N ASP D 88 14.95 -10.91 -45.14
CA ASP D 88 15.89 -9.97 -44.56
C ASP D 88 16.61 -9.14 -45.62
N THR D 89 16.25 -9.29 -46.89
CA THR D 89 16.78 -8.44 -47.95
C THR D 89 16.19 -7.05 -47.81
N ALA D 90 17.04 -6.07 -47.50
CA ALA D 90 16.60 -4.72 -47.17
C ALA D 90 17.81 -3.78 -47.19
N VAL D 91 17.56 -2.52 -46.85
CA VAL D 91 18.59 -1.52 -46.66
C VAL D 91 18.63 -1.16 -45.19
N TYR D 92 19.82 -1.19 -44.59
CA TYR D 92 19.98 -1.06 -43.15
C TYR D 92 20.57 0.32 -42.84
N TYR D 93 19.81 1.13 -42.11
CA TYR D 93 20.20 2.48 -41.74
C TYR D 93 20.57 2.52 -40.26
N CYS D 94 21.63 3.25 -39.95
CA CYS D 94 21.93 3.65 -38.58
C CYS D 94 21.67 5.13 -38.45
N ALA D 95 20.94 5.52 -37.40
CA ALA D 95 20.63 6.92 -37.19
C ALA D 95 20.77 7.25 -35.71
N THR D 96 20.93 8.54 -35.43
CA THR D 96 21.14 9.01 -34.07
C THR D 96 20.74 10.48 -34.00
N LYS D 97 21.07 11.12 -32.87
CA LYS D 97 20.74 12.51 -32.63
C LYS D 97 21.88 13.40 -33.11
N ARG D 98 21.53 14.58 -33.63
CA ARG D 98 22.51 15.43 -34.28
C ARG D 98 23.45 16.10 -33.27
N GLY D 99 22.91 16.77 -32.28
CA GLY D 99 23.73 17.47 -31.32
C GLY D 99 24.13 18.86 -31.80
N ALA D 100 24.62 19.66 -30.84
CA ALA D 100 24.98 21.07 -31.02
C ALA D 100 23.81 21.88 -31.59
N VAL D 101 22.65 21.70 -30.97
CA VAL D 101 21.44 22.43 -31.30
C VAL D 101 21.05 23.25 -30.07
N THR D 102 20.75 24.52 -30.27
CA THR D 102 20.57 25.47 -29.17
C THR D 102 19.10 25.71 -28.84
N ALA D 103 18.29 24.66 -28.89
CA ALA D 103 16.89 24.74 -28.48
C ALA D 103 16.69 23.99 -27.18
N MET D 104 15.78 24.50 -26.34
CA MET D 104 15.45 23.82 -25.10
C MET D 104 14.61 22.59 -25.34
N VAL D 105 13.80 22.59 -26.39
CA VAL D 105 12.92 21.46 -26.69
C VAL D 105 13.70 20.27 -27.25
N TYR D 106 14.91 20.50 -27.76
CA TYR D 106 15.71 19.43 -28.34
C TYR D 106 16.31 18.51 -27.30
N TYR D 107 16.29 18.89 -26.02
CA TYR D 107 16.76 18.00 -24.96
C TYR D 107 15.79 16.85 -24.70
N TYR D 108 14.53 17.00 -25.08
CA TYR D 108 13.51 15.98 -24.87
C TYR D 108 13.27 15.16 -26.13
N PHE D 109 14.24 15.14 -27.04
CA PHE D 109 14.15 14.40 -28.29
C PHE D 109 15.12 13.23 -28.21
N TYR D 110 14.59 12.02 -28.39
CA TYR D 110 15.38 10.80 -28.28
C TYR D 110 15.30 9.95 -29.54
N GLY D 111 14.91 10.55 -30.67
CA GLY D 111 14.73 9.81 -31.90
C GLY D 111 15.90 9.88 -32.85
N MET D 112 15.60 10.05 -34.14
CA MET D 112 16.60 9.99 -35.21
C MET D 112 16.64 11.31 -35.95
N ASP D 113 17.80 11.95 -35.97
CA ASP D 113 17.99 13.22 -36.68
C ASP D 113 18.96 13.08 -37.84
N VAL D 114 20.18 12.60 -37.59
CA VAL D 114 21.18 12.42 -38.63
C VAL D 114 21.28 10.93 -38.95
N TRP D 115 21.38 10.62 -40.24
CA TRP D 115 21.23 9.24 -40.71
C TRP D 115 22.48 8.82 -41.46
N GLY D 116 22.64 7.50 -41.59
CA GLY D 116 23.67 6.95 -42.46
C GLY D 116 23.21 6.83 -43.89
N GLN D 117 24.14 6.45 -44.77
CA GLN D 117 23.83 6.37 -46.19
C GLN D 117 23.09 5.08 -46.56
N GLY D 118 23.07 4.09 -45.69
CA GLY D 118 22.37 2.86 -45.98
C GLY D 118 23.33 1.73 -46.35
N THR D 119 22.88 0.50 -46.11
CA THR D 119 23.66 -0.69 -46.42
C THR D 119 22.72 -1.72 -47.01
N THR D 120 22.89 -2.01 -48.31
CA THR D 120 22.04 -2.98 -48.98
C THR D 120 22.53 -4.39 -48.69
N VAL D 121 21.64 -5.22 -48.17
CA VAL D 121 21.95 -6.60 -47.81
C VAL D 121 21.02 -7.49 -48.62
N THR D 122 21.59 -8.41 -49.39
CA THR D 122 20.83 -9.32 -50.25
C THR D 122 21.06 -10.75 -49.80
N VAL D 123 19.97 -11.48 -49.55
CA VAL D 123 20.03 -12.87 -49.14
C VAL D 123 19.32 -13.70 -50.21
N SER D 124 20.08 -14.47 -50.98
CA SER D 124 19.54 -15.33 -52.02
C SER D 124 20.44 -16.54 -52.17
N SER D 125 20.27 -17.28 -53.26
CA SER D 125 21.08 -18.45 -53.54
C SER D 125 21.59 -18.44 -54.97
N GLY E 4 52.62 2.51 -17.63
CA GLY E 4 51.96 3.75 -18.01
C GLY E 4 51.49 4.57 -16.82
N ALA E 5 50.32 5.19 -16.98
CA ALA E 5 49.73 6.03 -15.94
C ALA E 5 48.55 5.31 -15.29
N ILE E 6 48.25 5.72 -14.07
CA ILE E 6 47.17 5.12 -13.29
C ILE E 6 46.10 6.18 -13.02
N ALA E 7 44.85 5.74 -12.98
CA ALA E 7 43.71 6.59 -12.73
C ALA E 7 42.88 6.03 -11.59
N GLY E 8 42.00 6.86 -11.05
CA GLY E 8 41.23 6.47 -9.89
C GLY E 8 39.75 6.25 -10.15
N PHE E 9 38.92 6.49 -9.12
CA PHE E 9 37.51 6.12 -9.17
C PHE E 9 36.67 7.06 -10.03
N ILE E 10 37.17 8.24 -10.35
CA ILE E 10 36.39 9.18 -11.14
C ILE E 10 36.27 8.69 -12.58
N GLU E 11 37.35 8.12 -13.13
CA GLU E 11 37.31 7.65 -14.50
C GLU E 11 36.65 6.26 -14.60
N ASN E 12 37.20 5.28 -13.90
CA ASN E 12 36.73 3.90 -14.04
C ASN E 12 37.00 3.13 -12.75
N GLY E 13 36.62 1.86 -12.74
CA GLY E 13 36.84 0.99 -11.60
C GLY E 13 37.80 -0.13 -11.97
N TRP E 14 38.60 -0.55 -10.99
CA TRP E 14 39.67 -1.51 -11.24
C TRP E 14 39.14 -2.93 -11.21
N GLU E 15 39.48 -3.71 -12.22
CA GLU E 15 39.12 -5.13 -12.25
C GLU E 15 40.18 -6.02 -11.62
N GLY E 16 41.25 -5.44 -11.07
CA GLY E 16 42.27 -6.18 -10.36
C GLY E 16 42.12 -6.16 -8.86
N LEU E 17 41.06 -5.53 -8.32
CA LEU E 17 40.80 -5.51 -6.89
C LEU E 17 39.83 -6.65 -6.60
N ILE E 18 40.30 -7.67 -5.89
CA ILE E 18 39.52 -8.88 -5.67
C ILE E 18 39.30 -9.20 -4.19
N ASP E 19 40.07 -8.62 -3.27
CA ASP E 19 39.91 -8.88 -1.85
C ASP E 19 39.18 -7.77 -1.13
N GLY E 20 38.68 -6.77 -1.85
CA GLY E 20 37.96 -5.68 -1.23
C GLY E 20 37.22 -4.88 -2.27
N TRP E 21 36.37 -3.98 -1.80
CA TRP E 21 35.60 -3.11 -2.67
C TRP E 21 36.38 -1.86 -3.05
N TYR E 22 36.99 -1.21 -2.07
CA TYR E 22 37.78 -0.01 -2.29
C TYR E 22 39.23 -0.28 -1.94
N GLY E 23 40.14 0.41 -2.63
CA GLY E 23 41.54 0.17 -2.40
C GLY E 23 42.39 1.32 -2.90
N PHE E 24 43.70 1.15 -2.75
CA PHE E 24 44.68 2.14 -3.15
C PHE E 24 45.54 1.60 -4.29
N ARG E 25 46.28 2.52 -4.92
CA ARG E 25 47.22 2.16 -5.98
C ARG E 25 48.25 3.27 -6.06
N HIS E 26 49.48 2.97 -5.67
CA HIS E 26 50.54 3.96 -5.62
C HIS E 26 51.54 3.73 -6.74
N GLN E 27 52.39 4.72 -6.94
CA GLN E 27 53.41 4.67 -7.99
C GLN E 27 54.56 5.56 -7.55
N ASN E 28 55.70 4.95 -7.24
CA ASN E 28 56.87 5.68 -6.79
C ASN E 28 58.10 5.06 -7.44
N ALA E 29 59.28 5.38 -6.91
CA ALA E 29 60.53 4.93 -7.52
C ALA E 29 60.74 3.43 -7.37
N GLN E 30 60.18 2.83 -6.31
CA GLN E 30 60.34 1.39 -6.13
C GLN E 30 59.47 0.58 -7.08
N GLY E 31 58.41 1.17 -7.61
CA GLY E 31 57.53 0.50 -8.55
C GLY E 31 56.09 0.79 -8.25
N GLU E 32 55.20 -0.08 -8.73
CA GLU E 32 53.78 0.05 -8.49
C GLU E 32 53.34 -0.79 -7.30
N GLY E 33 52.05 -0.77 -7.01
CA GLY E 33 51.50 -1.52 -5.91
C GLY E 33 50.00 -1.36 -5.80
N THR E 34 49.31 -2.37 -5.27
CA THR E 34 47.86 -2.33 -5.14
C THR E 34 47.47 -2.99 -3.84
N ALA E 35 46.71 -2.27 -3.01
CA ALA E 35 46.20 -2.79 -1.76
C ALA E 35 44.69 -2.55 -1.69
N ALA E 36 44.06 -3.20 -0.72
CA ALA E 36 42.63 -3.06 -0.47
C ALA E 36 42.40 -2.36 0.87
N ASP E 37 41.20 -1.78 1.01
CA ASP E 37 40.80 -1.08 2.22
C ASP E 37 39.73 -1.93 2.92
N TYR E 38 40.09 -2.48 4.07
CA TYR E 38 39.17 -3.38 4.79
C TYR E 38 38.15 -2.63 5.63
N LYS E 39 38.42 -1.40 6.03
CA LYS E 39 37.50 -0.69 6.90
C LYS E 39 36.37 -0.03 6.11
N SER E 40 36.62 0.33 4.86
CA SER E 40 35.58 0.90 4.02
C SER E 40 34.77 -0.16 3.28
N THR E 41 35.38 -1.32 3.00
CA THR E 41 34.63 -2.43 2.42
C THR E 41 33.67 -3.03 3.42
N GLN E 42 34.11 -3.20 4.67
CA GLN E 42 33.25 -3.76 5.71
C GLN E 42 32.11 -2.82 6.07
N SER E 43 32.36 -1.51 6.00
CA SER E 43 31.31 -0.53 6.30
C SER E 43 30.24 -0.50 5.22
N ALA E 44 30.61 -0.77 3.97
CA ALA E 44 29.63 -0.81 2.88
C ALA E 44 28.80 -2.09 2.92
N ILE E 45 29.41 -3.22 3.27
CA ILE E 45 28.70 -4.49 3.31
C ILE E 45 27.83 -4.58 4.56
N ASP E 46 28.22 -3.94 5.66
CA ASP E 46 27.39 -3.95 6.87
C ASP E 46 26.09 -3.17 6.71
N GLN E 47 26.01 -2.26 5.74
CA GLN E 47 24.78 -1.54 5.48
C GLN E 47 23.89 -2.23 4.46
N ILE E 48 24.42 -3.17 3.70
CA ILE E 48 23.64 -3.89 2.68
C ILE E 48 23.03 -5.16 3.25
N THR E 49 23.77 -5.90 4.07
CA THR E 49 23.16 -7.05 4.73
C THR E 49 22.23 -6.62 5.86
N GLY E 50 22.47 -5.44 6.44
CA GLY E 50 21.47 -4.87 7.34
C GLY E 50 20.23 -4.42 6.60
N LYS E 51 20.40 -3.96 5.36
CA LYS E 51 19.26 -3.69 4.49
C LYS E 51 18.56 -4.97 4.07
N LEU E 52 19.32 -6.04 3.86
CA LEU E 52 18.77 -7.32 3.45
C LEU E 52 18.18 -8.09 4.63
N ASN E 53 18.60 -7.78 5.86
CA ASN E 53 17.99 -8.39 7.03
C ASN E 53 16.58 -7.89 7.28
N ARG E 54 16.23 -6.72 6.74
CA ARG E 54 14.89 -6.17 6.84
C ARG E 54 13.87 -6.89 5.97
N LEU E 55 14.33 -7.66 4.98
CA LEU E 55 13.44 -8.27 4.00
C LEU E 55 13.23 -9.76 4.19
N ILE E 56 14.01 -10.42 5.05
CA ILE E 56 13.88 -11.86 5.27
C ILE E 56 13.11 -12.17 6.54
N GLU E 57 12.34 -11.22 7.07
CA GLU E 57 11.53 -11.45 8.24
C GLU E 57 10.08 -11.67 7.83
N LYS E 58 9.55 -12.85 8.13
CA LYS E 58 8.28 -13.32 7.61
C LYS E 58 7.14 -12.92 8.56
N THR E 59 5.97 -12.71 7.97
CA THR E 59 4.78 -12.32 8.71
C THR E 59 4.32 -13.46 9.63
N ASN E 60 3.55 -13.08 10.65
CA ASN E 60 2.94 -14.04 11.57
C ASN E 60 1.44 -14.12 11.40
N GLN E 61 0.89 -13.53 10.35
CA GLN E 61 -0.55 -13.54 10.10
C GLN E 61 -0.89 -14.75 9.24
N GLN E 62 -1.74 -15.62 9.76
CA GLN E 62 -2.12 -16.84 9.07
C GLN E 62 -3.38 -16.59 8.24
N PHE E 63 -3.31 -16.83 6.94
CA PHE E 63 -4.43 -16.70 6.04
C PHE E 63 -4.96 -18.09 5.70
N GLU E 64 -6.26 -18.28 5.83
CA GLU E 64 -6.90 -19.56 5.58
C GLU E 64 -7.70 -19.51 4.29
N LEU E 65 -8.42 -20.59 4.01
CA LEU E 65 -9.07 -20.80 2.73
C LEU E 65 -10.53 -20.33 2.79
N ILE E 66 -10.92 -19.52 1.82
CA ILE E 66 -12.30 -19.08 1.70
C ILE E 66 -12.94 -19.49 0.38
N ASP E 67 -12.16 -19.80 -0.65
CA ASP E 67 -12.69 -20.36 -1.87
C ASP E 67 -12.67 -21.89 -1.78
N ASN E 68 -12.92 -22.54 -2.91
CA ASN E 68 -12.87 -24.00 -2.99
C ASN E 68 -12.53 -24.36 -4.43
N GLU E 69 -11.43 -25.08 -4.61
CA GLU E 69 -10.96 -25.41 -5.95
C GLU E 69 -11.75 -26.53 -6.59
N PHE E 70 -12.45 -27.35 -5.81
CA PHE E 70 -13.18 -28.50 -6.34
C PHE E 70 -14.65 -28.19 -6.58
N THR E 71 -15.36 -27.72 -5.55
CA THR E 71 -16.78 -27.39 -5.64
C THR E 71 -16.90 -25.88 -5.55
N GLU E 72 -17.25 -25.23 -6.67
CA GLU E 72 -17.18 -23.78 -6.76
C GLU E 72 -18.25 -23.10 -5.90
N VAL E 73 -17.88 -21.96 -5.32
CA VAL E 73 -18.75 -21.16 -4.46
C VAL E 73 -19.84 -20.49 -5.27
N GLU E 74 -20.80 -19.86 -4.58
CA GLU E 74 -21.86 -19.11 -5.21
C GLU E 74 -21.27 -17.92 -5.98
N LYS E 75 -21.95 -17.55 -7.07
CA LYS E 75 -21.33 -16.69 -8.08
C LYS E 75 -21.19 -15.25 -7.60
N GLN E 76 -22.12 -14.74 -6.80
CA GLN E 76 -22.00 -13.36 -6.35
C GLN E 76 -20.98 -13.24 -5.24
N ILE E 77 -20.83 -14.27 -4.41
CA ILE E 77 -19.74 -14.28 -3.43
C ILE E 77 -18.44 -14.77 -4.06
N GLY E 78 -18.52 -15.43 -5.22
CA GLY E 78 -17.31 -15.80 -5.94
C GLY E 78 -16.71 -14.68 -6.74
N ASN E 79 -17.43 -13.57 -6.89
CA ASN E 79 -16.92 -12.40 -7.60
C ASN E 79 -16.45 -11.32 -6.65
N VAL E 80 -16.97 -11.28 -5.43
CA VAL E 80 -16.49 -10.34 -4.42
C VAL E 80 -15.13 -10.79 -3.89
N ILE E 81 -14.94 -12.11 -3.74
CA ILE E 81 -13.64 -12.65 -3.36
C ILE E 81 -12.62 -12.43 -4.49
N ASN E 82 -13.06 -12.60 -5.74
CA ASN E 82 -12.14 -12.44 -6.86
C ASN E 82 -11.80 -10.98 -7.11
N TRP E 83 -12.73 -10.07 -6.86
CA TRP E 83 -12.43 -8.65 -7.03
C TRP E 83 -11.56 -8.12 -5.90
N THR E 84 -11.74 -8.64 -4.68
CA THR E 84 -10.93 -8.20 -3.55
C THR E 84 -9.50 -8.70 -3.66
N ARG E 85 -9.31 -9.95 -4.12
CA ARG E 85 -7.97 -10.53 -4.21
C ARG E 85 -7.16 -9.89 -5.32
N ASP E 86 -7.79 -9.46 -6.41
CA ASP E 86 -7.06 -8.74 -7.44
C ASP E 86 -6.73 -7.31 -7.02
N SER E 87 -7.55 -6.71 -6.14
CA SER E 87 -7.24 -5.37 -5.65
C SER E 87 -6.01 -5.38 -4.76
N ILE E 88 -5.93 -6.33 -3.82
CA ILE E 88 -4.80 -6.47 -2.93
C ILE E 88 -3.54 -6.89 -3.70
N THR E 89 -3.70 -7.68 -4.77
CA THR E 89 -2.56 -8.10 -5.58
C THR E 89 -1.92 -6.93 -6.32
N GLU E 90 -2.73 -5.94 -6.71
CA GLU E 90 -2.19 -4.72 -7.31
C GLU E 90 -1.38 -3.92 -6.30
N VAL E 91 -1.74 -3.99 -5.02
CA VAL E 91 -1.04 -3.25 -3.98
C VAL E 91 0.32 -3.88 -3.69
N TRP E 92 0.37 -5.21 -3.57
CA TRP E 92 1.64 -5.87 -3.28
C TRP E 92 2.54 -6.00 -4.49
N SER E 93 2.01 -5.88 -5.70
CA SER E 93 2.85 -5.81 -6.88
C SER E 93 3.41 -4.42 -7.10
N TYR E 94 2.67 -3.39 -6.64
CA TYR E 94 3.18 -2.03 -6.70
C TYR E 94 4.23 -1.80 -5.62
N ASN E 95 3.97 -2.29 -4.40
CA ASN E 95 4.89 -2.05 -3.29
C ASN E 95 6.18 -2.84 -3.44
N ALA E 96 6.13 -4.02 -4.06
CA ALA E 96 7.35 -4.78 -4.30
C ALA E 96 8.21 -4.10 -5.36
N GLU E 97 7.60 -3.66 -6.46
CA GLU E 97 8.35 -3.00 -7.52
C GLU E 97 8.83 -1.61 -7.11
N LEU E 98 8.13 -0.97 -6.18
CA LEU E 98 8.59 0.32 -5.68
C LEU E 98 9.74 0.16 -4.70
N LEU E 99 9.65 -0.83 -3.81
CA LEU E 99 10.68 -1.01 -2.78
C LEU E 99 11.99 -1.47 -3.39
N VAL E 100 11.95 -2.39 -4.35
CA VAL E 100 13.16 -2.88 -4.99
C VAL E 100 13.84 -1.78 -5.79
N ALA E 101 13.04 -0.98 -6.52
CA ALA E 101 13.62 0.13 -7.29
C ALA E 101 14.12 1.25 -6.39
N MET E 102 13.53 1.42 -5.20
CA MET E 102 14.00 2.46 -4.30
C MET E 102 15.27 2.04 -3.56
N GLU E 103 15.36 0.76 -3.16
CA GLU E 103 16.55 0.28 -2.49
C GLU E 103 17.70 -0.02 -3.45
N ASN E 104 17.45 -0.01 -4.75
CA ASN E 104 18.54 -0.03 -5.71
C ASN E 104 19.17 1.34 -5.87
N GLN E 105 18.37 2.41 -5.70
CA GLN E 105 18.93 3.75 -5.68
C GLN E 105 19.72 4.00 -4.40
N HIS E 106 19.32 3.37 -3.30
CA HIS E 106 20.01 3.57 -2.03
C HIS E 106 21.28 2.74 -1.94
N THR E 107 21.28 1.53 -2.52
CA THR E 107 22.47 0.68 -2.51
C THR E 107 23.58 1.28 -3.36
N ILE E 108 23.23 1.75 -4.56
CA ILE E 108 24.19 2.39 -5.47
C ILE E 108 24.76 3.66 -4.84
N ASP E 109 23.91 4.44 -4.17
CA ASP E 109 24.36 5.71 -3.60
C ASP E 109 25.15 5.54 -2.29
N LEU E 110 24.91 4.48 -1.52
CA LEU E 110 25.69 4.30 -0.30
C LEU E 110 27.09 3.79 -0.60
N ALA E 111 27.24 2.94 -1.61
CA ALA E 111 28.58 2.51 -2.03
C ALA E 111 29.32 3.59 -2.79
N ASP E 112 28.63 4.58 -3.34
CA ASP E 112 29.28 5.72 -3.97
C ASP E 112 29.68 6.79 -2.96
N SER E 113 29.12 6.77 -1.76
CA SER E 113 29.50 7.73 -0.75
C SER E 113 30.57 7.18 0.18
N GLU E 114 30.77 5.86 0.17
CA GLU E 114 31.90 5.29 0.90
C GLU E 114 33.20 5.53 0.16
N MET E 115 33.17 5.55 -1.17
CA MET E 115 34.34 5.93 -1.94
C MET E 115 34.64 7.41 -1.81
N ASP E 116 33.61 8.24 -1.66
CA ASP E 116 33.82 9.66 -1.40
C ASP E 116 34.39 9.90 -0.02
N LYS E 117 33.91 9.15 0.99
CA LYS E 117 34.40 9.33 2.36
C LYS E 117 35.84 8.88 2.51
N LEU E 118 36.26 7.90 1.71
CA LEU E 118 37.67 7.51 1.68
C LEU E 118 38.52 8.56 0.99
N TYR E 119 37.92 9.37 0.12
CA TYR E 119 38.67 10.37 -0.63
C TYR E 119 38.97 11.62 0.19
N GLU E 120 38.02 12.12 0.98
CA GLU E 120 38.33 13.26 1.84
C GLU E 120 39.04 12.85 3.12
N ARG E 121 39.15 11.57 3.41
CA ARG E 121 39.96 11.14 4.54
C ARG E 121 41.45 11.24 4.21
N VAL E 122 41.82 10.81 3.00
CA VAL E 122 43.21 10.94 2.55
C VAL E 122 43.54 12.40 2.24
N LYS E 123 42.56 13.16 1.74
CA LYS E 123 42.77 14.57 1.39
C LYS E 123 43.09 15.43 2.59
N ARG E 124 42.50 15.13 3.76
CA ARG E 124 42.81 15.88 4.97
C ARG E 124 44.03 15.32 5.69
N GLN E 125 44.51 14.13 5.29
CA GLN E 125 45.79 13.64 5.78
C GLN E 125 46.95 14.38 5.10
N LEU E 126 47.00 14.30 3.77
CA LEU E 126 47.93 15.07 2.95
C LEU E 126 47.41 16.49 2.88
N ARG E 127 47.79 17.29 3.88
CA ARG E 127 47.20 18.62 4.03
C ARG E 127 47.72 19.58 2.97
N GLU E 128 49.02 19.82 2.95
CA GLU E 128 49.64 20.69 1.96
C GLU E 128 50.75 20.00 1.18
N ASN E 129 50.88 18.67 1.31
CA ASN E 129 51.94 17.93 0.67
C ASN E 129 51.51 17.26 -0.62
N ALA E 130 50.23 17.38 -1.00
CA ALA E 130 49.76 16.72 -2.20
C ALA E 130 48.66 17.56 -2.84
N GLU E 131 48.50 17.35 -4.16
CA GLU E 131 47.49 18.05 -4.94
C GLU E 131 46.63 17.03 -5.67
N GLU E 132 45.36 17.36 -5.86
CA GLU E 132 44.43 16.47 -6.53
C GLU E 132 44.66 16.50 -8.04
N ASP E 133 44.71 15.32 -8.64
CA ASP E 133 44.91 15.22 -10.08
C ASP E 133 43.63 15.56 -10.86
N GLY E 134 42.49 15.09 -10.36
CA GLY E 134 41.22 15.24 -11.05
C GLY E 134 40.59 13.94 -11.47
N THR E 135 41.32 12.83 -11.42
CA THR E 135 40.80 11.51 -11.76
C THR E 135 40.59 10.62 -10.54
N GLY E 136 40.87 11.12 -9.34
CA GLY E 136 40.82 10.34 -8.13
C GLY E 136 42.16 10.01 -7.53
N CYS E 137 43.22 10.73 -7.90
CA CYS E 137 44.56 10.48 -7.43
C CYS E 137 45.14 11.76 -6.81
N PHE E 138 46.15 11.58 -5.98
CA PHE E 138 46.84 12.68 -5.31
C PHE E 138 48.29 12.71 -5.78
N GLU E 139 48.74 13.89 -6.19
CA GLU E 139 50.12 14.08 -6.65
C GLU E 139 50.96 14.52 -5.45
N ILE E 140 51.65 13.55 -4.83
CA ILE E 140 52.48 13.85 -3.67
C ILE E 140 53.75 14.57 -4.13
N PHE E 141 54.08 15.67 -3.46
CA PHE E 141 55.21 16.50 -3.82
C PHE E 141 56.45 16.26 -2.97
N HIS E 142 56.59 15.06 -2.40
CA HIS E 142 57.80 14.67 -1.71
C HIS E 142 58.09 13.21 -2.01
N LYS E 143 59.31 12.78 -1.72
CA LYS E 143 59.74 11.41 -1.98
C LYS E 143 59.12 10.49 -0.94
N CYS E 144 58.00 9.87 -1.30
CA CYS E 144 57.23 9.00 -0.42
C CYS E 144 57.49 7.55 -0.83
N ASP E 145 58.23 6.82 0.00
CA ASP E 145 58.64 5.45 -0.33
C ASP E 145 57.54 4.48 0.11
N ASP E 146 57.88 3.18 0.12
CA ASP E 146 56.87 2.13 0.26
C ASP E 146 56.30 2.02 1.66
N ASP E 147 57.02 2.49 2.68
CA ASP E 147 56.46 2.58 4.02
C ASP E 147 55.80 3.93 4.29
N CYS E 148 56.20 4.96 3.57
CA CYS E 148 55.44 6.21 3.55
C CYS E 148 54.06 6.00 2.95
N MET E 149 53.98 5.27 1.82
CA MET E 149 52.70 4.98 1.19
C MET E 149 51.84 4.08 2.05
N ALA E 150 52.46 3.27 2.93
CA ALA E 150 51.70 2.49 3.88
C ALA E 150 51.10 3.36 4.99
N SER E 151 51.73 4.51 5.27
CA SER E 151 51.25 5.40 6.32
C SER E 151 49.99 6.16 5.93
N ILE E 152 49.79 6.46 4.64
CA ILE E 152 48.51 7.01 4.21
C ILE E 152 47.42 5.94 4.31
N ARG E 153 47.77 4.69 4.03
CA ARG E 153 46.80 3.61 4.00
C ARG E 153 46.22 3.29 5.38
N ASN E 154 47.04 3.37 6.43
CA ASN E 154 46.60 2.97 7.76
C ASN E 154 46.47 4.14 8.73
N ASN E 155 46.30 5.36 8.18
CA ASN E 155 45.89 6.56 8.93
C ASN E 155 46.94 6.97 9.97
N THR E 156 48.22 6.78 9.62
CA THR E 156 49.32 7.17 10.50
C THR E 156 50.23 8.23 9.86
N TYR E 157 49.72 8.94 8.85
CA TYR E 157 50.52 9.95 8.16
C TYR E 157 50.64 11.20 9.02
N ASP E 158 51.83 11.77 9.07
CA ASP E 158 52.09 13.04 9.75
C ASP E 158 52.58 14.01 8.69
N HIS E 159 51.78 15.04 8.43
CA HIS E 159 52.10 15.98 7.36
C HIS E 159 53.22 16.93 7.73
N SER E 160 53.48 17.15 9.01
CA SER E 160 54.52 18.09 9.43
C SER E 160 55.92 17.52 9.28
N LYS E 161 56.05 16.21 9.07
CA LYS E 161 57.36 15.62 8.81
C LYS E 161 57.88 15.99 7.44
N TYR E 162 56.99 16.15 6.46
CA TYR E 162 57.37 16.47 5.09
C TYR E 162 56.88 17.84 4.64
N ARG E 163 56.48 18.71 5.58
CA ARG E 163 55.84 19.97 5.20
C ARG E 163 56.85 20.97 4.63
N GLU E 164 58.06 21.02 5.18
CA GLU E 164 59.04 21.98 4.67
C GLU E 164 59.65 21.52 3.35
N GLU E 165 59.62 20.21 3.09
CA GLU E 165 60.14 19.66 1.84
C GLU E 165 59.13 19.77 0.70
N ALA E 166 57.87 19.41 0.96
CA ALA E 166 56.84 19.44 -0.07
C ALA E 166 56.35 20.84 -0.40
N MET E 167 56.66 21.83 0.43
CA MET E 167 56.27 23.21 0.11
C MET E 167 57.29 23.90 -0.77
N GLN E 168 58.55 23.45 -0.73
CA GLN E 168 59.55 23.96 -1.67
C GLN E 168 59.27 23.49 -3.09
N ASN E 169 58.67 22.31 -3.24
CA ASN E 169 58.38 21.75 -4.55
C ASN E 169 57.09 22.28 -5.18
N ARG E 170 56.26 22.97 -4.42
CA ARG E 170 54.96 23.43 -4.92
C ARG E 170 54.97 24.89 -5.33
N ILE E 171 55.39 25.80 -4.43
CA ILE E 171 55.30 27.22 -4.73
C ILE E 171 56.52 27.76 -5.47
N GLN E 172 57.67 27.09 -5.39
CA GLN E 172 58.91 27.60 -5.96
C GLN E 172 59.34 26.85 -7.21
N ILE E 173 59.44 25.53 -7.15
CA ILE E 173 59.87 24.75 -8.29
C ILE E 173 58.72 24.58 -9.28
N ASP F 1 12.33 -19.29 15.32
CA ASP F 1 12.55 -20.52 16.08
C ASP F 1 13.17 -21.59 15.20
N ILE F 2 14.45 -21.43 14.87
CA ILE F 2 15.18 -22.40 14.07
C ILE F 2 15.75 -23.45 15.01
N VAL F 3 15.48 -24.71 14.72
CA VAL F 3 15.89 -25.83 15.56
C VAL F 3 16.89 -26.67 14.78
N MET F 4 18.10 -26.83 15.32
CA MET F 4 19.14 -27.61 14.69
C MET F 4 19.10 -29.04 15.21
N THR F 5 19.10 -30.00 14.29
CA THR F 5 19.08 -31.42 14.62
C THR F 5 20.31 -32.08 14.00
N GLN F 6 21.18 -32.62 14.85
CA GLN F 6 22.41 -33.25 14.41
C GLN F 6 22.26 -34.77 14.39
N SER F 7 23.18 -35.43 13.70
CA SER F 7 23.20 -36.87 13.52
C SER F 7 24.60 -37.27 13.14
N PRO F 8 25.05 -38.49 13.48
CA PRO F 8 24.39 -39.65 14.11
C PRO F 8 24.50 -39.70 15.62
N LEU F 9 24.77 -38.55 16.26
CA LEU F 9 24.76 -38.30 17.70
C LEU F 9 25.95 -38.94 18.43
N SER F 10 26.71 -39.78 17.72
CA SER F 10 27.96 -40.43 18.13
C SER F 10 28.53 -41.09 16.89
N LEU F 11 29.86 -41.17 16.83
CA LEU F 11 30.51 -41.73 15.64
C LEU F 11 31.86 -42.29 16.04
N SER F 12 31.95 -43.60 16.19
CA SER F 12 33.23 -44.27 16.40
C SER F 12 33.93 -44.41 15.06
N VAL F 13 35.15 -43.86 14.95
CA VAL F 13 35.85 -43.77 13.69
C VAL F 13 37.16 -44.56 13.79
N THR F 14 37.74 -44.82 12.62
CA THR F 14 39.02 -45.47 12.45
C THR F 14 40.02 -44.49 11.84
N PRO F 15 41.24 -44.40 12.40
CA PRO F 15 42.20 -43.42 11.86
C PRO F 15 42.71 -43.79 10.48
N GLY F 16 41.95 -43.41 9.46
CA GLY F 16 42.29 -43.72 8.08
C GLY F 16 41.06 -43.97 7.22
N GLU F 17 39.89 -43.99 7.84
CA GLU F 17 38.62 -44.09 7.14
C GLU F 17 37.82 -42.81 7.31
N PRO F 18 37.17 -42.31 6.26
CA PRO F 18 36.48 -41.03 6.34
C PRO F 18 35.26 -41.06 7.25
N ALA F 19 34.83 -39.88 7.66
CA ALA F 19 33.66 -39.70 8.51
C ALA F 19 32.79 -38.59 7.95
N SER F 20 31.55 -38.53 8.43
CA SER F 20 30.59 -37.55 7.93
C SER F 20 29.57 -37.27 9.01
N ILE F 21 29.40 -35.98 9.33
CA ILE F 21 28.44 -35.52 10.32
C ILE F 21 27.45 -34.61 9.64
N SER F 22 26.16 -34.89 9.82
CA SER F 22 25.11 -34.11 9.19
C SER F 22 24.31 -33.33 10.23
N CYS F 23 23.87 -32.15 9.84
CA CYS F 23 23.10 -31.27 10.72
C CYS F 23 22.05 -30.57 9.88
N ARG F 24 20.79 -30.95 10.06
CA ARG F 24 19.70 -30.42 9.25
C ARG F 24 18.92 -29.37 10.05
N SER F 25 18.54 -28.30 9.37
CA SER F 25 17.87 -27.16 9.97
C SER F 25 16.36 -27.29 9.85
N SER F 26 15.65 -26.49 10.66
CA SER F 26 14.20 -26.43 10.57
C SER F 26 13.76 -25.48 9.46
N HIS F 27 14.29 -24.25 9.47
CA HIS F 27 14.03 -23.27 8.44
C HIS F 27 15.25 -23.14 7.53
N SER F 28 15.06 -22.46 6.41
CA SER F 28 16.14 -22.26 5.45
C SER F 28 17.18 -21.29 6.00
N LEU F 29 18.45 -21.66 5.87
CA LEU F 29 19.55 -20.83 6.33
C LEU F 29 20.19 -20.01 5.20
N LEU F 30 19.51 -19.88 4.07
CA LEU F 30 20.10 -19.18 2.93
C LEU F 30 19.64 -17.73 2.92
N HIS F 31 20.58 -16.81 3.12
CA HIS F 31 20.32 -15.38 3.14
C HIS F 31 20.05 -14.87 1.72
N LEU F 32 19.68 -13.59 1.63
CA LEU F 32 19.47 -12.96 0.34
C LEU F 32 20.78 -12.70 -0.40
N ASN F 33 21.90 -12.60 0.31
CA ASN F 33 23.19 -12.41 -0.34
C ASN F 33 23.80 -13.70 -0.88
N GLY F 34 23.10 -14.83 -0.75
CA GLY F 34 23.55 -16.06 -1.37
C GLY F 34 24.46 -16.92 -0.54
N TYR F 35 24.49 -16.73 0.77
CA TYR F 35 25.35 -17.50 1.66
C TYR F 35 24.50 -18.27 2.65
N ASN F 36 24.97 -19.46 3.03
CA ASN F 36 24.30 -20.31 4.00
C ASN F 36 24.94 -20.10 5.36
N TYR F 37 24.16 -19.56 6.31
CA TYR F 37 24.71 -19.17 7.61
C TYR F 37 24.71 -20.37 8.54
N LEU F 38 25.72 -21.22 8.34
CA LEU F 38 25.96 -22.39 9.17
C LEU F 38 27.44 -22.49 9.48
N ASP F 39 27.78 -22.64 10.76
CA ASP F 39 29.16 -22.75 11.20
C ASP F 39 29.39 -24.11 11.85
N TRP F 40 30.55 -24.70 11.57
CA TRP F 40 30.94 -25.98 12.13
C TRP F 40 32.04 -25.75 13.17
N TYR F 41 31.86 -26.30 14.36
CA TYR F 41 32.78 -26.11 15.47
C TYR F 41 33.29 -27.46 15.97
N LEU F 42 34.51 -27.44 16.51
CA LEU F 42 35.07 -28.60 17.21
C LEU F 42 35.57 -28.14 18.56
N GLN F 43 35.06 -28.76 19.62
CA GLN F 43 35.51 -28.48 20.98
C GLN F 43 36.16 -29.75 21.54
N LYS F 44 37.46 -29.69 21.79
CA LYS F 44 38.16 -30.77 22.44
C LYS F 44 37.85 -30.75 23.94
N PRO F 45 38.06 -31.89 24.64
CA PRO F 45 37.84 -31.88 26.10
C PRO F 45 38.85 -31.02 26.86
N GLY F 46 38.37 -29.91 27.42
CA GLY F 46 39.20 -29.01 28.21
C GLY F 46 39.60 -27.73 27.51
N GLN F 47 39.28 -27.56 26.24
CA GLN F 47 39.70 -26.40 25.47
C GLN F 47 38.49 -25.62 24.96
N SER F 48 38.77 -24.44 24.42
CA SER F 48 37.76 -23.62 23.79
C SER F 48 37.33 -24.25 22.46
N PRO F 49 36.13 -23.94 21.97
CA PRO F 49 35.74 -24.42 20.65
C PRO F 49 36.57 -23.82 19.53
N GLN F 50 36.78 -24.61 18.47
CA GLN F 50 37.59 -24.23 17.34
C GLN F 50 36.70 -24.12 16.10
N LEU F 51 36.82 -23.01 15.38
CA LEU F 51 36.03 -22.84 14.17
C LEU F 51 36.65 -23.63 13.03
N LEU F 52 35.81 -24.36 12.30
CA LEU F 52 36.25 -25.19 11.19
C LEU F 52 35.72 -24.69 9.85
N ILE F 53 34.40 -24.55 9.72
CA ILE F 53 33.76 -23.99 8.54
C ILE F 53 32.91 -22.80 9.00
N TYR F 54 32.99 -21.68 8.27
CA TYR F 54 32.33 -20.47 8.77
C TYR F 54 31.18 -19.94 7.92
N LEU F 55 30.98 -20.41 6.70
CA LEU F 55 29.78 -20.00 5.96
C LEU F 55 29.22 -21.17 5.16
N GLY F 56 29.18 -22.34 5.76
CA GLY F 56 28.68 -23.54 5.10
C GLY F 56 29.71 -24.32 4.32
N SER F 57 30.62 -23.63 3.63
CA SER F 57 31.60 -24.28 2.78
C SER F 57 33.02 -23.76 2.89
N ASN F 58 33.29 -22.69 3.64
CA ASN F 58 34.59 -22.02 3.63
C ASN F 58 35.40 -22.43 4.84
N ARG F 59 36.61 -22.94 4.61
CA ARG F 59 37.49 -23.35 5.70
C ARG F 59 38.08 -22.13 6.40
N ALA F 60 38.36 -22.30 7.69
CA ALA F 60 38.95 -21.24 8.51
C ALA F 60 40.47 -21.20 8.29
N SER F 61 41.17 -20.45 9.15
CA SER F 61 42.59 -20.19 8.93
C SER F 61 43.46 -21.38 9.29
N GLY F 62 43.43 -21.81 10.55
CA GLY F 62 44.30 -22.87 11.00
C GLY F 62 43.69 -24.26 10.93
N VAL F 63 42.91 -24.51 9.90
CA VAL F 63 42.21 -25.78 9.72
C VAL F 63 42.85 -26.51 8.54
N PRO F 64 43.18 -27.79 8.68
CA PRO F 64 43.76 -28.53 7.55
C PRO F 64 42.70 -28.83 6.48
N ASP F 65 43.17 -29.39 5.37
CA ASP F 65 42.31 -29.71 4.24
C ASP F 65 41.54 -31.02 4.43
N ARG F 66 41.66 -31.67 5.58
CA ARG F 66 40.82 -32.83 5.87
C ARG F 66 39.36 -32.45 6.02
N PHE F 67 39.07 -31.31 6.64
CA PHE F 67 37.71 -30.91 6.94
C PHE F 67 37.11 -30.17 5.75
N SER F 68 35.95 -30.63 5.30
CA SER F 68 35.24 -30.02 4.20
C SER F 68 33.80 -29.77 4.60
N GLY F 69 33.19 -28.76 3.99
CA GLY F 69 31.81 -28.43 4.25
C GLY F 69 31.01 -28.31 2.97
N SER F 70 29.83 -28.93 2.96
CA SER F 70 28.93 -28.88 1.82
C SER F 70 27.51 -28.75 2.34
N GLY F 71 26.57 -28.60 1.41
CA GLY F 71 25.17 -28.48 1.74
C GLY F 71 24.66 -27.07 1.52
N SER F 72 23.35 -26.96 1.35
CA SER F 72 22.68 -25.68 1.14
C SER F 72 21.24 -25.80 1.57
N GLY F 73 20.63 -24.67 1.89
CA GLY F 73 19.24 -24.65 2.32
C GLY F 73 19.06 -25.07 3.75
N THR F 74 18.50 -26.25 3.98
CA THR F 74 18.29 -26.77 5.33
C THR F 74 19.19 -27.95 5.67
N ASP F 75 19.65 -28.71 4.68
CA ASP F 75 20.41 -29.92 4.91
C ASP F 75 21.91 -29.65 4.70
N PHE F 76 22.71 -29.99 5.70
CA PHE F 76 24.14 -29.70 5.68
C PHE F 76 24.92 -30.90 6.20
N THR F 77 26.12 -31.10 5.66
CA THR F 77 26.99 -32.19 6.06
C THR F 77 28.41 -31.68 6.23
N LEU F 78 29.03 -32.04 7.36
CA LEU F 78 30.47 -31.89 7.51
C LEU F 78 31.14 -33.18 7.05
N LYS F 79 32.30 -33.03 6.40
CA LYS F 79 32.96 -34.15 5.77
C LYS F 79 34.45 -34.11 6.08
N ILE F 80 34.98 -35.24 6.54
CA ILE F 80 36.40 -35.41 6.82
C ILE F 80 36.95 -36.42 5.82
N SER F 81 37.99 -36.01 5.08
CA SER F 81 38.52 -36.88 4.03
C SER F 81 39.28 -38.06 4.61
N ARG F 82 40.04 -37.84 5.68
CA ARG F 82 40.64 -38.92 6.45
C ARG F 82 40.82 -38.43 7.88
N VAL F 83 40.61 -39.33 8.82
CA VAL F 83 40.58 -38.98 10.23
C VAL F 83 41.93 -39.28 10.85
N GLU F 84 42.45 -38.34 11.63
CA GLU F 84 43.65 -38.52 12.43
C GLU F 84 43.25 -38.68 13.89
N ALA F 85 44.25 -38.91 14.75
CA ALA F 85 44.00 -39.06 16.17
C ALA F 85 43.74 -37.74 16.87
N GLU F 86 44.02 -36.61 16.21
CA GLU F 86 43.79 -35.29 16.76
C GLU F 86 42.40 -34.74 16.40
N ASP F 87 41.53 -35.57 15.82
CA ASP F 87 40.22 -35.13 15.37
C ASP F 87 39.09 -35.69 16.24
N VAL F 88 39.38 -36.00 17.50
CA VAL F 88 38.36 -36.46 18.42
C VAL F 88 37.75 -35.25 19.14
N GLY F 89 36.59 -35.46 19.75
CA GLY F 89 35.88 -34.41 20.44
C GLY F 89 34.45 -34.31 19.96
N ILE F 90 33.81 -33.21 20.29
CA ILE F 90 32.39 -33.00 20.02
C ILE F 90 32.25 -31.94 18.94
N TYR F 91 31.43 -32.22 17.93
CA TYR F 91 31.23 -31.33 16.79
C TYR F 91 29.86 -30.69 16.89
N TYR F 92 29.82 -29.36 16.92
CA TYR F 92 28.59 -28.60 16.97
C TYR F 92 28.37 -27.85 15.67
N CYS F 93 27.11 -27.82 15.21
CA CYS F 93 26.70 -26.93 14.15
C CYS F 93 25.98 -25.74 14.75
N MET F 94 26.15 -24.57 14.14
CA MET F 94 25.63 -23.34 14.69
C MET F 94 25.13 -22.45 13.56
N GLN F 95 23.88 -21.99 13.65
CA GLN F 95 23.29 -21.12 12.65
C GLN F 95 23.30 -19.68 13.15
N ALA F 96 23.45 -18.74 12.20
CA ALA F 96 23.51 -17.32 12.51
C ALA F 96 22.72 -16.51 11.50
N LEU F 97 21.52 -16.97 11.16
CA LEU F 97 20.74 -16.30 10.11
C LEU F 97 20.14 -14.99 10.62
N ARG F 98 19.38 -15.04 11.72
CA ARG F 98 18.70 -13.88 12.25
C ARG F 98 19.07 -13.71 13.72
N THR F 99 19.56 -12.53 14.07
CA THR F 99 19.92 -12.21 15.45
C THR F 99 18.80 -11.81 16.43
N PRO F 100 17.69 -11.14 16.05
CA PRO F 100 16.63 -10.91 17.07
C PRO F 100 15.95 -12.20 17.52
N PRO F 101 15.89 -13.30 16.71
CA PRO F 101 15.73 -14.62 17.34
C PRO F 101 16.96 -15.02 18.14
N GLY F 102 18.13 -14.94 17.51
CA GLY F 102 19.38 -15.28 18.16
C GLY F 102 20.15 -16.34 17.38
N LEU F 103 21.32 -16.66 17.91
CA LEU F 103 22.17 -17.73 17.40
C LEU F 103 21.94 -18.97 18.25
N THR F 104 21.82 -20.13 17.60
CA THR F 104 21.61 -21.37 18.32
C THR F 104 22.62 -22.41 17.86
N PHE F 105 22.90 -23.36 18.73
CA PHE F 105 23.85 -24.44 18.47
C PHE F 105 23.12 -25.76 18.27
N GLY F 106 23.84 -26.72 17.69
CA GLY F 106 23.35 -28.07 17.59
C GLY F 106 23.52 -28.84 18.87
N GLY F 107 23.13 -30.11 18.84
CA GLY F 107 23.24 -30.94 20.02
C GLY F 107 24.63 -31.47 20.28
N GLY F 108 25.41 -31.71 19.24
CA GLY F 108 26.74 -32.23 19.40
C GLY F 108 26.86 -33.64 18.85
N THR F 109 28.09 -34.03 18.51
CA THR F 109 28.37 -35.35 17.97
C THR F 109 29.74 -35.78 18.49
N LYS F 110 29.76 -36.73 19.41
CA LYS F 110 31.02 -37.24 19.95
C LYS F 110 31.68 -38.17 18.95
N VAL F 111 32.97 -37.93 18.71
CA VAL F 111 33.75 -38.71 17.75
C VAL F 111 34.93 -39.29 18.51
N ASP F 112 34.99 -40.62 18.59
CA ASP F 112 36.07 -41.32 19.27
C ASP F 112 36.70 -42.36 18.35
N ILE F 113 37.89 -42.81 18.73
CA ILE F 113 38.67 -43.75 17.93
C ILE F 113 38.17 -45.15 18.21
N LYS F 114 37.84 -45.89 17.16
CA LYS F 114 37.40 -47.27 17.28
C LYS F 114 38.55 -48.23 17.00
N GLN G 1 43.81 -11.33 20.26
CA GLN G 1 43.49 -12.46 21.13
C GLN G 1 42.81 -11.98 22.41
N LEU G 2 41.91 -12.82 22.93
CA LEU G 2 41.09 -12.47 24.07
C LEU G 2 41.60 -13.16 25.34
N VAL G 3 41.57 -12.43 26.44
CA VAL G 3 42.00 -12.94 27.75
C VAL G 3 40.94 -12.57 28.76
N GLN G 4 40.38 -13.58 29.44
CA GLN G 4 39.29 -13.37 30.38
C GLN G 4 39.82 -13.28 31.81
N SER G 5 38.89 -13.11 32.74
CA SER G 5 39.20 -13.05 34.16
C SER G 5 39.15 -14.44 34.79
N GLY G 6 39.62 -14.52 36.02
CA GLY G 6 39.75 -15.80 36.71
C GLY G 6 38.41 -16.36 37.17
N ALA G 7 38.49 -17.51 37.83
CA ALA G 7 37.31 -18.20 38.31
C ALA G 7 36.69 -17.49 39.50
N GLU G 8 35.38 -17.64 39.64
CA GLU G 8 34.62 -16.95 40.68
C GLU G 8 33.61 -17.90 41.30
N VAL G 9 33.48 -17.85 42.61
CA VAL G 9 32.50 -18.63 43.36
C VAL G 9 31.49 -17.65 43.94
N LYS G 10 30.21 -17.91 43.67
CA LYS G 10 29.14 -17.01 44.08
C LYS G 10 28.07 -17.79 44.84
N LYS G 11 27.11 -17.06 45.38
CA LYS G 11 25.97 -17.61 46.09
C LYS G 11 24.69 -17.32 45.31
N PRO G 12 23.65 -18.16 45.47
CA PRO G 12 22.38 -17.91 44.76
C PRO G 12 21.73 -16.60 45.20
N GLY G 13 21.57 -15.70 44.24
CA GLY G 13 21.03 -14.37 44.47
C GLY G 13 22.00 -13.24 44.18
N ALA G 14 23.30 -13.52 44.13
CA ALA G 14 24.30 -12.50 43.87
C ALA G 14 24.42 -12.25 42.37
N SER G 15 25.46 -11.53 41.96
CA SER G 15 25.70 -11.21 40.56
C SER G 15 27.18 -11.42 40.24
N VAL G 16 27.44 -12.05 39.10
CA VAL G 16 28.78 -12.34 38.62
C VAL G 16 29.09 -11.38 37.47
N LYS G 17 30.34 -10.90 37.42
CA LYS G 17 30.77 -10.02 36.34
C LYS G 17 32.08 -10.56 35.78
N VAL G 18 32.10 -10.83 34.48
CA VAL G 18 33.24 -11.42 33.79
C VAL G 18 33.88 -10.34 32.93
N SER G 19 35.21 -10.41 32.79
CA SER G 19 35.97 -9.48 31.97
C SER G 19 36.48 -10.19 30.73
N CYS G 20 36.76 -9.39 29.68
CA CYS G 20 37.29 -9.92 28.43
C CYS G 20 38.04 -8.78 27.73
N LYS G 21 39.36 -8.82 27.79
CA LYS G 21 40.21 -7.75 27.24
C LYS G 21 40.65 -8.12 25.83
N ALA G 22 40.05 -7.47 24.84
CA ALA G 22 40.43 -7.67 23.44
C ALA G 22 41.72 -6.90 23.17
N SER G 23 42.83 -7.62 23.10
CA SER G 23 44.15 -7.03 22.96
C SER G 23 44.62 -7.17 21.51
N GLY G 24 44.72 -6.06 20.80
CA GLY G 24 45.30 -6.05 19.47
C GLY G 24 44.30 -5.82 18.35
N TYR G 25 43.24 -5.07 18.62
CA TYR G 25 42.18 -4.86 17.66
C TYR G 25 42.22 -3.43 17.14
N THR G 26 42.39 -3.29 15.82
CA THR G 26 42.42 -1.98 15.18
C THR G 26 41.11 -1.63 14.49
N PHE G 27 40.20 -2.59 14.33
CA PHE G 27 38.88 -2.32 13.75
C PHE G 27 37.89 -1.88 14.82
N THR G 28 37.68 -2.75 15.83
CA THR G 28 36.76 -2.54 16.96
C THR G 28 35.34 -2.19 16.51
N GLY G 29 34.92 -2.81 15.41
CA GLY G 29 33.58 -2.60 14.88
C GLY G 29 32.93 -3.92 14.51
N TYR G 30 33.54 -5.01 14.98
CA TYR G 30 33.02 -6.35 14.79
C TYR G 30 31.94 -6.62 15.83
N TYR G 31 31.57 -7.89 15.97
CA TYR G 31 30.64 -8.29 17.03
C TYR G 31 31.36 -9.23 17.98
N LEU G 32 31.20 -8.97 19.27
CA LEU G 32 31.74 -9.85 20.31
C LEU G 32 30.57 -10.59 20.96
N HIS G 33 30.70 -11.91 21.05
CA HIS G 33 29.65 -12.77 21.55
C HIS G 33 30.06 -13.42 22.86
N TRP G 34 29.11 -13.56 23.77
CA TRP G 34 29.29 -14.32 24.99
C TRP G 34 28.45 -15.59 24.86
N VAL G 35 29.08 -16.75 25.03
CA VAL G 35 28.35 -18.01 25.04
C VAL G 35 28.57 -18.70 26.37
N ARG G 36 27.90 -19.84 26.57
CA ARG G 36 27.88 -20.49 27.87
C ARG G 36 27.88 -22.00 27.65
N GLN G 37 28.60 -22.73 28.52
CA GLN G 37 28.65 -24.19 28.44
C GLN G 37 28.58 -24.75 29.85
N ALA G 38 27.43 -25.29 30.22
CA ALA G 38 27.28 -26.01 31.48
C ALA G 38 28.07 -27.32 31.43
N PRO G 39 28.56 -27.81 32.59
CA PRO G 39 29.28 -29.09 32.60
C PRO G 39 28.40 -30.28 32.24
N GLY G 40 28.68 -30.90 31.11
CA GLY G 40 27.88 -32.01 30.62
C GLY G 40 27.03 -31.63 29.43
N GLN G 41 26.47 -30.42 29.45
CA GLN G 41 25.60 -29.94 28.39
C GLN G 41 26.45 -29.29 27.28
N GLY G 42 25.77 -28.73 26.28
CA GLY G 42 26.43 -28.13 25.14
C GLY G 42 26.57 -26.62 25.27
N LEU G 43 26.97 -26.00 24.16
CA LEU G 43 27.16 -24.56 24.12
C LEU G 43 25.80 -23.84 24.08
N GLU G 44 25.80 -22.62 24.62
CA GLU G 44 24.57 -21.85 24.76
C GLU G 44 24.87 -20.38 24.56
N TRP G 45 24.34 -19.81 23.49
CA TRP G 45 24.61 -18.42 23.14
C TRP G 45 23.84 -17.48 24.07
N MET G 46 24.55 -16.53 24.66
CA MET G 46 23.91 -15.55 25.55
C MET G 46 23.54 -14.27 24.80
N GLY G 47 24.52 -13.59 24.23
CA GLY G 47 24.26 -12.31 23.60
C GLY G 47 25.38 -11.87 22.70
N ARG G 48 25.26 -10.61 22.26
CA ARG G 48 26.15 -10.03 21.27
C ARG G 48 26.16 -8.52 21.48
N ILE G 49 27.34 -7.91 21.41
CA ILE G 49 27.49 -6.48 21.67
C ILE G 49 28.28 -5.84 20.53
N ASN G 50 27.93 -4.59 20.21
CA ASN G 50 28.64 -3.80 19.21
C ASN G 50 29.57 -2.83 19.93
N PRO G 51 30.90 -2.95 19.77
CA PRO G 51 31.81 -2.01 20.44
C PRO G 51 31.78 -0.59 19.90
N ASP G 52 31.25 -0.35 18.70
CA ASP G 52 31.13 1.00 18.20
C ASP G 52 30.06 1.79 18.96
N THR G 53 28.85 1.25 19.02
CA THR G 53 27.71 1.97 19.58
C THR G 53 27.34 1.52 20.98
N GLY G 54 27.40 0.21 21.25
CA GLY G 54 26.91 -0.33 22.50
C GLY G 54 25.59 -1.06 22.39
N GLY G 55 25.12 -1.31 21.16
CA GLY G 55 23.85 -1.98 20.97
C GLY G 55 23.95 -3.48 21.21
N THR G 56 23.16 -3.97 22.16
CA THR G 56 23.21 -5.37 22.57
C THR G 56 22.02 -6.13 22.01
N ASN G 57 22.20 -7.44 21.89
CA ASN G 57 21.13 -8.34 21.45
C ASN G 57 21.25 -9.62 22.29
N TYR G 58 20.46 -9.71 23.34
CA TYR G 58 20.48 -10.89 24.20
C TYR G 58 19.54 -11.96 23.66
N ALA G 59 19.66 -13.15 24.22
CA ALA G 59 18.71 -14.21 23.93
C ALA G 59 17.44 -14.01 24.75
N GLN G 60 16.37 -14.70 24.34
CA GLN G 60 15.11 -14.59 25.08
C GLN G 60 15.20 -15.31 26.42
N LYS G 61 16.05 -16.32 26.54
CA LYS G 61 16.26 -16.98 27.81
C LYS G 61 16.98 -16.08 28.80
N PHE G 62 17.97 -15.33 28.32
CA PHE G 62 18.80 -14.45 29.14
C PHE G 62 18.35 -12.99 29.05
N GLN G 63 17.07 -12.75 28.82
CA GLN G 63 16.57 -11.40 28.65
C GLN G 63 16.11 -10.84 29.99
N GLY G 64 16.65 -9.68 30.36
CA GLY G 64 16.26 -9.04 31.59
C GLY G 64 17.33 -9.11 32.67
N ARG G 65 18.03 -10.23 32.75
CA ARG G 65 19.03 -10.46 33.79
C ARG G 65 20.45 -10.49 33.25
N VAL G 66 20.68 -9.92 32.07
CA VAL G 66 22.02 -9.81 31.48
C VAL G 66 22.23 -8.37 31.06
N SER G 67 23.36 -7.80 31.48
CA SER G 67 23.78 -6.47 31.03
C SER G 67 25.22 -6.58 30.55
N MET G 68 25.45 -6.21 29.29
CA MET G 68 26.79 -6.25 28.69
C MET G 68 27.22 -4.83 28.38
N THR G 69 28.39 -4.44 28.87
CA THR G 69 28.97 -3.13 28.62
C THR G 69 30.41 -3.31 28.14
N ARG G 70 31.04 -2.20 27.77
CA ARG G 70 32.43 -2.22 27.34
C ARG G 70 33.07 -0.88 27.69
N ASP G 71 34.40 -0.88 27.71
CA ASP G 71 35.20 0.31 27.99
C ASP G 71 36.29 0.36 26.92
N MET G 72 36.02 1.11 25.84
CA MET G 72 36.87 1.07 24.66
C MET G 72 38.21 1.79 24.83
N SER G 73 38.39 2.53 25.94
CA SER G 73 39.70 3.15 26.19
C SER G 73 40.71 2.09 26.58
N ILE G 74 40.36 1.21 27.52
CA ILE G 74 41.23 0.10 27.91
C ILE G 74 40.98 -1.16 27.09
N SER G 75 40.00 -1.12 26.17
CA SER G 75 39.58 -2.25 25.32
C SER G 75 39.22 -3.48 26.16
N THR G 76 38.19 -3.33 26.97
CA THR G 76 37.74 -4.36 27.89
C THR G 76 36.22 -4.46 27.85
N HIS G 77 35.72 -5.68 27.65
CA HIS G 77 34.29 -5.94 27.63
C HIS G 77 33.86 -6.60 28.95
N TYR G 78 32.59 -6.39 29.31
CA TYR G 78 32.04 -6.92 30.55
C TYR G 78 30.73 -7.62 30.27
N MET G 79 30.35 -8.49 31.21
CA MET G 79 29.06 -9.18 31.16
C MET G 79 28.63 -9.45 32.59
N GLU G 80 27.46 -8.94 32.97
CA GLU G 80 26.95 -9.09 34.32
C GLU G 80 25.64 -9.86 34.30
N LEU G 81 25.60 -10.95 35.06
CA LEU G 81 24.43 -11.84 35.12
C LEU G 81 23.91 -11.83 36.55
N SER G 82 22.76 -11.20 36.75
CA SER G 82 22.18 -11.03 38.08
C SER G 82 21.19 -12.16 38.38
N ARG G 83 20.88 -12.30 39.68
CA ARG G 83 19.95 -13.28 40.23
C ARG G 83 20.36 -14.71 39.87
N LEU G 84 21.53 -15.09 40.37
CA LEU G 84 22.13 -16.38 40.04
C LEU G 84 21.38 -17.53 40.70
N THR G 85 21.37 -18.67 40.03
CA THR G 85 20.86 -19.93 40.54
C THR G 85 21.97 -20.98 40.43
N SER G 86 21.66 -22.21 40.84
CA SER G 86 22.62 -23.28 40.76
C SER G 86 22.89 -23.74 39.34
N ASP G 87 21.92 -23.55 38.44
CA ASP G 87 22.08 -23.96 37.04
C ASP G 87 22.88 -22.95 36.22
N ASP G 88 23.34 -21.85 36.83
CA ASP G 88 24.27 -20.94 36.18
C ASP G 88 25.72 -21.36 36.35
N THR G 89 25.97 -22.52 36.97
CA THR G 89 27.32 -23.06 37.04
C THR G 89 27.74 -23.54 35.67
N ALA G 90 28.74 -22.88 35.09
CA ALA G 90 29.15 -23.14 33.71
C ALA G 90 30.51 -22.49 33.48
N VAL G 91 30.97 -22.58 32.24
CA VAL G 91 32.18 -21.89 31.77
C VAL G 91 31.75 -20.84 30.76
N TYR G 92 32.22 -19.61 30.96
CA TYR G 92 31.76 -18.46 30.19
C TYR G 92 32.83 -18.02 29.20
N TYR G 93 32.52 -18.11 27.92
CA TYR G 93 33.44 -17.77 26.85
C TYR G 93 33.03 -16.44 26.22
N CYS G 94 34.02 -15.61 25.91
CA CYS G 94 33.83 -14.46 25.04
C CYS G 94 34.53 -14.74 23.72
N ALA G 95 33.83 -14.50 22.62
CA ALA G 95 34.39 -14.75 21.31
C ALA G 95 34.01 -13.63 20.36
N THR G 96 34.80 -13.49 19.29
CA THR G 96 34.60 -12.41 18.33
C THR G 96 35.22 -12.83 17.00
N LYS G 97 35.31 -11.88 16.09
CA LYS G 97 35.85 -12.12 14.76
C LYS G 97 37.36 -11.83 14.75
N ARG G 98 38.10 -12.62 13.97
CA ARG G 98 39.55 -12.58 14.02
C ARG G 98 40.11 -11.31 13.37
N GLY G 99 39.72 -11.02 12.14
CA GLY G 99 40.24 -9.88 11.44
C GLY G 99 41.58 -10.17 10.76
N ALA G 100 41.95 -9.25 9.87
CA ALA G 100 43.14 -9.34 9.01
C ALA G 100 43.15 -10.64 8.21
N VAL G 101 42.01 -10.94 7.58
CA VAL G 101 41.84 -12.08 6.69
C VAL G 101 41.54 -11.55 5.30
N THR G 102 42.23 -12.08 4.29
CA THR G 102 42.20 -11.52 2.94
C THR G 102 41.25 -12.27 2.02
N ALA G 103 40.11 -12.71 2.53
CA ALA G 103 39.08 -13.33 1.72
C ALA G 103 37.89 -12.40 1.58
N MET G 104 37.24 -12.46 0.41
CA MET G 104 36.05 -11.67 0.17
C MET G 104 34.85 -12.22 0.93
N VAL G 105 34.82 -13.54 1.14
CA VAL G 105 33.69 -14.18 1.81
C VAL G 105 33.71 -13.91 3.31
N TYR G 106 34.86 -13.52 3.87
CA TYR G 106 34.97 -13.26 5.30
C TYR G 106 34.30 -11.96 5.73
N TYR G 107 33.95 -11.09 4.78
CA TYR G 107 33.21 -9.87 5.13
C TYR G 107 31.77 -10.16 5.50
N TYR G 108 31.22 -11.29 5.08
CA TYR G 108 29.85 -11.67 5.36
C TYR G 108 29.75 -12.63 6.53
N PHE G 109 30.78 -12.67 7.38
CA PHE G 109 30.84 -13.54 8.54
C PHE G 109 30.69 -12.68 9.79
N TYR G 110 29.69 -12.98 10.60
CA TYR G 110 29.39 -12.21 11.81
C TYR G 110 29.37 -13.08 13.05
N GLY G 111 30.01 -14.25 13.00
CA GLY G 111 30.00 -15.17 14.12
C GLY G 111 31.23 -15.11 15.00
N MET G 112 31.74 -16.28 15.39
CA MET G 112 32.81 -16.40 16.37
C MET G 112 34.00 -17.11 15.73
N ASP G 113 35.15 -16.44 15.70
CA ASP G 113 36.37 -17.01 15.15
C ASP G 113 37.44 -17.22 16.21
N VAL G 114 37.81 -16.16 16.94
CA VAL G 114 38.81 -16.23 18.00
C VAL G 114 38.11 -16.20 19.34
N TRP G 115 38.55 -17.04 20.27
CA TRP G 115 37.82 -17.29 21.50
C TRP G 115 38.70 -16.96 22.70
N GLY G 116 38.05 -16.76 23.85
CA GLY G 116 38.76 -16.63 25.11
C GLY G 116 39.03 -17.99 25.74
N GLN G 117 39.81 -17.97 26.83
CA GLN G 117 40.19 -19.20 27.49
C GLN G 117 39.09 -19.79 28.38
N GLY G 118 38.07 -19.01 28.71
CA GLY G 118 36.99 -19.52 29.52
C GLY G 118 37.08 -19.00 30.94
N THR G 119 35.92 -18.93 31.60
CA THR G 119 35.83 -18.48 32.99
C THR G 119 34.85 -19.40 33.71
N THR G 120 35.38 -20.19 34.64
CA THR G 120 34.54 -21.12 35.40
C THR G 120 33.85 -20.38 36.54
N VAL G 121 32.52 -20.46 36.57
CA VAL G 121 31.70 -19.81 37.58
C VAL G 121 30.92 -20.89 38.31
N THR G 122 31.08 -20.95 39.63
CA THR G 122 30.41 -21.95 40.46
C THR G 122 29.47 -21.26 41.42
N VAL G 123 28.22 -21.71 41.44
CA VAL G 123 27.19 -21.17 42.34
C VAL G 123 26.71 -22.31 43.23
N SER G 124 27.08 -22.25 44.51
CA SER G 124 26.68 -23.26 45.48
C SER G 124 26.57 -22.60 46.85
N SER G 125 26.50 -23.43 47.89
CA SER G 125 26.42 -22.92 49.26
C SER G 125 27.40 -23.64 50.16
N GLY H 4 43.28 21.37 27.47
CA GLY H 4 43.79 20.49 26.45
C GLY H 4 43.46 20.93 25.04
N ALA H 5 43.16 19.97 24.18
CA ALA H 5 42.83 20.23 22.79
C ALA H 5 41.34 20.03 22.56
N ILE H 6 40.84 20.68 21.51
CA ILE H 6 39.43 20.61 21.16
C ILE H 6 39.27 19.97 19.79
N ALA H 7 38.18 19.23 19.63
CA ALA H 7 37.87 18.54 18.38
C ALA H 7 36.46 18.90 17.93
N GLY H 8 36.16 18.61 16.66
CA GLY H 8 34.90 19.01 16.09
C GLY H 8 33.94 17.88 15.81
N PHE H 9 33.09 18.06 14.79
CA PHE H 9 31.97 17.14 14.55
C PHE H 9 32.41 15.83 13.92
N ILE H 10 33.61 15.75 13.36
CA ILE H 10 34.06 14.52 12.72
C ILE H 10 34.33 13.45 13.77
N GLU H 11 34.92 13.83 14.91
CA GLU H 11 35.22 12.86 15.94
C GLU H 11 33.99 12.55 16.80
N ASN H 12 33.40 13.57 17.43
CA ASN H 12 32.33 13.35 18.38
C ASN H 12 31.44 14.58 18.43
N GLY H 13 30.40 14.51 19.26
CA GLY H 13 29.48 15.62 19.47
C GLY H 13 29.58 16.14 20.88
N TRP H 14 29.37 17.45 21.03
CA TRP H 14 29.58 18.10 22.32
C TRP H 14 28.35 17.98 23.20
N GLU H 15 28.54 17.57 24.44
CA GLU H 15 27.45 17.51 25.42
C GLU H 15 27.30 18.81 26.20
N GLY H 16 28.09 19.82 25.89
CA GLY H 16 27.96 21.13 26.51
C GLY H 16 27.19 22.15 25.69
N LEU H 17 26.67 21.75 24.53
CA LEU H 17 25.85 22.62 23.70
C LEU H 17 24.39 22.36 24.05
N ILE H 18 23.75 23.35 24.68
CA ILE H 18 22.40 23.16 25.19
C ILE H 18 21.39 24.16 24.62
N ASP H 19 21.82 25.26 24.01
CA ASP H 19 20.91 26.23 23.44
C ASP H 19 20.80 26.13 21.93
N GLY H 20 21.42 25.13 21.33
CA GLY H 20 21.35 24.96 19.90
C GLY H 20 21.85 23.58 19.50
N TRP H 21 21.64 23.25 18.24
CA TRP H 21 22.08 21.97 17.70
C TRP H 21 23.53 22.04 17.23
N TYR H 22 23.88 23.07 16.48
CA TYR H 22 25.22 23.26 15.96
C TYR H 22 25.83 24.51 16.57
N GLY H 23 27.15 24.50 16.73
CA GLY H 23 27.81 25.63 17.35
C GLY H 23 29.28 25.66 17.05
N PHE H 24 29.94 26.66 17.62
CA PHE H 24 31.38 26.88 17.44
C PHE H 24 32.10 26.69 18.76
N ARG H 25 33.42 26.58 18.66
CA ARG H 25 34.29 26.47 19.83
C ARG H 25 35.68 26.93 19.42
N HIS H 26 36.10 28.07 19.94
CA HIS H 26 37.37 28.67 19.56
C HIS H 26 38.38 28.54 20.70
N GLN H 27 39.64 28.81 20.36
CA GLN H 27 40.74 28.70 21.32
C GLN H 27 41.82 29.67 20.87
N ASN H 28 42.03 30.73 21.63
CA ASN H 28 43.02 31.74 21.29
C ASN H 28 43.72 32.16 22.58
N ALA H 29 44.44 33.28 22.53
CA ALA H 29 45.24 33.72 23.68
C ALA H 29 44.38 34.18 24.84
N GLN H 30 43.16 34.67 24.57
CA GLN H 30 42.29 35.12 25.65
C GLN H 30 41.67 33.96 26.41
N GLY H 31 41.59 32.77 25.81
CA GLY H 31 41.04 31.60 26.45
C GLY H 31 40.16 30.83 25.49
N GLU H 32 39.28 30.02 26.06
CA GLU H 32 38.34 29.23 25.28
C GLU H 32 37.00 29.95 25.17
N GLY H 33 36.05 29.30 24.50
CA GLY H 33 34.73 29.85 24.31
C GLY H 33 33.82 28.91 23.56
N THR H 34 32.51 29.01 23.80
CA THR H 34 31.55 28.13 23.14
C THR H 34 30.29 28.93 22.84
N ALA H 35 29.88 28.94 21.58
CA ALA H 35 28.66 29.59 21.15
C ALA H 35 27.81 28.62 20.35
N ALA H 36 26.56 29.01 20.11
CA ALA H 36 25.62 28.23 19.32
C ALA H 36 25.29 28.96 18.02
N ASP H 37 24.82 28.20 17.04
CA ASP H 37 24.44 28.73 15.73
C ASP H 37 22.93 28.67 15.62
N TYR H 38 22.28 29.82 15.61
CA TYR H 38 20.82 29.88 15.59
C TYR H 38 20.24 29.71 14.20
N LYS H 39 21.00 30.02 13.15
CA LYS H 39 20.45 29.95 11.80
C LYS H 39 20.48 28.53 11.25
N SER H 40 21.43 27.72 11.69
CA SER H 40 21.50 26.33 11.25
C SER H 40 20.67 25.41 12.13
N THR H 41 20.46 25.77 13.40
CA THR H 41 19.58 25.00 14.26
C THR H 41 18.12 25.18 13.83
N GLN H 42 17.73 26.42 13.52
CA GLN H 42 16.36 26.70 13.10
C GLN H 42 16.06 26.08 11.75
N SER H 43 17.05 26.00 10.87
CA SER H 43 16.85 25.40 9.55
C SER H 43 16.68 23.89 9.64
N ALA H 44 17.32 23.25 10.63
CA ALA H 44 17.15 21.81 10.81
C ALA H 44 15.81 21.47 11.45
N ILE H 45 15.35 22.30 12.39
CA ILE H 45 14.09 22.04 13.08
C ILE H 45 12.90 22.39 12.19
N ASP H 46 13.05 23.36 11.28
CA ASP H 46 11.97 23.73 10.36
C ASP H 46 11.69 22.64 9.33
N GLN H 47 12.64 21.73 9.09
CA GLN H 47 12.42 20.62 8.17
C GLN H 47 11.88 19.38 8.87
N ILE H 48 11.99 19.31 10.19
CA ILE H 48 11.52 18.14 10.93
C ILE H 48 10.08 18.33 11.40
N THR H 49 9.71 19.53 11.85
CA THR H 49 8.32 19.78 12.17
C THR H 49 7.47 19.94 10.92
N GLY H 50 8.08 20.36 9.80
CA GLY H 50 7.40 20.28 8.53
C GLY H 50 7.21 18.85 8.06
N LYS H 51 8.17 17.98 8.38
CA LYS H 51 8.01 16.56 8.16
C LYS H 51 6.96 15.96 9.08
N LEU H 52 6.88 16.46 10.32
CA LEU H 52 5.91 15.97 11.29
C LEU H 52 4.53 16.56 11.08
N ASN H 53 4.42 17.70 10.39
CA ASN H 53 3.12 18.25 10.03
C ASN H 53 2.41 17.43 8.96
N ARG H 54 3.17 16.64 8.20
CA ARG H 54 2.60 15.76 7.19
C ARG H 54 1.90 14.55 7.79
N LEU H 55 2.16 14.22 9.05
CA LEU H 55 1.68 12.99 9.67
C LEU H 55 0.52 13.21 10.64
N ILE H 56 0.22 14.45 11.02
CA ILE H 56 -0.85 14.72 11.98
C ILE H 56 -2.12 15.19 11.28
N GLU H 57 -2.25 14.94 9.99
CA GLU H 57 -3.46 15.32 9.25
C GLU H 57 -4.33 14.08 9.06
N LYS H 58 -5.53 14.13 9.62
CA LYS H 58 -6.41 12.97 9.74
C LYS H 58 -7.32 12.86 8.52
N THR H 59 -7.67 11.62 8.18
CA THR H 59 -8.54 11.33 7.05
C THR H 59 -9.96 11.86 7.29
N ASN H 60 -10.68 12.05 6.19
CA ASN H 60 -12.07 12.47 6.23
C ASN H 60 -13.02 11.36 5.79
N GLN H 61 -12.52 10.14 5.64
CA GLN H 61 -13.33 9.01 5.20
C GLN H 61 -13.90 8.31 6.44
N GLN H 62 -15.23 8.28 6.52
CA GLN H 62 -15.91 7.67 7.66
C GLN H 62 -16.19 6.19 7.38
N PHE H 63 -15.69 5.33 8.24
CA PHE H 63 -15.93 3.90 8.14
C PHE H 63 -16.97 3.50 9.18
N GLU H 64 -17.97 2.75 8.75
CA GLU H 64 -19.07 2.33 9.61
C GLU H 64 -18.96 0.84 9.91
N LEU H 65 -19.96 0.31 10.60
CA LEU H 65 -19.93 -1.04 11.14
C LEU H 65 -20.59 -2.02 10.19
N ILE H 66 -19.90 -3.11 9.88
CA ILE H 66 -20.46 -4.17 9.05
C ILE H 66 -20.53 -5.51 9.78
N ASP H 67 -19.75 -5.72 10.85
CA ASP H 67 -19.88 -6.89 11.68
C ASP H 67 -20.85 -6.60 12.82
N ASN H 68 -20.91 -7.50 13.79
CA ASN H 68 -21.73 -7.33 14.97
C ASN H 68 -21.08 -8.10 16.10
N GLU H 69 -20.75 -7.41 17.19
CA GLU H 69 -20.03 -8.03 18.29
C GLU H 69 -20.95 -8.88 19.18
N PHE H 70 -22.26 -8.65 19.14
CA PHE H 70 -23.19 -9.36 20.00
C PHE H 70 -23.84 -10.55 19.30
N THR H 71 -24.46 -10.33 18.16
CA THR H 71 -25.12 -11.38 17.39
C THR H 71 -24.31 -11.60 16.11
N GLU H 72 -23.64 -12.75 16.04
CA GLU H 72 -22.65 -12.99 14.99
C GLU H 72 -23.30 -13.14 13.62
N VAL H 73 -22.61 -12.64 12.59
CA VAL H 73 -23.08 -12.67 11.21
C VAL H 73 -22.98 -14.09 10.66
N GLU H 74 -23.53 -14.30 9.45
CA GLU H 74 -23.46 -15.57 8.77
C GLU H 74 -22.00 -15.92 8.46
N LYS H 75 -21.70 -17.23 8.45
CA LYS H 75 -20.32 -17.69 8.54
C LYS H 75 -19.55 -17.44 7.24
N GLN H 76 -20.20 -17.54 6.09
CA GLN H 76 -19.48 -17.32 4.84
C GLN H 76 -19.25 -15.83 4.59
N ILE H 77 -20.18 -14.98 5.03
CA ILE H 77 -19.92 -13.54 4.98
C ILE H 77 -19.12 -13.09 6.19
N GLY H 78 -19.03 -13.90 7.24
CA GLY H 78 -18.16 -13.58 8.35
C GLY H 78 -16.72 -13.93 8.13
N ASN H 79 -16.43 -14.67 7.06
CA ASN H 79 -15.06 -15.02 6.71
C ASN H 79 -14.52 -14.16 5.58
N VAL H 80 -15.39 -13.61 4.75
CA VAL H 80 -14.96 -12.68 3.70
C VAL H 80 -14.60 -11.33 4.33
N ILE H 81 -15.36 -10.91 5.34
CA ILE H 81 -15.04 -9.70 6.08
C ILE H 81 -13.74 -9.88 6.86
N ASN H 82 -13.55 -11.07 7.46
CA ASN H 82 -12.36 -11.31 8.25
C ASN H 82 -11.12 -11.48 7.38
N TRP H 83 -11.26 -12.04 6.18
CA TRP H 83 -10.12 -12.17 5.29
C TRP H 83 -9.75 -10.83 4.66
N THR H 84 -10.74 -9.97 4.39
CA THR H 84 -10.47 -8.67 3.80
C THR H 84 -9.81 -7.73 4.81
N ARG H 85 -10.25 -7.78 6.07
CA ARG H 85 -9.71 -6.87 7.08
C ARG H 85 -8.29 -7.25 7.47
N ASP H 86 -7.93 -8.53 7.43
CA ASP H 86 -6.55 -8.90 7.67
C ASP H 86 -5.64 -8.59 6.49
N SER H 87 -6.20 -8.56 5.27
CA SER H 87 -5.40 -8.18 4.10
C SER H 87 -5.02 -6.71 4.16
N ILE H 88 -5.99 -5.84 4.45
CA ILE H 88 -5.75 -4.40 4.57
C ILE H 88 -4.85 -4.09 5.77
N THR H 89 -4.95 -4.87 6.85
CA THR H 89 -4.12 -4.65 8.02
C THR H 89 -2.65 -4.94 7.73
N GLU H 90 -2.38 -5.91 6.84
CA GLU H 90 -1.00 -6.15 6.41
C GLU H 90 -0.45 -4.99 5.61
N VAL H 91 -1.31 -4.27 4.89
CA VAL H 91 -0.87 -3.15 4.07
C VAL H 91 -0.52 -1.95 4.95
N TRP H 92 -1.37 -1.64 5.93
CA TRP H 92 -1.10 -0.50 6.79
C TRP H 92 -0.04 -0.78 7.86
N SER H 93 0.24 -2.05 8.15
CA SER H 93 1.36 -2.36 9.02
C SER H 93 2.67 -2.37 8.27
N TYR H 94 2.63 -2.64 6.97
CA TYR H 94 3.82 -2.54 6.14
C TYR H 94 4.14 -1.08 5.84
N ASN H 95 3.12 -0.29 5.50
CA ASN H 95 3.35 1.11 5.13
C ASN H 95 3.76 1.95 6.32
N ALA H 96 3.28 1.62 7.52
CA ALA H 96 3.70 2.36 8.71
C ALA H 96 5.15 2.06 9.05
N GLU H 97 5.54 0.78 9.01
CA GLU H 97 6.91 0.40 9.32
C GLU H 97 7.88 0.83 8.23
N LEU H 98 7.41 0.95 7.00
CA LEU H 98 8.28 1.44 5.93
C LEU H 98 8.47 2.95 6.02
N LEU H 99 7.40 3.69 6.31
CA LEU H 99 7.48 5.14 6.34
C LEU H 99 8.31 5.64 7.51
N VAL H 100 8.15 5.02 8.69
CA VAL H 100 8.92 5.42 9.86
C VAL H 100 10.39 5.12 9.68
N ALA H 101 10.71 3.95 9.12
CA ALA H 101 12.10 3.60 8.86
C ALA H 101 12.72 4.45 7.75
N MET H 102 11.91 4.90 6.79
CA MET H 102 12.43 5.74 5.71
C MET H 102 12.65 7.17 6.18
N GLU H 103 11.74 7.71 6.99
CA GLU H 103 11.90 9.07 7.51
C GLU H 103 12.88 9.15 8.66
N ASN H 104 13.33 8.02 9.21
CA ASN H 104 14.46 8.04 10.13
C ASN H 104 15.78 8.14 9.39
N GLN H 105 15.84 7.60 8.17
CA GLN H 105 17.02 7.79 7.35
C GLN H 105 17.10 9.22 6.82
N HIS H 106 15.95 9.86 6.60
CA HIS H 106 15.94 11.22 6.10
C HIS H 106 16.20 12.24 7.19
N THR H 107 15.72 11.98 8.41
CA THR H 107 15.95 12.89 9.53
C THR H 107 17.42 12.92 9.92
N ILE H 108 18.03 11.72 10.02
CA ILE H 108 19.44 11.61 10.36
C ILE H 108 20.32 12.27 9.28
N ASP H 109 19.95 12.10 8.01
CA ASP H 109 20.77 12.64 6.93
C ASP H 109 20.57 14.14 6.71
N LEU H 110 19.41 14.70 7.05
CA LEU H 110 19.24 16.15 6.89
C LEU H 110 19.97 16.92 7.99
N ALA H 111 20.00 16.40 9.21
CA ALA H 111 20.77 17.02 10.27
C ALA H 111 22.27 16.81 10.11
N ASP H 112 22.68 15.79 9.34
CA ASP H 112 24.09 15.61 9.04
C ASP H 112 24.55 16.47 7.87
N SER H 113 23.63 16.97 7.05
CA SER H 113 24.01 17.85 5.96
C SER H 113 23.93 19.32 6.35
N GLU H 114 23.25 19.63 7.45
CA GLU H 114 23.29 20.99 7.97
C GLU H 114 24.61 21.27 8.66
N MET H 115 25.20 20.27 9.30
CA MET H 115 26.54 20.43 9.85
C MET H 115 27.59 20.50 8.75
N ASP H 116 27.37 19.82 7.63
CA ASP H 116 28.26 19.95 6.49
C ASP H 116 28.15 21.31 5.84
N LYS H 117 26.93 21.84 5.73
CA LYS H 117 26.73 23.15 5.11
C LYS H 117 27.30 24.27 5.94
N LEU H 118 27.33 24.11 7.26
CA LEU H 118 27.99 25.07 8.13
C LEU H 118 29.51 24.97 8.00
N TYR H 119 30.02 23.81 7.56
CA TYR H 119 31.46 23.62 7.46
C TYR H 119 32.05 24.24 6.20
N GLU H 120 31.39 24.14 5.05
CA GLU H 120 31.91 24.81 3.87
C GLU H 120 31.53 26.29 3.81
N ARG H 121 30.66 26.74 4.72
CA ARG H 121 30.41 28.18 4.81
C ARG H 121 31.58 28.90 5.47
N VAL H 122 32.11 28.31 6.54
CA VAL H 122 33.27 28.87 7.22
C VAL H 122 34.52 28.66 6.37
N LYS H 123 34.59 27.54 5.64
CA LYS H 123 35.76 27.22 4.83
C LYS H 123 35.95 28.21 3.68
N ARG H 124 34.86 28.71 3.09
CA ARG H 124 34.97 29.71 2.05
C ARG H 124 35.08 31.12 2.60
N GLN H 125 34.83 31.31 3.89
CA GLN H 125 35.14 32.59 4.54
C GLN H 125 36.63 32.74 4.75
N LEU H 126 37.23 31.81 5.51
CA LEU H 126 38.67 31.72 5.69
C LEU H 126 39.25 31.12 4.41
N ARG H 127 39.54 31.99 3.44
CA ARG H 127 39.90 31.52 2.11
C ARG H 127 41.32 30.95 2.10
N GLU H 128 42.31 31.76 2.44
CA GLU H 128 43.69 31.32 2.50
C GLU H 128 44.33 31.58 3.86
N ASN H 129 43.53 31.94 4.86
CA ASN H 129 44.05 32.27 6.18
C ASN H 129 43.94 31.13 7.17
N ALA H 130 43.37 29.99 6.77
CA ALA H 130 43.20 28.87 7.69
C ALA H 130 43.31 27.57 6.93
N GLU H 131 43.67 26.51 7.68
CA GLU H 131 43.81 25.17 7.13
C GLU H 131 42.98 24.21 7.95
N GLU H 132 42.45 23.20 7.28
CA GLU H 132 41.61 22.20 7.95
C GLU H 132 42.45 21.24 8.75
N ASP H 133 42.03 20.99 10.00
CA ASP H 133 42.76 20.08 10.87
C ASP H 133 42.50 18.63 10.50
N GLY H 134 41.25 18.30 10.16
CA GLY H 134 40.85 16.93 9.88
C GLY H 134 39.83 16.38 10.86
N THR H 135 39.59 17.05 11.98
CA THR H 135 38.59 16.65 12.96
C THR H 135 37.36 17.54 12.96
N GLY H 136 37.30 18.54 12.08
CA GLY H 136 36.24 19.50 12.06
C GLY H 136 36.62 20.88 12.55
N CYS H 137 37.90 21.20 12.58
CA CYS H 137 38.40 22.48 13.07
C CYS H 137 39.27 23.12 12.01
N PHE H 138 39.43 24.44 12.12
CA PHE H 138 40.25 25.23 11.22
C PHE H 138 41.42 25.84 11.99
N GLU H 139 42.62 25.67 11.47
CA GLU H 139 43.83 26.21 12.08
C GLU H 139 44.09 27.59 11.48
N ILE H 140 43.66 28.64 12.19
CA ILE H 140 43.85 30.01 11.71
C ILE H 140 45.31 30.40 11.88
N PHE H 141 45.90 30.96 10.83
CA PHE H 141 47.31 31.31 10.80
C PHE H 141 47.56 32.79 11.04
N HIS H 142 46.65 33.47 11.75
CA HIS H 142 46.87 34.84 12.19
C HIS H 142 46.28 35.01 13.58
N LYS H 143 46.67 36.10 14.24
CA LYS H 143 46.23 36.38 15.60
C LYS H 143 44.78 36.87 15.55
N CYS H 144 43.84 35.94 15.77
CA CYS H 144 42.41 36.21 15.70
C CYS H 144 41.87 36.29 17.12
N ASP H 145 41.51 37.50 17.57
CA ASP H 145 41.07 37.70 18.95
C ASP H 145 39.57 37.44 19.07
N ASP H 146 38.98 37.86 20.19
CA ASP H 146 37.62 37.43 20.54
C ASP H 146 36.55 38.11 19.70
N ASP H 147 36.84 39.27 19.11
CA ASP H 147 35.92 39.88 18.16
C ASP H 147 36.21 39.47 16.72
N CYS H 148 37.44 39.04 16.44
CA CYS H 148 37.72 38.35 15.17
C CYS H 148 36.99 37.03 15.10
N MET H 149 37.00 36.26 16.19
CA MET H 149 36.29 34.98 16.24
C MET H 149 34.79 35.17 16.16
N ALA H 150 34.28 36.34 16.60
CA ALA H 150 32.87 36.65 16.43
C ALA H 150 32.54 36.95 14.97
N SER H 151 33.51 37.41 14.18
CA SER H 151 33.27 37.74 12.78
C SER H 151 33.12 36.51 11.89
N ILE H 152 33.76 35.39 12.22
CA ILE H 152 33.48 34.16 11.51
C ILE H 152 32.09 33.66 11.86
N ARG H 153 31.65 33.86 13.11
CA ARG H 153 30.37 33.34 13.58
C ARG H 153 29.19 34.03 12.91
N ASN H 154 29.29 35.33 12.64
CA ASN H 154 28.15 36.09 12.12
C ASN H 154 28.35 36.55 10.67
N ASN H 155 29.23 35.85 9.94
CA ASN H 155 29.39 35.98 8.48
C ASN H 155 29.84 37.38 8.06
N THR H 156 30.69 38.00 8.88
CA THR H 156 31.25 39.31 8.56
C THR H 156 32.76 39.28 8.44
N TYR H 157 33.35 38.11 8.19
CA TYR H 157 34.79 37.98 8.06
C TYR H 157 35.25 38.52 6.72
N ASP H 158 36.35 39.27 6.72
CA ASP H 158 36.98 39.76 5.50
C ASP H 158 38.38 39.16 5.46
N HIS H 159 38.63 38.30 4.48
CA HIS H 159 39.90 37.58 4.42
C HIS H 159 41.04 38.46 3.93
N SER H 160 40.76 39.55 3.23
CA SER H 160 41.81 40.41 2.71
C SER H 160 42.43 41.31 3.77
N LYS H 161 41.79 41.43 4.94
CA LYS H 161 42.39 42.19 6.04
C LYS H 161 43.58 41.46 6.64
N TYR H 162 43.55 40.12 6.65
CA TYR H 162 44.61 39.32 7.24
C TYR H 162 45.35 38.48 6.20
N ARG H 163 45.21 38.78 4.91
CA ARG H 163 45.75 37.90 3.88
C ARG H 163 47.26 38.00 3.78
N GLU H 164 47.82 39.20 3.95
CA GLU H 164 49.27 39.34 3.84
C GLU H 164 49.98 38.83 5.09
N GLU H 165 49.28 38.80 6.22
CA GLU H 165 49.84 38.30 7.48
C GLU H 165 49.78 36.78 7.57
N ALA H 166 48.64 36.19 7.21
CA ALA H 166 48.46 34.75 7.32
C ALA H 166 49.15 33.99 6.20
N MET H 167 49.60 34.66 5.13
CA MET H 167 50.34 33.98 4.08
C MET H 167 51.83 33.90 4.39
N GLN H 168 52.34 34.83 5.21
CA GLN H 168 53.72 34.72 5.68
C GLN H 168 53.88 33.55 6.64
N ASN H 169 52.84 33.20 7.38
CA ASN H 169 52.92 32.13 8.36
C ASN H 169 52.70 30.75 7.75
N ARG H 170 52.24 30.66 6.51
CA ARG H 170 51.93 29.38 5.90
C ARG H 170 53.02 28.87 4.97
N ILE H 171 53.45 29.68 4.00
CA ILE H 171 54.40 29.20 3.00
C ILE H 171 55.86 29.38 3.43
N GLN H 172 56.14 30.29 4.36
CA GLN H 172 57.51 30.62 4.73
C GLN H 172 57.89 30.08 6.11
N ILE H 173 57.10 30.38 7.14
CA ILE H 173 57.42 29.93 8.48
C ILE H 173 57.03 28.47 8.65
N ASP I 1 -11.02 22.17 12.11
CA ASP I 1 -11.97 23.04 12.76
C ASP I 1 -11.85 22.95 14.29
N ILE I 2 -10.78 23.53 14.82
CA ILE I 2 -10.54 23.56 16.25
C ILE I 2 -11.24 24.79 16.83
N VAL I 3 -12.08 24.56 17.84
CA VAL I 3 -12.89 25.61 18.45
C VAL I 3 -12.41 25.81 19.88
N MET I 4 -11.98 27.03 20.20
CA MET I 4 -11.50 27.36 21.54
C MET I 4 -12.65 27.92 22.37
N THR I 5 -12.83 27.38 23.57
CA THR I 5 -13.87 27.81 24.48
C THR I 5 -13.22 28.26 25.79
N GLN I 6 -13.37 29.53 26.12
CA GLN I 6 -12.78 30.10 27.32
C GLN I 6 -13.80 30.21 28.44
N SER I 7 -13.30 30.40 29.65
CA SER I 7 -14.10 30.47 30.86
C SER I 7 -13.28 31.18 31.92
N PRO I 8 -13.90 31.90 32.87
CA PRO I 8 -15.33 32.08 33.19
C PRO I 8 -15.99 33.28 32.51
N LEU I 9 -15.39 33.77 31.41
CA LEU I 9 -15.90 34.80 30.50
C LEU I 9 -15.86 36.21 31.10
N SER I 10 -15.57 36.30 32.41
CA SER I 10 -15.36 37.52 33.19
C SER I 10 -14.83 37.08 34.54
N LEU I 11 -14.00 37.92 35.16
CA LEU I 11 -13.39 37.55 36.44
C LEU I 11 -13.05 38.82 37.21
N SER I 12 -13.88 39.17 38.18
CA SER I 12 -13.57 40.25 39.10
C SER I 12 -12.58 39.75 40.15
N VAL I 13 -11.43 40.40 40.25
CA VAL I 13 -10.33 39.92 41.08
C VAL I 13 -10.03 40.97 42.15
N THR I 14 -9.29 40.52 43.17
CA THR I 14 -8.80 41.33 44.27
C THR I 14 -7.28 41.40 44.20
N PRO I 15 -6.69 42.60 44.33
CA PRO I 15 -5.23 42.71 44.22
C PRO I 15 -4.50 42.08 45.39
N GLY I 16 -4.28 40.77 45.31
CA GLY I 16 -3.64 40.02 46.36
C GLY I 16 -4.18 38.61 46.51
N GLU I 17 -5.24 38.30 45.75
CA GLU I 17 -5.79 36.96 45.69
C GLU I 17 -5.58 36.39 44.29
N PRO I 18 -5.22 35.10 44.18
CA PRO I 18 -4.90 34.52 42.87
C PRO I 18 -6.12 34.40 41.97
N ALA I 19 -5.84 34.24 40.68
CA ALA I 19 -6.87 34.08 39.67
C ALA I 19 -6.48 32.94 38.74
N SER I 20 -7.46 32.47 37.97
CA SER I 20 -7.24 31.33 37.08
C SER I 20 -8.21 31.40 35.91
N ILE I 21 -7.67 31.34 34.70
CA ILE I 21 -8.46 31.39 33.47
C ILE I 21 -8.21 30.10 32.72
N SER I 22 -9.30 29.42 32.34
CA SER I 22 -9.21 28.15 31.64
C SER I 22 -9.71 28.29 30.20
N CYS I 23 -9.08 27.54 29.31
CA CYS I 23 -9.43 27.56 27.89
C CYS I 23 -9.28 26.15 27.36
N ARG I 24 -10.41 25.50 27.07
CA ARG I 24 -10.41 24.11 26.62
C ARG I 24 -10.63 24.04 25.12
N SER I 25 -9.90 23.14 24.48
CA SER I 25 -9.89 22.97 23.04
C SER I 25 -10.89 21.91 22.60
N SER I 26 -11.23 21.93 21.31
CA SER I 26 -12.07 20.89 20.74
C SER I 26 -11.26 19.65 20.36
N HIS I 27 -10.17 19.84 19.63
CA HIS I 27 -9.25 18.77 19.28
C HIS I 27 -7.98 18.89 20.11
N SER I 28 -7.17 17.83 20.07
CA SER I 28 -5.92 17.82 20.82
C SER I 28 -4.90 18.76 20.19
N LEU I 29 -4.26 19.56 21.05
CA LEU I 29 -3.24 20.51 20.62
C LEU I 29 -1.83 19.99 20.79
N LEU I 30 -1.65 18.69 20.99
CA LEU I 30 -0.33 18.13 21.24
C LEU I 30 0.28 17.62 19.95
N HIS I 31 1.36 18.26 19.51
CA HIS I 31 2.07 17.89 18.29
C HIS I 31 2.86 16.61 18.49
N LEU I 32 3.44 16.11 17.40
CA LEU I 32 4.29 14.93 17.48
C LEU I 32 5.63 15.21 18.16
N ASN I 33 6.07 16.47 18.17
CA ASN I 33 7.32 16.81 18.85
C ASN I 33 7.16 16.98 20.36
N GLY I 34 5.96 16.79 20.89
CA GLY I 34 5.77 16.79 22.32
C GLY I 34 5.44 18.13 22.94
N TYR I 35 4.98 19.09 22.15
CA TYR I 35 4.65 20.42 22.64
C TYR I 35 3.17 20.70 22.40
N ASN I 36 2.58 21.46 23.33
CA ASN I 36 1.17 21.86 23.23
C ASN I 36 1.10 23.25 22.64
N TYR I 37 0.50 23.37 21.46
CA TYR I 37 0.50 24.62 20.72
C TYR I 37 -0.66 25.48 21.19
N LEU I 38 -0.45 26.12 22.34
CA LEU I 38 -1.41 27.05 22.92
C LEU I 38 -0.65 28.27 23.43
N ASP I 39 -1.11 29.46 23.04
CA ASP I 39 -0.50 30.72 23.44
C ASP I 39 -1.48 31.53 24.26
N TRP I 40 -0.98 32.18 25.31
CA TRP I 40 -1.78 33.04 26.18
C TRP I 40 -1.40 34.49 25.92
N TYR I 41 -2.40 35.33 25.68
CA TYR I 41 -2.20 36.73 25.34
C TYR I 41 -2.94 37.63 26.33
N LEU I 42 -2.40 38.82 26.52
CA LEU I 42 -3.06 39.87 27.29
C LEU I 42 -3.08 41.14 26.46
N GLN I 43 -4.27 41.67 26.21
CA GLN I 43 -4.43 42.93 25.50
C GLN I 43 -5.05 43.95 26.46
N LYS I 44 -4.29 44.98 26.79
CA LYS I 44 -4.80 46.08 27.58
C LYS I 44 -5.68 46.98 26.70
N PRO I 45 -6.56 47.80 27.31
CA PRO I 45 -7.36 48.73 26.50
C PRO I 45 -6.53 49.83 25.84
N GLY I 46 -6.41 49.77 24.52
CA GLY I 46 -5.69 50.77 23.75
C GLY I 46 -4.31 50.35 23.28
N GLN I 47 -3.84 49.16 23.65
CA GLN I 47 -2.50 48.71 23.30
C GLN I 47 -2.56 47.43 22.48
N SER I 48 -1.40 47.05 21.95
CA SER I 48 -1.25 45.79 21.23
C SER I 48 -1.32 44.63 22.21
N PRO I 49 -1.66 43.43 21.74
CA PRO I 49 -1.62 42.26 22.62
C PRO I 49 -0.20 41.91 23.04
N GLN I 50 -0.08 41.38 24.25
CA GLN I 50 1.20 41.01 24.84
C GLN I 50 1.25 39.51 25.03
N LEU I 51 2.35 38.89 24.57
CA LEU I 51 2.49 37.45 24.74
C LEU I 51 2.93 37.13 26.16
N LEU I 52 2.27 36.14 26.76
CA LEU I 52 2.53 35.73 28.12
C LEU I 52 3.12 34.32 28.19
N ILE I 53 2.42 33.34 27.63
CA ILE I 53 2.90 31.96 27.53
C ILE I 53 2.88 31.58 26.07
N TYR I 54 3.95 30.93 25.58
CA TYR I 54 4.05 30.69 24.15
C TYR I 54 4.03 29.24 23.70
N LEU I 55 4.17 28.26 24.58
CA LEU I 55 3.98 26.87 24.17
C LEU I 55 3.27 26.07 25.25
N GLY I 56 2.25 26.66 25.85
CA GLY I 56 1.48 26.01 26.91
C GLY I 56 2.02 26.23 28.31
N SER I 57 3.34 26.22 28.46
CA SER I 57 3.96 26.32 29.78
C SER I 57 5.13 27.27 29.88
N ASN I 58 5.63 27.85 28.79
CA ASN I 58 6.88 28.60 28.79
C ASN I 58 6.59 30.10 28.82
N ARG I 59 7.16 30.79 29.80
CA ARG I 59 6.97 32.23 29.91
C ARG I 59 7.79 32.98 28.87
N ALA I 60 7.28 34.14 28.46
CA ALA I 60 7.93 34.98 27.46
C ALA I 60 9.03 35.81 28.13
N SER I 61 9.55 36.80 27.40
CA SER I 61 10.72 37.55 27.86
C SER I 61 10.37 38.55 28.95
N GLY I 62 9.52 39.52 28.64
CA GLY I 62 9.22 40.58 29.59
C GLY I 62 8.00 40.33 30.45
N VAL I 63 7.81 39.08 30.86
CA VAL I 63 6.67 38.65 31.65
C VAL I 63 7.16 38.32 33.04
N PRO I 64 6.52 38.81 34.11
CA PRO I 64 6.94 38.46 35.47
C PRO I 64 6.55 37.03 35.81
N ASP I 65 7.03 36.60 36.99
CA ASP I 65 6.79 35.24 37.46
C ASP I 65 5.40 35.05 38.07
N ARG I 66 4.55 36.08 38.04
CA ARG I 66 3.17 35.90 38.47
C ARG I 66 2.39 34.98 37.53
N PHE I 67 2.64 35.10 36.23
CA PHE I 67 1.88 34.36 35.23
C PHE I 67 2.48 32.98 35.02
N SER I 68 1.65 31.95 35.14
CA SER I 68 2.09 30.57 34.94
C SER I 68 1.13 29.88 33.98
N GLY I 69 1.65 28.90 33.27
CA GLY I 69 0.84 28.13 32.33
C GLY I 69 1.00 26.64 32.57
N SER I 70 -0.14 25.95 32.60
CA SER I 70 -0.16 24.51 32.77
C SER I 70 -1.23 23.92 31.85
N GLY I 71 -1.32 22.61 31.84
CA GLY I 71 -2.29 21.90 31.02
C GLY I 71 -1.64 21.20 29.83
N SER I 72 -2.34 20.20 29.33
CA SER I 72 -1.88 19.43 28.17
C SER I 72 -3.09 18.81 27.50
N GLY I 73 -2.91 18.49 26.21
CA GLY I 73 -3.98 17.88 25.45
C GLY I 73 -5.01 18.88 24.98
N THR I 74 -6.20 18.85 25.56
CA THR I 74 -7.27 19.77 25.21
C THR I 74 -7.58 20.79 26.30
N ASP I 75 -7.31 20.46 27.56
CA ASP I 75 -7.67 21.31 28.70
C ASP I 75 -6.45 22.10 29.16
N PHE I 76 -6.60 23.42 29.26
CA PHE I 76 -5.50 24.31 29.60
C PHE I 76 -5.98 25.37 30.56
N THR I 77 -5.08 25.78 31.47
CA THR I 77 -5.38 26.81 32.46
C THR I 77 -4.24 27.81 32.53
N LEU I 78 -4.57 29.11 32.50
CA LEU I 78 -3.64 30.15 32.87
C LEU I 78 -3.78 30.42 34.35
N LYS I 79 -2.66 30.69 35.01
CA LYS I 79 -2.64 30.81 36.46
C LYS I 79 -1.80 32.03 36.86
N ILE I 80 -2.38 32.87 37.72
CA ILE I 80 -1.70 34.03 38.25
C ILE I 80 -1.51 33.81 39.75
N SER I 81 -0.26 33.89 40.22
CA SER I 81 0.03 33.59 41.61
C SER I 81 -0.47 34.68 42.54
N ARG I 82 -0.34 35.94 42.12
CA ARG I 82 -0.97 37.05 42.81
C ARG I 82 -1.22 38.16 41.80
N VAL I 83 -2.33 38.84 41.95
CA VAL I 83 -2.78 39.82 40.95
C VAL I 83 -2.38 41.22 41.41
N GLU I 84 -1.82 41.99 40.50
CA GLU I 84 -1.53 43.40 40.71
C GLU I 84 -2.55 44.24 39.96
N ALA I 85 -2.44 45.56 40.10
CA ALA I 85 -3.35 46.46 39.41
C ALA I 85 -3.00 46.63 37.94
N GLU I 86 -1.83 46.17 37.51
CA GLU I 86 -1.42 46.23 36.12
C GLU I 86 -1.79 44.98 35.33
N ASP I 87 -2.60 44.09 35.92
CA ASP I 87 -2.97 42.83 35.28
C ASP I 87 -4.43 42.81 34.85
N VAL I 88 -5.01 43.97 34.57
CA VAL I 88 -6.37 44.04 34.06
C VAL I 88 -6.33 44.00 32.53
N GLY I 89 -7.48 43.71 31.93
CA GLY I 89 -7.60 43.61 30.50
C GLY I 89 -8.24 42.30 30.11
N ILE I 90 -8.12 41.96 28.82
CA ILE I 90 -8.78 40.80 28.24
C ILE I 90 -7.72 39.76 27.90
N TYR I 91 -7.96 38.51 28.31
CA TYR I 91 -7.02 37.42 28.11
C TYR I 91 -7.55 36.49 27.03
N TYR I 92 -6.76 36.30 25.98
CA TYR I 92 -7.12 35.41 24.87
C TYR I 92 -6.20 34.21 24.86
N CYS I 93 -6.77 33.04 24.57
CA CYS I 93 -6.00 31.85 24.25
C CYS I 93 -6.00 31.66 22.73
N MET I 94 -4.88 31.16 22.21
CA MET I 94 -4.71 31.05 20.77
C MET I 94 -3.95 29.76 20.45
N GLN I 95 -4.52 28.94 19.57
CA GLN I 95 -3.90 27.69 19.15
C GLN I 95 -3.23 27.85 17.80
N ALA I 96 -2.13 27.13 17.61
CA ALA I 96 -1.36 27.20 16.38
C ALA I 96 -0.90 25.81 15.94
N LEU I 97 -1.80 24.83 16.00
CA LEU I 97 -1.40 23.46 15.69
C LEU I 97 -1.22 23.24 14.19
N ARG I 98 -2.23 23.55 13.39
CA ARG I 98 -2.19 23.35 11.95
C ARG I 98 -2.52 24.65 11.24
N THR I 99 -1.64 25.07 10.34
CA THR I 99 -1.83 26.28 9.55
C THR I 99 -2.75 26.20 8.31
N PRO I 100 -2.88 25.11 7.55
CA PRO I 100 -3.88 25.11 6.45
C PRO I 100 -5.32 25.19 6.95
N PRO I 101 -5.66 24.70 8.18
CA PRO I 101 -6.86 25.25 8.83
C PRO I 101 -6.69 26.70 9.23
N GLY I 102 -5.61 27.01 9.94
CA GLY I 102 -5.31 28.35 10.38
C GLY I 102 -5.11 28.43 11.87
N LEU I 103 -4.80 29.64 12.32
CA LEU I 103 -4.69 29.97 13.73
C LEU I 103 -5.99 30.63 14.18
N THR I 104 -6.49 30.23 15.35
CA THR I 104 -7.72 30.79 15.88
C THR I 104 -7.51 31.26 17.31
N PHE I 105 -8.32 32.24 17.71
CA PHE I 105 -8.26 32.82 19.04
C PHE I 105 -9.44 32.37 19.88
N GLY I 106 -9.32 32.57 21.19
CA GLY I 106 -10.42 32.35 22.10
C GLY I 106 -11.37 33.52 22.12
N GLY I 107 -12.39 33.41 22.97
CA GLY I 107 -13.37 34.46 23.07
C GLY I 107 -12.92 35.66 23.88
N GLY I 108 -12.10 35.43 24.90
CA GLY I 108 -11.65 36.50 25.75
C GLY I 108 -12.19 36.38 27.16
N THR I 109 -11.49 36.99 28.10
CA THR I 109 -11.87 36.96 29.52
C THR I 109 -11.50 38.31 30.12
N LYS I 110 -12.49 39.14 30.40
CA LYS I 110 -12.25 40.44 31.02
C LYS I 110 -11.95 40.27 32.50
N VAL I 111 -10.86 40.89 32.94
CA VAL I 111 -10.40 40.82 34.32
C VAL I 111 -10.36 42.24 34.87
N ASP I 112 -11.17 42.53 35.88
CA ASP I 112 -11.22 43.84 36.49
C ASP I 112 -11.06 43.72 38.01
N ILE I 113 -10.73 44.85 38.63
CA ILE I 113 -10.46 44.90 40.06
C ILE I 113 -11.77 44.98 40.81
N LYS I 114 -11.96 44.09 41.78
CA LYS I 114 -13.15 44.08 42.61
C LYS I 114 -12.88 44.76 43.94
N GLN J 1 11.83 45.47 15.85
CA GLN J 1 10.53 46.05 16.17
C GLN J 1 9.81 46.48 14.90
N LEU J 2 8.48 46.40 14.93
CA LEU J 2 7.64 46.65 13.76
C LEU J 2 6.97 48.01 13.87
N VAL J 3 6.89 48.72 12.74
CA VAL J 3 6.27 50.03 12.66
C VAL J 3 5.35 50.03 11.45
N GLN J 4 4.06 50.30 11.68
CA GLN J 4 3.07 50.25 10.62
C GLN J 4 2.81 51.64 10.04
N SER J 5 1.89 51.69 9.09
CA SER J 5 1.48 52.93 8.44
C SER J 5 0.30 53.56 9.20
N GLY J 6 -0.01 54.80 8.83
CA GLY J 6 -1.02 55.55 9.52
C GLY J 6 -2.44 55.09 9.20
N ALA J 7 -3.40 55.81 9.79
CA ALA J 7 -4.80 55.46 9.63
C ALA J 7 -5.30 55.83 8.24
N GLU J 8 -6.30 55.09 7.77
CA GLU J 8 -6.84 55.27 6.42
C GLU J 8 -8.35 55.19 6.46
N VAL J 9 -9.00 56.07 5.71
CA VAL J 9 -10.45 56.08 5.56
C VAL J 9 -10.76 55.71 4.12
N LYS J 10 -11.62 54.70 3.94
CA LYS J 10 -11.93 54.17 2.62
C LYS J 10 -13.44 54.13 2.44
N LYS J 11 -13.85 53.79 1.22
CA LYS J 11 -15.25 53.64 0.84
C LYS J 11 -15.53 52.19 0.51
N PRO J 12 -16.78 51.74 0.66
CA PRO J 12 -17.12 50.35 0.33
C PRO J 12 -16.93 50.04 -1.16
N GLY J 13 -16.03 49.10 -1.44
CA GLY J 13 -15.67 48.73 -2.79
C GLY J 13 -14.21 49.00 -3.14
N ALA J 14 -13.54 49.86 -2.39
CA ALA J 14 -12.14 50.19 -2.66
C ALA J 14 -11.23 49.12 -2.05
N SER J 15 -9.93 49.41 -2.00
CA SER J 15 -8.94 48.49 -1.45
C SER J 15 -7.99 49.25 -0.55
N VAL J 16 -7.68 48.66 0.60
CA VAL J 16 -6.79 49.24 1.59
C VAL J 16 -5.47 48.47 1.55
N LYS J 17 -4.36 49.19 1.69
CA LYS J 17 -3.04 48.55 1.72
C LYS J 17 -2.26 49.07 2.92
N VAL J 18 -1.84 48.16 3.79
CA VAL J 18 -1.16 48.50 5.03
C VAL J 18 0.32 48.13 4.90
N SER J 19 1.18 48.91 5.52
CA SER J 19 2.62 48.68 5.52
C SER J 19 3.08 48.20 6.88
N CYS J 20 4.22 47.51 6.89
CA CYS J 20 4.80 46.99 8.13
C CYS J 20 6.30 46.82 7.90
N LYS J 21 7.11 47.75 8.42
CA LYS J 21 8.55 47.75 8.19
C LYS J 21 9.25 47.04 9.35
N ALA J 22 9.73 45.83 9.11
CA ALA J 22 10.48 45.07 10.10
C ALA J 22 11.90 45.61 10.16
N SER J 23 12.20 46.41 11.19
CA SER J 23 13.49 47.09 11.32
C SER J 23 14.35 46.34 12.34
N GLY J 24 15.43 45.73 11.86
CA GLY J 24 16.40 45.13 12.75
C GLY J 24 16.42 43.62 12.75
N TYR J 25 16.08 43.01 11.62
CA TYR J 25 15.96 41.56 11.51
C TYR J 25 17.11 41.00 10.68
N THR J 26 17.91 40.13 11.28
CA THR J 26 19.02 39.49 10.61
C THR J 26 18.72 38.07 10.17
N PHE J 27 17.61 37.49 10.64
CA PHE J 27 17.21 36.15 10.19
C PHE J 27 16.35 36.23 8.94
N THR J 28 15.22 36.94 9.02
CA THR J 28 14.25 37.15 7.93
C THR J 28 13.76 35.83 7.33
N GLY J 29 13.61 34.82 8.19
CA GLY J 29 13.12 33.52 7.77
C GLY J 29 12.05 33.01 8.72
N TYR J 30 11.56 33.91 9.56
CA TYR J 30 10.49 33.61 10.49
C TYR J 30 9.15 33.70 9.76
N TYR J 31 8.06 33.74 10.52
CA TYR J 31 6.75 33.97 9.95
C TYR J 31 6.18 35.28 10.47
N LEU J 32 5.65 36.09 9.57
CA LEU J 32 4.99 37.33 9.94
C LEU J 32 3.49 37.15 9.74
N HIS J 33 2.71 37.49 10.76
CA HIS J 33 1.28 37.28 10.77
C HIS J 33 0.55 38.61 10.78
N TRP J 34 -0.56 38.67 10.06
CA TRP J 34 -1.48 39.79 10.11
C TRP J 34 -2.75 39.32 10.83
N VAL J 35 -3.13 40.03 11.88
CA VAL J 35 -4.38 39.73 12.57
C VAL J 35 -5.28 40.96 12.53
N ARG J 36 -6.49 40.83 13.04
CA ARG J 36 -7.50 41.86 12.90
C ARG J 36 -8.34 41.92 14.17
N GLN J 37 -8.72 43.13 14.58
CA GLN J 37 -9.56 43.31 15.77
C GLN J 37 -10.60 44.39 15.48
N ALA J 38 -11.84 43.97 15.26
CA ALA J 38 -12.94 44.91 15.14
C ALA J 38 -13.23 45.57 16.48
N PRO J 39 -13.75 46.82 16.47
CA PRO J 39 -14.08 47.48 17.74
C PRO J 39 -15.22 46.80 18.49
N GLY J 40 -14.91 46.24 19.65
CA GLY J 40 -15.88 45.51 20.43
C GLY J 40 -15.65 44.01 20.39
N GLN J 41 -15.27 43.49 19.22
CA GLN J 41 -15.05 42.07 19.05
C GLN J 41 -13.61 41.71 19.43
N GLY J 42 -13.23 40.45 19.23
CA GLY J 42 -11.91 39.96 19.58
C GLY J 42 -10.95 39.93 18.41
N LEU J 43 -9.81 39.29 18.65
CA LEU J 43 -8.78 39.19 17.63
C LEU J 43 -9.19 38.17 16.56
N GLU J 44 -8.68 38.38 15.34
CA GLU J 44 -9.06 37.57 14.20
C GLU J 44 -7.86 37.41 13.28
N TRP J 45 -7.36 36.19 13.16
CA TRP J 45 -6.18 35.92 12.36
C TRP J 45 -6.51 35.97 10.88
N MET J 46 -5.72 36.74 10.12
CA MET J 46 -5.94 36.83 8.67
C MET J 46 -5.05 35.85 7.91
N GLY J 47 -3.73 35.99 8.05
CA GLY J 47 -2.84 35.17 7.27
C GLY J 47 -1.42 35.18 7.81
N ARG J 48 -0.52 34.61 7.02
CA ARG J 48 0.87 34.39 7.41
C ARG J 48 1.71 34.33 6.15
N ILE J 49 2.87 34.98 6.16
CA ILE J 49 3.73 35.06 4.99
C ILE J 49 5.16 34.66 5.38
N ASN J 50 5.84 34.00 4.44
CA ASN J 50 7.24 33.64 4.59
C ASN J 50 8.12 34.64 3.86
N PRO J 51 8.97 35.41 4.55
CA PRO J 51 9.81 36.38 3.85
C PRO J 51 10.92 35.77 3.01
N ASP J 52 11.27 34.48 3.21
CA ASP J 52 12.27 33.85 2.36
C ASP J 52 11.73 33.60 0.96
N THR J 53 10.58 32.92 0.87
CA THR J 53 10.05 32.48 -0.41
C THR J 53 8.90 33.34 -0.90
N GLY J 54 8.00 33.75 -0.02
CA GLY J 54 6.78 34.42 -0.41
C GLY J 54 5.54 33.57 -0.29
N GLY J 55 5.63 32.40 0.32
CA GLY J 55 4.50 31.51 0.44
C GLY J 55 3.53 31.97 1.50
N THR J 56 2.29 32.21 1.11
CA THR J 56 1.27 32.75 2.00
C THR J 56 0.29 31.65 2.40
N ASN J 57 -0.36 31.86 3.55
CA ASN J 57 -1.39 30.97 4.05
C ASN J 57 -2.48 31.84 4.67
N TYR J 58 -3.54 32.11 3.90
CA TYR J 58 -4.64 32.92 4.38
C TYR J 58 -5.66 32.05 5.11
N ALA J 59 -6.58 32.71 5.82
CA ALA J 59 -7.71 32.02 6.41
C ALA J 59 -8.76 31.76 5.34
N GLN J 60 -9.69 30.85 5.65
CA GLN J 60 -10.76 30.55 4.71
C GLN J 60 -11.77 31.69 4.62
N LYS J 61 -11.89 32.49 5.69
CA LYS J 61 -12.75 33.66 5.65
C LYS J 61 -12.18 34.73 4.74
N PHE J 62 -10.86 34.92 4.79
CA PHE J 62 -10.18 35.96 4.03
C PHE J 62 -9.51 35.40 2.76
N GLN J 63 -10.08 34.34 2.20
CA GLN J 63 -9.49 33.69 1.03
C GLN J 63 -10.04 34.30 -0.25
N GLY J 64 -9.16 34.77 -1.12
CA GLY J 64 -9.56 35.34 -2.38
C GLY J 64 -9.41 36.84 -2.45
N ARG J 65 -9.69 37.52 -1.33
CA ARG J 65 -9.68 38.98 -1.29
C ARG J 65 -8.53 39.53 -0.43
N VAL J 66 -7.49 38.73 -0.20
CA VAL J 66 -6.31 39.16 0.54
C VAL J 66 -5.08 38.79 -0.28
N SER J 67 -4.20 39.76 -0.49
CA SER J 67 -2.90 39.52 -1.13
C SER J 67 -1.82 40.13 -0.25
N MET J 68 -0.88 39.31 0.20
CA MET J 68 0.23 39.75 1.04
C MET J 68 1.53 39.60 0.27
N THR J 69 2.30 40.68 0.18
CA THR J 69 3.59 40.70 -0.47
C THR J 69 4.61 41.31 0.47
N ARG J 70 5.88 41.30 0.04
CA ARG J 70 6.95 41.91 0.82
C ARG J 70 8.02 42.40 -0.14
N ASP J 71 8.87 43.29 0.37
CA ASP J 71 9.99 43.86 -0.37
C ASP J 71 11.20 43.78 0.55
N MET J 72 11.99 42.71 0.40
CA MET J 72 13.05 42.40 1.36
C MET J 72 14.27 43.31 1.23
N SER J 73 14.35 44.14 0.19
CA SER J 73 15.44 45.10 0.09
C SER J 73 15.26 46.22 1.11
N ILE J 74 14.06 46.79 1.19
CA ILE J 74 13.76 47.81 2.19
C ILE J 74 13.18 47.22 3.47
N SER J 75 13.00 45.89 3.53
CA SER J 75 12.43 45.14 4.65
C SER J 75 11.06 45.69 5.05
N THR J 76 10.12 45.58 4.12
CA THR J 76 8.78 46.12 4.29
C THR J 76 7.76 45.10 3.79
N HIS J 77 6.78 44.80 4.62
CA HIS J 77 5.70 43.88 4.27
C HIS J 77 4.43 44.65 3.96
N TYR J 78 3.58 44.06 3.12
CA TYR J 78 2.34 44.69 2.70
C TYR J 78 1.18 43.71 2.86
N MET J 79 -0.03 44.26 2.92
CA MET J 79 -1.25 43.48 2.98
C MET J 79 -2.35 44.29 2.30
N GLU J 80 -2.95 43.74 1.25
CA GLU J 80 -3.99 44.42 0.49
C GLU J 80 -5.29 43.64 0.60
N LEU J 81 -6.34 44.31 1.04
CA LEU J 81 -7.66 43.73 1.25
C LEU J 81 -8.65 44.43 0.32
N SER J 82 -9.08 43.73 -0.72
CA SER J 82 -9.96 44.30 -1.73
C SER J 82 -11.42 44.04 -1.41
N ARG J 83 -12.29 44.81 -2.07
CA ARG J 83 -13.76 44.73 -1.95
C ARG J 83 -14.22 44.94 -0.51
N LEU J 84 -13.92 46.14 0.00
CA LEU J 84 -14.19 46.46 1.39
C LEU J 84 -15.68 46.63 1.66
N THR J 85 -16.08 46.27 2.87
CA THR J 85 -17.42 46.51 3.39
C THR J 85 -17.31 47.30 4.70
N SER J 86 -18.46 47.57 5.32
CA SER J 86 -18.47 48.31 6.58
C SER J 86 -17.94 47.48 7.74
N ASP J 87 -18.03 46.15 7.65
CA ASP J 87 -17.53 45.30 8.72
C ASP J 87 -16.03 45.07 8.68
N ASP J 88 -15.34 45.67 7.70
CA ASP J 88 -13.88 45.66 7.68
C ASP J 88 -13.29 46.81 8.50
N THR J 89 -14.12 47.59 9.17
CA THR J 89 -13.64 48.62 10.09
C THR J 89 -13.03 47.95 11.32
N ALA J 90 -11.72 48.09 11.49
CA ALA J 90 -10.98 47.38 12.53
C ALA J 90 -9.61 48.01 12.68
N VAL J 91 -8.79 47.42 13.55
CA VAL J 91 -7.40 47.77 13.72
C VAL J 91 -6.56 46.59 13.23
N TYR J 92 -5.58 46.88 12.38
CA TYR J 92 -4.82 45.84 11.69
C TYR J 92 -3.41 45.77 12.27
N TYR J 93 -3.09 44.63 12.86
CA TYR J 93 -1.79 44.40 13.48
C TYR J 93 -0.96 43.47 12.61
N CYS J 94 0.34 43.78 12.51
CA CYS J 94 1.32 42.85 11.97
C CYS J 94 2.20 42.38 13.13
N ALA J 95 2.39 41.07 13.22
CA ALA J 95 3.20 40.51 14.29
C ALA J 95 4.08 39.41 13.73
N THR J 96 5.16 39.11 14.46
CA THR J 96 6.14 38.12 14.04
C THR J 96 6.88 37.61 15.27
N LYS J 97 7.95 36.86 15.03
CA LYS J 97 8.74 36.27 16.09
C LYS J 97 9.88 37.22 16.46
N ARG J 98 10.23 37.23 17.75
CA ARG J 98 11.17 38.23 18.25
C ARG J 98 12.60 37.94 17.81
N GLY J 99 13.09 36.73 18.06
CA GLY J 99 14.46 36.40 17.73
C GLY J 99 15.44 36.82 18.81
N ALA J 100 16.65 36.28 18.70
CA ALA J 100 17.75 36.44 19.67
C ALA J 100 17.32 36.04 21.07
N VAL J 101 16.69 34.87 21.15
CA VAL J 101 16.28 34.27 22.42
C VAL J 101 17.04 32.96 22.58
N THR J 102 17.62 32.76 23.76
CA THR J 102 18.56 31.66 23.99
C THR J 102 17.90 30.46 24.67
N ALA J 103 16.68 30.14 24.29
CA ALA J 103 15.99 28.95 24.78
C ALA J 103 15.88 27.93 23.66
N MET J 104 15.95 26.64 24.04
CA MET J 104 15.80 25.57 23.07
C MET J 104 14.33 25.42 22.65
N VAL J 105 13.40 25.73 23.55
CA VAL J 105 11.98 25.57 23.27
C VAL J 105 11.48 26.65 22.32
N TYR J 106 12.20 27.77 22.20
CA TYR J 106 11.78 28.86 21.33
C TYR J 106 11.97 28.55 19.85
N TYR J 107 12.70 27.50 19.50
CA TYR J 107 12.83 27.10 18.10
C TYR J 107 11.55 26.46 17.56
N TYR J 108 10.70 25.95 18.44
CA TYR J 108 9.45 25.31 18.05
C TYR J 108 8.26 26.25 18.18
N PHE J 109 8.51 27.56 18.19
CA PHE J 109 7.48 28.57 18.31
C PHE J 109 7.36 29.27 16.96
N TYR J 110 6.15 29.26 16.40
CA TYR J 110 5.89 29.84 15.09
C TYR J 110 4.78 30.87 15.13
N GLY J 111 4.49 31.42 16.31
CA GLY J 111 3.40 32.36 16.46
C GLY J 111 3.82 33.82 16.45
N MET J 112 3.25 34.60 17.36
CA MET J 112 3.42 36.05 17.39
C MET J 112 4.03 36.46 18.73
N ASP J 113 5.19 37.11 18.67
CA ASP J 113 5.87 37.60 19.87
C ASP J 113 5.95 39.11 19.92
N VAL J 114 6.50 39.74 18.88
CA VAL J 114 6.62 41.19 18.81
C VAL J 114 5.58 41.71 17.83
N TRP J 115 4.91 42.81 18.20
CA TRP J 115 3.74 43.28 17.50
C TRP J 115 3.96 44.70 16.98
N GLY J 116 3.14 45.09 16.01
CA GLY J 116 3.11 46.46 15.56
C GLY J 116 2.15 47.30 16.39
N GLN J 117 2.17 48.61 16.14
CA GLN J 117 1.35 49.52 16.93
C GLN J 117 -0.12 49.53 16.50
N GLY J 118 -0.44 49.00 15.34
CA GLY J 118 -1.82 48.95 14.90
C GLY J 118 -2.10 49.99 13.82
N THR J 119 -3.10 49.71 12.99
CA THR J 119 -3.50 50.59 11.91
C THR J 119 -5.02 50.63 11.88
N THR J 120 -5.60 51.77 12.23
CA THR J 120 -7.06 51.91 12.25
C THR J 120 -7.56 52.18 10.84
N VAL J 121 -8.48 51.34 10.36
CA VAL J 121 -9.05 51.46 9.03
C VAL J 121 -10.55 51.63 9.19
N THR J 122 -11.10 52.71 8.65
CA THR J 122 -12.52 53.03 8.76
C THR J 122 -13.14 53.02 7.37
N VAL J 123 -14.23 52.28 7.20
CA VAL J 123 -14.96 52.18 5.94
C VAL J 123 -16.37 52.68 6.19
N SER J 124 -16.69 53.86 5.65
CA SER J 124 -18.01 54.45 5.80
C SER J 124 -18.29 55.30 4.56
N SER J 125 -19.32 56.13 4.64
CA SER J 125 -19.68 57.02 3.55
C SER J 125 -19.91 58.44 4.04
N ASP K 1 55.58 9.34 -7.75
CA ASP K 1 55.08 9.90 -6.50
C ASP K 1 53.62 10.29 -6.64
N LYS K 2 52.73 9.29 -6.59
CA LYS K 2 51.30 9.55 -6.59
C LYS K 2 50.59 8.37 -5.93
N ILE K 3 49.34 8.62 -5.55
CA ILE K 3 48.53 7.64 -4.82
C ILE K 3 47.09 7.80 -5.29
N CYS K 4 46.46 6.70 -5.69
CA CYS K 4 45.12 6.74 -6.27
C CYS K 4 44.13 6.05 -5.35
N LEU K 5 42.85 6.20 -5.69
CA LEU K 5 41.75 5.57 -4.97
C LEU K 5 40.74 5.08 -5.97
N GLY K 6 40.34 3.81 -5.86
CA GLY K 6 39.45 3.24 -6.83
C GLY K 6 38.54 2.20 -6.20
N HIS K 7 37.55 1.78 -6.97
CA HIS K 7 36.62 0.75 -6.56
C HIS K 7 36.75 -0.45 -7.49
N HIS K 8 36.16 -1.57 -7.07
CA HIS K 8 36.33 -2.79 -7.84
C HIS K 8 35.27 -2.88 -8.94
N ALA K 9 35.54 -3.74 -9.91
CA ALA K 9 34.62 -3.93 -11.03
C ALA K 9 34.76 -5.35 -11.54
N VAL K 10 33.76 -5.79 -12.29
CA VAL K 10 33.77 -7.08 -12.95
C VAL K 10 33.58 -6.86 -14.44
N SER K 11 33.80 -7.93 -15.21
CA SER K 11 33.68 -7.83 -16.66
C SER K 11 32.23 -7.68 -17.09
N ASN K 12 31.35 -8.51 -16.53
CA ASN K 12 29.93 -8.48 -16.85
C ASN K 12 29.14 -8.55 -15.56
N GLY K 13 28.28 -7.56 -15.34
CA GLY K 13 27.44 -7.50 -14.16
C GLY K 13 25.99 -7.80 -14.45
N THR K 14 25.16 -7.61 -13.43
CA THR K 14 23.74 -7.88 -13.52
C THR K 14 23.00 -6.57 -13.73
N LYS K 15 21.93 -6.61 -14.53
CA LYS K 15 21.13 -5.44 -14.82
C LYS K 15 19.92 -5.40 -13.89
N VAL K 16 19.85 -4.37 -13.06
CA VAL K 16 18.69 -4.15 -12.20
C VAL K 16 18.07 -2.81 -12.59
N ASN K 17 16.83 -2.62 -12.16
CA ASN K 17 16.09 -1.39 -12.39
C ASN K 17 16.20 -0.47 -11.18
N THR K 18 16.21 0.83 -11.46
CA THR K 18 16.34 1.86 -10.44
C THR K 18 15.14 2.80 -10.61
N LEU K 19 15.05 3.85 -9.79
CA LEU K 19 13.91 4.74 -9.84
C LEU K 19 13.90 5.61 -11.08
N THR K 20 15.07 5.99 -11.59
CA THR K 20 15.19 6.87 -12.75
C THR K 20 15.84 6.20 -13.95
N GLU K 21 16.12 4.90 -13.88
CA GLU K 21 16.86 4.24 -14.95
C GLU K 21 16.53 2.75 -14.95
N ARG K 22 16.43 2.18 -16.14
CA ARG K 22 16.18 0.75 -16.31
C ARG K 22 17.43 0.09 -16.87
N GLY K 23 17.85 -1.01 -16.26
CA GLY K 23 18.99 -1.74 -16.75
C GLY K 23 20.33 -1.18 -16.32
N VAL K 24 20.44 -0.73 -15.08
CA VAL K 24 21.73 -0.30 -14.56
C VAL K 24 22.59 -1.51 -14.27
N GLU K 25 23.84 -1.47 -14.73
CA GLU K 25 24.80 -2.53 -14.43
C GLU K 25 25.26 -2.36 -12.99
N VAL K 26 24.84 -3.27 -12.12
CA VAL K 26 25.43 -3.40 -10.80
C VAL K 26 26.40 -4.56 -10.84
N VAL K 27 27.23 -4.66 -9.80
CA VAL K 27 28.24 -5.73 -9.76
C VAL K 27 27.56 -7.08 -9.50
N ASN K 28 26.69 -7.13 -8.50
CA ASN K 28 25.99 -8.36 -8.17
C ASN K 28 24.54 -8.03 -7.87
N ALA K 29 23.68 -9.04 -7.97
CA ALA K 29 22.28 -8.87 -7.66
C ALA K 29 21.72 -10.20 -7.16
N THR K 30 20.47 -10.15 -6.70
CA THR K 30 19.80 -11.35 -6.22
C THR K 30 18.31 -11.24 -6.54
N GLU K 31 17.64 -12.38 -6.50
CA GLU K 31 16.22 -12.46 -6.82
C GLU K 31 15.38 -12.32 -5.56
N THR K 32 14.33 -11.52 -5.65
CA THR K 32 13.44 -11.25 -4.55
C THR K 32 12.10 -11.99 -4.68
N VAL K 33 11.79 -12.53 -5.85
CA VAL K 33 10.50 -13.17 -6.10
C VAL K 33 10.72 -14.68 -6.25
N GLU K 34 9.99 -15.46 -5.46
CA GLU K 34 10.14 -16.90 -5.45
C GLU K 34 9.33 -17.54 -6.57
N ARG K 35 9.93 -18.48 -7.29
CA ARG K 35 9.25 -19.21 -8.34
C ARG K 35 9.35 -20.73 -8.20
N THR K 36 10.29 -21.25 -7.43
CA THR K 36 10.46 -22.69 -7.27
C THR K 36 9.93 -23.10 -5.91
N ASN K 37 9.27 -24.26 -5.87
CA ASN K 37 8.66 -24.78 -4.66
C ASN K 37 9.07 -26.23 -4.47
N ILE K 38 8.60 -26.83 -3.39
CA ILE K 38 8.78 -28.24 -3.10
C ILE K 38 7.47 -28.95 -3.40
N PRO K 39 7.42 -29.90 -4.36
CA PRO K 39 6.15 -30.47 -4.82
C PRO K 39 5.59 -31.58 -3.94
N ARG K 40 5.61 -31.36 -2.62
CA ARG K 40 5.06 -32.26 -1.64
C ARG K 40 4.47 -31.43 -0.51
N ILE K 41 3.64 -32.06 0.31
CA ILE K 41 3.09 -31.42 1.50
C ILE K 41 4.02 -31.82 2.64
N CYS K 42 5.09 -31.05 2.79
CA CYS K 42 6.09 -31.31 3.82
C CYS K 42 5.54 -30.83 5.16
N SER K 43 5.22 -31.76 6.04
CA SER K 43 4.49 -31.48 7.28
C SER K 43 5.08 -32.20 8.48
N LYS K 44 6.39 -32.06 8.70
CA LYS K 44 6.99 -32.57 9.92
C LYS K 44 6.55 -31.73 11.11
N GLY K 45 6.38 -32.38 12.25
CA GLY K 45 6.00 -31.71 13.47
C GLY K 45 4.53 -31.43 13.60
N LYS K 46 3.71 -31.79 12.61
CA LYS K 46 2.28 -31.61 12.65
C LYS K 46 1.60 -32.97 12.68
N ARG K 47 0.29 -32.94 12.86
CA ARG K 47 -0.56 -34.13 12.92
C ARG K 47 -1.47 -34.09 11.71
N THR K 48 -1.05 -34.77 10.64
CA THR K 48 -1.67 -34.64 9.33
C THR K 48 -2.66 -35.77 9.09
N VAL K 49 -3.88 -35.41 8.71
CA VAL K 49 -4.90 -36.38 8.30
C VAL K 49 -5.12 -36.22 6.80
N ASP K 50 -4.94 -37.32 6.06
CA ASP K 50 -5.10 -37.35 4.61
C ASP K 50 -6.40 -38.09 4.32
N LEU K 51 -7.41 -37.35 3.88
CA LEU K 51 -8.74 -37.94 3.71
C LEU K 51 -8.78 -38.86 2.49
N GLY K 52 -8.36 -38.37 1.33
CA GLY K 52 -8.33 -39.21 0.15
C GLY K 52 -9.67 -39.35 -0.53
N GLN K 53 -10.24 -40.55 -0.49
CA GLN K 53 -11.53 -40.82 -1.11
C GLN K 53 -12.70 -40.27 -0.32
N CYS K 54 -12.46 -39.78 0.89
CA CYS K 54 -13.50 -39.28 1.76
C CYS K 54 -13.57 -37.76 1.68
N GLY K 55 -14.78 -37.23 1.85
CA GLY K 55 -15.01 -35.81 1.86
C GLY K 55 -15.01 -35.27 3.27
N LEU K 56 -14.80 -33.96 3.39
CA LEU K 56 -14.68 -33.35 4.71
C LEU K 56 -16.01 -33.38 5.46
N LEU K 57 -17.11 -33.09 4.76
CA LEU K 57 -18.42 -33.10 5.40
C LEU K 57 -18.99 -34.51 5.54
N GLY K 58 -18.41 -35.49 4.86
CA GLY K 58 -18.89 -36.86 5.00
C GLY K 58 -18.64 -37.42 6.38
N THR K 59 -17.54 -37.02 7.02
CA THR K 59 -17.17 -37.51 8.35
C THR K 59 -18.18 -37.13 9.43
N ILE K 60 -19.05 -36.15 9.16
CA ILE K 60 -20.16 -35.86 10.04
C ILE K 60 -21.28 -36.89 9.87
N THR K 61 -21.63 -37.21 8.62
CA THR K 61 -22.71 -38.15 8.34
C THR K 61 -22.25 -39.59 8.21
N GLY K 62 -21.02 -39.83 7.78
CA GLY K 62 -20.45 -41.16 7.72
C GLY K 62 -20.90 -42.08 6.59
N PRO K 63 -20.51 -41.80 5.33
CA PRO K 63 -20.67 -42.79 4.27
C PRO K 63 -19.65 -43.91 4.41
N PRO K 64 -19.73 -44.97 3.61
CA PRO K 64 -18.73 -46.06 3.74
C PRO K 64 -17.28 -45.68 3.47
N GLN K 65 -17.01 -44.63 2.68
CA GLN K 65 -15.63 -44.23 2.44
C GLN K 65 -15.04 -43.38 3.56
N CYS K 66 -15.84 -43.02 4.57
CA CYS K 66 -15.40 -42.17 5.67
C CYS K 66 -15.54 -42.91 6.99
N ASP K 67 -15.25 -44.21 6.99
CA ASP K 67 -15.45 -45.01 8.19
C ASP K 67 -14.33 -44.84 9.20
N GLN K 68 -13.11 -44.53 8.73
CA GLN K 68 -11.95 -44.38 9.60
C GLN K 68 -11.69 -42.94 9.97
N PHE K 69 -12.58 -42.02 9.60
CA PHE K 69 -12.40 -40.60 9.86
C PHE K 69 -13.55 -40.02 10.66
N LEU K 70 -14.30 -40.85 11.38
CA LEU K 70 -15.49 -40.37 12.09
C LEU K 70 -15.15 -39.66 13.38
N GLU K 71 -13.98 -39.89 13.94
CA GLU K 71 -13.53 -39.21 15.16
C GLU K 71 -12.09 -38.79 15.02
N PHE K 72 -11.73 -38.28 13.84
CA PHE K 72 -10.33 -37.99 13.54
C PHE K 72 -9.85 -36.77 14.32
N SER K 73 -8.53 -36.60 14.34
CA SER K 73 -7.89 -35.49 15.02
C SER K 73 -6.69 -35.06 14.21
N ALA K 74 -6.53 -33.76 14.01
CA ALA K 74 -5.54 -33.29 13.06
C ALA K 74 -5.07 -31.90 13.41
N ASP K 75 -3.81 -31.62 13.04
CA ASP K 75 -3.29 -30.26 12.94
C ASP K 75 -3.31 -29.75 11.51
N LEU K 76 -3.57 -30.62 10.54
CA LEU K 76 -3.53 -30.26 9.13
C LEU K 76 -4.37 -31.28 8.36
N ILE K 77 -5.46 -30.81 7.76
CA ILE K 77 -6.38 -31.67 7.01
C ILE K 77 -6.14 -31.44 5.53
N ILE K 78 -5.84 -32.51 4.80
CA ILE K 78 -5.60 -32.45 3.36
C ILE K 78 -6.80 -33.03 2.64
N GLU K 79 -7.49 -32.19 1.86
CA GLU K 79 -8.59 -32.64 1.03
C GLU K 79 -8.09 -32.99 -0.36
N ARG K 80 -8.57 -34.11 -0.88
CA ARG K 80 -8.24 -34.53 -2.24
C ARG K 80 -9.44 -34.34 -3.15
N ARG K 81 -9.17 -34.33 -4.46
CA ARG K 81 -10.21 -34.04 -5.43
C ARG K 81 -11.22 -35.18 -5.53
N GLU K 82 -10.77 -36.42 -5.38
CA GLU K 82 -11.62 -37.60 -5.51
C GLU K 82 -12.47 -37.86 -4.27
N GLY K 83 -12.43 -37.00 -3.26
CA GLY K 83 -13.22 -37.22 -2.06
C GLY K 83 -14.69 -36.89 -2.30
N SER K 84 -15.55 -37.75 -1.80
CA SER K 84 -16.98 -37.60 -1.91
C SER K 84 -17.60 -37.55 -0.52
N ASP K 85 -18.66 -36.76 -0.39
CA ASP K 85 -19.34 -36.56 0.90
C ASP K 85 -20.47 -37.54 1.12
N VAL K 86 -21.08 -38.05 0.06
CA VAL K 86 -22.32 -38.80 0.14
C VAL K 86 -22.15 -40.15 -0.54
N CYS K 87 -23.01 -41.09 -0.14
CA CYS K 87 -23.20 -42.34 -0.85
C CYS K 87 -24.57 -42.42 -1.51
N TYR K 88 -25.63 -42.22 -0.75
CA TYR K 88 -26.92 -41.91 -1.36
C TYR K 88 -26.89 -40.49 -1.91
N PRO K 89 -27.47 -40.25 -3.08
CA PRO K 89 -27.35 -38.92 -3.71
C PRO K 89 -28.05 -37.83 -2.93
N GLY K 90 -27.44 -36.67 -2.91
CA GLY K 90 -27.89 -35.57 -2.07
C GLY K 90 -26.75 -34.60 -1.86
N LYS K 91 -27.06 -33.54 -1.10
CA LYS K 91 -26.06 -32.50 -0.86
C LYS K 91 -26.45 -31.75 0.41
N PHE K 92 -25.50 -30.95 0.90
CA PHE K 92 -25.68 -30.16 2.10
C PHE K 92 -26.22 -28.78 1.76
N VAL K 93 -26.78 -28.12 2.77
CA VAL K 93 -27.28 -26.75 2.66
C VAL K 93 -26.35 -25.86 3.47
N ASN K 94 -25.91 -24.76 2.85
CA ASN K 94 -24.77 -23.96 3.30
C ASN K 94 -23.54 -24.84 3.51
N GLU K 95 -23.15 -25.51 2.43
CA GLU K 95 -22.07 -26.49 2.49
C GLU K 95 -20.70 -25.84 2.62
N GLU K 96 -20.53 -24.61 2.14
CA GLU K 96 -19.23 -23.97 2.20
C GLU K 96 -19.00 -23.27 3.52
N ALA K 97 -20.05 -22.88 4.24
CA ALA K 97 -19.88 -22.41 5.60
C ALA K 97 -19.54 -23.56 6.55
N LEU K 98 -20.06 -24.76 6.27
CA LEU K 98 -19.73 -25.92 7.08
C LEU K 98 -18.32 -26.44 6.79
N ARG K 99 -17.85 -26.28 5.56
CA ARG K 99 -16.49 -26.70 5.23
C ARG K 99 -15.44 -25.81 5.90
N GLN K 100 -15.73 -24.52 6.04
CA GLN K 100 -14.80 -23.64 6.73
C GLN K 100 -14.84 -23.83 8.24
N ILE K 101 -15.86 -24.49 8.76
CA ILE K 101 -15.92 -24.81 10.17
C ILE K 101 -15.03 -26.01 10.48
N LEU K 102 -15.16 -27.09 9.70
CA LEU K 102 -14.41 -28.31 9.97
C LEU K 102 -12.96 -28.24 9.52
N ARG K 103 -12.62 -27.34 8.59
CA ARG K 103 -11.21 -27.10 8.26
C ARG K 103 -10.47 -26.46 9.43
N GLU K 104 -11.18 -25.70 10.25
CA GLU K 104 -10.63 -24.97 11.37
C GLU K 104 -10.84 -25.70 12.69
N SER K 105 -11.52 -26.85 12.66
CA SER K 105 -12.04 -27.47 13.87
C SER K 105 -11.02 -28.28 14.64
N GLY K 106 -10.00 -28.80 13.97
CA GLY K 106 -9.01 -29.63 14.63
C GLY K 106 -9.42 -31.06 14.87
N GLY K 107 -10.60 -31.47 14.43
CA GLY K 107 -11.08 -32.80 14.67
C GLY K 107 -12.56 -32.81 15.02
N ILE K 108 -13.11 -33.98 15.33
CA ILE K 108 -14.51 -34.12 15.69
C ILE K 108 -14.64 -35.16 16.79
N ASP K 109 -15.46 -34.85 17.80
CA ASP K 109 -15.72 -35.72 18.93
C ASP K 109 -17.20 -36.07 18.93
N LYS K 110 -17.53 -37.28 18.50
CA LYS K 110 -18.92 -37.68 18.40
C LYS K 110 -19.49 -38.07 19.77
N GLU K 111 -20.69 -37.58 20.06
CA GLU K 111 -21.37 -37.81 21.33
C GLU K 111 -22.79 -38.29 21.03
N ALA K 112 -23.16 -39.44 21.59
CA ALA K 112 -24.43 -40.07 21.26
C ALA K 112 -25.61 -39.29 21.83
N MET K 113 -26.72 -39.30 21.10
CA MET K 113 -27.91 -38.56 21.48
C MET K 113 -28.90 -39.37 22.29
N GLY K 114 -28.99 -40.67 22.03
CA GLY K 114 -29.88 -41.53 22.81
C GLY K 114 -31.34 -41.39 22.45
N PHE K 115 -31.68 -41.36 21.17
CA PHE K 115 -33.07 -41.32 20.75
C PHE K 115 -33.67 -42.71 20.76
N THR K 116 -34.90 -42.82 21.24
CA THR K 116 -35.66 -44.06 21.20
C THR K 116 -36.84 -43.89 20.24
N TYR K 117 -37.18 -44.97 19.54
CA TYR K 117 -38.18 -44.92 18.48
C TYR K 117 -39.23 -45.99 18.74
N SER K 118 -40.48 -45.54 18.93
CA SER K 118 -41.56 -46.39 19.41
C SER K 118 -42.47 -46.79 18.25
N GLY K 119 -42.34 -48.03 17.80
CA GLY K 119 -43.26 -48.59 16.84
C GLY K 119 -42.98 -48.32 15.39
N ILE K 120 -41.81 -47.79 15.05
CA ILE K 120 -41.44 -47.54 13.67
C ILE K 120 -40.19 -48.33 13.34
N ARG K 121 -39.98 -48.58 12.06
CA ARG K 121 -38.75 -49.22 11.62
C ARG K 121 -37.60 -48.22 11.67
N THR K 122 -36.39 -48.75 11.72
CA THR K 122 -35.19 -47.94 11.76
C THR K 122 -34.11 -48.43 10.79
N ASN K 123 -34.09 -49.71 10.43
CA ASN K 123 -33.05 -50.27 9.58
C ASN K 123 -33.32 -49.97 8.09
N GLY K 124 -33.41 -48.68 7.77
CA GLY K 124 -33.52 -48.27 6.38
C GLY K 124 -32.17 -48.35 5.72
N ALA K 125 -32.09 -49.09 4.62
CA ALA K 125 -30.84 -49.31 3.91
C ALA K 125 -31.06 -49.02 2.44
N THR K 126 -29.95 -48.94 1.71
CA THR K 126 -29.98 -48.62 0.29
C THR K 126 -28.81 -49.30 -0.40
N SER K 127 -28.93 -49.47 -1.71
CA SER K 127 -27.91 -50.15 -2.48
C SER K 127 -26.77 -49.23 -2.91
N SER K 128 -26.86 -47.93 -2.63
CA SER K 128 -25.77 -47.03 -2.96
C SER K 128 -24.67 -47.06 -1.91
N CYS K 129 -25.02 -47.36 -0.66
CA CYS K 129 -24.07 -47.33 0.45
C CYS K 129 -23.70 -48.77 0.76
N ARG K 130 -22.68 -49.28 0.07
CA ARG K 130 -22.28 -50.68 0.17
C ARG K 130 -21.31 -50.86 1.33
N ARG K 131 -21.77 -51.51 2.40
CA ARG K 131 -20.95 -51.79 3.58
C ARG K 131 -21.36 -53.18 4.09
N SER K 132 -20.64 -54.20 3.63
CA SER K 132 -20.95 -55.61 3.87
C SER K 132 -22.38 -55.95 3.48
N GLY K 133 -22.77 -55.51 2.28
CA GLY K 133 -24.14 -55.66 1.81
C GLY K 133 -24.78 -54.30 1.58
N SER K 134 -26.05 -54.20 1.94
CA SER K 134 -26.81 -52.96 1.82
C SER K 134 -26.86 -52.29 3.19
N SER K 135 -26.44 -51.03 3.24
CA SER K 135 -26.37 -50.30 4.49
C SER K 135 -26.83 -48.86 4.24
N PHE K 136 -26.55 -48.00 5.21
CA PHE K 136 -26.88 -46.58 5.13
C PHE K 136 -25.70 -45.82 5.71
N TYR K 137 -25.90 -44.54 6.04
CA TYR K 137 -24.90 -43.76 6.73
C TYR K 137 -24.64 -44.33 8.13
N ALA K 138 -23.43 -44.13 8.62
CA ALA K 138 -23.04 -44.73 9.89
C ALA K 138 -23.55 -43.95 11.09
N GLU K 139 -23.85 -42.67 10.92
CA GLU K 139 -24.26 -41.81 12.03
C GLU K 139 -25.65 -41.24 11.83
N MET K 140 -26.40 -41.75 10.87
CA MET K 140 -27.78 -41.33 10.63
C MET K 140 -28.65 -42.57 10.53
N LYS K 141 -29.93 -42.40 10.85
CA LYS K 141 -30.91 -43.47 10.77
C LYS K 141 -32.00 -43.09 9.79
N TRP K 142 -32.51 -44.08 9.06
CA TRP K 142 -33.60 -43.88 8.11
C TRP K 142 -34.86 -44.45 8.75
N LEU K 143 -35.69 -43.56 9.28
CA LEU K 143 -36.91 -43.96 9.98
C LEU K 143 -38.01 -44.26 8.96
N LEU K 144 -38.54 -45.47 9.00
CA LEU K 144 -39.56 -45.90 8.05
C LEU K 144 -40.83 -46.30 8.80
N SER K 145 -41.80 -46.80 8.05
CA SER K 145 -42.97 -47.44 8.64
C SER K 145 -42.67 -48.92 8.86
N ASN K 146 -43.60 -49.60 9.55
CA ASN K 146 -43.35 -50.98 9.97
C ASN K 146 -43.31 -51.93 8.78
N THR K 147 -44.17 -51.70 7.79
CA THR K 147 -44.10 -52.37 6.51
C THR K 147 -44.45 -51.35 5.43
N ASP K 148 -44.46 -51.81 4.18
CA ASP K 148 -44.73 -50.90 3.07
C ASP K 148 -46.20 -50.47 3.07
N ASN K 149 -46.42 -49.20 2.70
CA ASN K 149 -47.71 -48.52 2.63
C ASN K 149 -48.40 -48.39 3.99
N ALA K 150 -47.69 -48.65 5.08
CA ALA K 150 -48.26 -48.49 6.41
C ALA K 150 -48.19 -47.03 6.84
N ALA K 151 -48.86 -46.72 7.95
CA ALA K 151 -48.89 -45.35 8.44
C ALA K 151 -47.60 -45.00 9.18
N PHE K 152 -47.48 -43.73 9.54
CA PHE K 152 -46.33 -43.24 10.30
C PHE K 152 -46.82 -42.33 11.41
N PRO K 153 -46.53 -42.65 12.67
CA PRO K 153 -47.02 -41.82 13.77
C PRO K 153 -46.24 -40.52 13.90
N GLN K 154 -46.91 -39.50 14.40
CA GLN K 154 -46.27 -38.22 14.65
C GLN K 154 -45.39 -38.30 15.88
N MET K 155 -44.12 -37.91 15.74
CA MET K 155 -43.14 -38.06 16.80
C MET K 155 -42.51 -36.71 17.13
N THR K 156 -41.82 -36.67 18.27
CA THR K 156 -41.10 -35.49 18.72
C THR K 156 -39.97 -35.95 19.62
N LYS K 157 -38.73 -35.70 19.20
CA LYS K 157 -37.55 -36.09 19.94
C LYS K 157 -36.71 -34.87 20.27
N SER K 158 -36.06 -34.89 21.43
CA SER K 158 -35.37 -33.73 21.95
C SER K 158 -33.96 -34.09 22.39
N TYR K 159 -33.05 -33.11 22.29
CA TYR K 159 -31.67 -33.28 22.71
C TYR K 159 -31.20 -32.00 23.38
N LYS K 160 -30.50 -32.15 24.51
CA LYS K 160 -29.99 -31.01 25.27
C LYS K 160 -28.47 -31.04 25.24
N ASN K 161 -27.87 -29.93 24.85
CA ASN K 161 -26.41 -29.82 24.79
C ASN K 161 -25.87 -29.55 26.19
N THR K 162 -25.42 -30.59 26.87
CA THR K 162 -24.96 -30.46 28.24
C THR K 162 -23.50 -30.02 28.34
N ARG K 163 -22.72 -30.12 27.27
CA ARG K 163 -21.31 -29.80 27.33
C ARG K 163 -21.11 -28.28 27.23
N LYS K 164 -19.85 -27.85 27.40
CA LYS K 164 -19.53 -26.43 27.44
C LYS K 164 -19.04 -25.90 26.09
N ASN K 165 -19.53 -26.47 25.00
CA ASN K 165 -19.09 -26.14 23.66
C ASN K 165 -20.26 -26.29 22.71
N PRO K 166 -20.24 -25.58 21.58
CA PRO K 166 -21.31 -25.76 20.58
C PRO K 166 -21.28 -27.14 19.94
N ALA K 167 -22.47 -27.65 19.64
CA ALA K 167 -22.66 -28.99 19.11
C ALA K 167 -23.16 -28.93 17.67
N LEU K 168 -22.46 -29.61 16.78
CA LEU K 168 -22.82 -29.65 15.36
C LEU K 168 -23.89 -30.72 15.15
N ILE K 169 -25.16 -30.30 15.12
CA ILE K 169 -26.29 -31.20 14.88
C ILE K 169 -26.52 -31.27 13.38
N VAL K 170 -26.82 -32.46 12.85
CA VAL K 170 -27.09 -32.65 11.43
C VAL K 170 -28.26 -33.61 11.27
N TRP K 171 -29.26 -33.23 10.47
CA TRP K 171 -30.36 -34.10 10.11
C TRP K 171 -30.57 -34.04 8.60
N GLY K 172 -31.28 -35.03 8.08
CA GLY K 172 -31.55 -35.09 6.66
C GLY K 172 -33.03 -35.11 6.37
N ILE K 173 -33.40 -34.65 5.18
CA ILE K 173 -34.76 -34.69 4.67
C ILE K 173 -34.76 -35.52 3.40
N HIS K 174 -35.61 -36.53 3.34
CA HIS K 174 -35.67 -37.41 2.18
C HIS K 174 -36.70 -36.89 1.18
N HIS K 175 -36.25 -36.61 -0.03
CA HIS K 175 -37.12 -36.26 -1.15
C HIS K 175 -37.19 -37.48 -2.06
N SER K 176 -38.30 -38.20 -1.99
CA SER K 176 -38.40 -39.49 -2.66
C SER K 176 -38.53 -39.31 -4.17
N GLY K 177 -38.38 -40.43 -4.90
CA GLY K 177 -38.41 -40.36 -6.34
C GLY K 177 -39.80 -40.27 -6.94
N SER K 178 -40.82 -40.68 -6.21
CA SER K 178 -42.19 -40.70 -6.71
C SER K 178 -43.14 -40.37 -5.57
N THR K 179 -44.40 -40.19 -5.91
CA THR K 179 -45.43 -40.07 -4.89
C THR K 179 -45.97 -41.43 -4.45
N ALA K 180 -45.70 -42.49 -5.21
CA ALA K 180 -45.94 -43.85 -4.77
C ALA K 180 -44.77 -44.40 -3.98
N GLU K 181 -43.68 -43.65 -3.87
CA GLU K 181 -42.53 -44.02 -3.06
C GLU K 181 -42.59 -43.36 -1.68
N GLN K 182 -43.04 -42.10 -1.61
CA GLN K 182 -43.20 -41.43 -0.34
C GLN K 182 -44.30 -42.05 0.49
N THR K 183 -45.38 -42.50 -0.16
CA THR K 183 -46.47 -43.14 0.55
C THR K 183 -46.15 -44.58 0.96
N LYS K 184 -45.19 -45.21 0.26
CA LYS K 184 -44.76 -46.55 0.61
C LYS K 184 -43.99 -46.58 1.92
N LEU K 185 -43.26 -45.50 2.24
CA LEU K 185 -42.33 -45.51 3.36
C LEU K 185 -42.74 -44.60 4.52
N TYR K 186 -43.66 -43.66 4.31
CA TYR K 186 -44.13 -42.82 5.40
C TYR K 186 -45.64 -42.64 5.37
N GLY K 187 -46.36 -43.47 4.62
CA GLY K 187 -47.80 -43.37 4.57
C GLY K 187 -48.29 -42.21 3.71
N SER K 188 -49.61 -42.16 3.54
CA SER K 188 -50.22 -41.11 2.77
C SER K 188 -50.37 -39.84 3.60
N GLY K 189 -50.54 -38.72 2.91
CA GLY K 189 -50.76 -37.44 3.54
C GLY K 189 -49.61 -36.47 3.31
N ASN K 190 -49.80 -35.27 3.84
CA ASN K 190 -48.80 -34.21 3.73
C ASN K 190 -47.89 -34.26 4.95
N LYS K 191 -46.58 -34.30 4.72
CA LYS K 191 -45.59 -34.49 5.76
C LYS K 191 -44.88 -33.19 6.09
N LEU K 192 -44.16 -33.22 7.21
CA LEU K 192 -43.51 -32.01 7.71
C LEU K 192 -42.40 -32.40 8.69
N VAL K 193 -41.35 -31.60 8.71
CA VAL K 193 -40.30 -31.70 9.72
C VAL K 193 -40.07 -30.31 10.27
N THR K 194 -40.22 -30.16 11.58
CA THR K 194 -40.03 -28.88 12.26
C THR K 194 -38.83 -28.99 13.19
N VAL K 195 -37.94 -28.00 13.13
CA VAL K 195 -36.70 -28.00 13.91
C VAL K 195 -36.59 -26.65 14.59
N GLY K 196 -36.46 -26.66 15.92
CA GLY K 196 -36.38 -25.43 16.68
C GLY K 196 -35.24 -25.47 17.68
N SER K 197 -34.84 -24.29 18.10
CA SER K 197 -33.81 -24.11 19.11
C SER K 197 -34.03 -22.76 19.77
N SER K 198 -33.09 -22.35 20.62
CA SER K 198 -33.15 -21.04 21.27
C SER K 198 -32.57 -19.94 20.40
N ASN K 199 -32.04 -20.29 19.23
CA ASN K 199 -31.43 -19.33 18.32
C ASN K 199 -31.79 -19.66 16.87
N TYR K 200 -32.64 -20.65 16.65
CA TYR K 200 -32.91 -21.19 15.32
C TYR K 200 -34.37 -21.59 15.26
N GLN K 201 -34.97 -21.40 14.09
CA GLN K 201 -36.31 -21.93 13.81
C GLN K 201 -36.45 -22.04 12.30
N GLN K 202 -36.68 -23.26 11.82
CA GLN K 202 -37.01 -23.51 10.43
C GLN K 202 -37.93 -24.71 10.37
N SER K 203 -38.49 -24.95 9.20
CA SER K 203 -39.31 -26.12 8.97
C SER K 203 -39.16 -26.56 7.53
N PHE K 204 -39.40 -27.84 7.30
CA PHE K 204 -39.12 -28.47 6.02
C PHE K 204 -40.29 -29.37 5.64
N VAL K 205 -40.46 -29.54 4.33
CA VAL K 205 -41.51 -30.39 3.78
C VAL K 205 -40.90 -31.16 2.62
N PRO K 206 -41.09 -32.48 2.55
CA PRO K 206 -40.52 -33.23 1.43
C PRO K 206 -41.25 -32.94 0.14
N SER K 207 -40.52 -33.06 -0.97
CA SER K 207 -41.05 -32.78 -2.29
C SER K 207 -40.65 -33.91 -3.23
N PRO K 208 -41.51 -34.91 -3.38
CA PRO K 208 -41.21 -36.01 -4.31
C PRO K 208 -41.34 -35.56 -5.75
N GLY K 209 -40.83 -36.40 -6.63
CA GLY K 209 -40.83 -36.13 -8.05
C GLY K 209 -39.60 -36.78 -8.66
N ALA K 210 -39.73 -37.13 -9.94
CA ALA K 210 -38.64 -37.77 -10.66
C ALA K 210 -37.57 -36.76 -11.03
N ARG K 211 -36.32 -37.21 -11.00
CA ARG K 211 -35.20 -36.43 -11.52
C ARG K 211 -34.18 -37.42 -12.07
N THR K 212 -32.96 -36.94 -12.33
CA THR K 212 -31.97 -37.75 -13.02
C THR K 212 -31.37 -38.79 -12.08
N GLN K 213 -30.92 -39.90 -12.66
CA GLN K 213 -30.36 -40.99 -11.88
C GLN K 213 -28.93 -40.63 -11.48
N VAL K 214 -28.69 -40.52 -10.18
CA VAL K 214 -27.36 -40.42 -9.61
C VAL K 214 -27.17 -41.61 -8.69
N ASN K 215 -26.11 -42.39 -8.94
CA ASN K 215 -25.78 -43.64 -8.25
C ASN K 215 -26.90 -44.68 -8.34
N GLY K 216 -27.75 -44.60 -9.35
CA GLY K 216 -28.83 -45.54 -9.52
C GLY K 216 -30.15 -45.16 -8.89
N GLN K 217 -30.22 -44.03 -8.19
CA GLN K 217 -31.46 -43.58 -7.56
C GLN K 217 -31.85 -42.19 -8.06
N SER K 218 -33.15 -41.89 -7.93
CA SER K 218 -33.68 -40.58 -8.26
C SER K 218 -34.22 -39.86 -7.03
N GLY K 219 -34.05 -40.42 -5.84
CA GLY K 219 -34.34 -39.69 -4.63
C GLY K 219 -33.12 -38.93 -4.14
N ARG K 220 -33.38 -37.92 -3.30
CA ARG K 220 -32.32 -37.08 -2.77
C ARG K 220 -32.48 -36.96 -1.27
N ILE K 221 -31.37 -36.68 -0.58
CA ILE K 221 -31.37 -36.42 0.85
C ILE K 221 -30.66 -35.10 1.10
N ASP K 222 -31.40 -34.13 1.64
CA ASP K 222 -30.88 -32.80 1.93
C ASP K 222 -30.41 -32.74 3.38
N PHE K 223 -29.12 -32.52 3.59
CA PHE K 223 -28.57 -32.46 4.93
C PHE K 223 -28.51 -31.01 5.40
N HIS K 224 -29.01 -30.76 6.59
CA HIS K 224 -29.01 -29.44 7.20
C HIS K 224 -28.23 -29.50 8.50
N TRP K 225 -27.86 -28.33 9.02
CA TRP K 225 -27.04 -28.32 10.22
C TRP K 225 -27.24 -27.03 11.02
N LEU K 226 -26.98 -27.13 12.32
CA LEU K 226 -26.97 -25.98 13.21
C LEU K 226 -25.93 -26.23 14.29
N MET K 227 -25.54 -25.16 14.99
CA MET K 227 -24.62 -25.26 16.12
C MET K 227 -25.40 -24.95 17.40
N LEU K 228 -25.75 -26.00 18.15
CA LEU K 228 -26.46 -25.85 19.42
C LEU K 228 -25.55 -25.24 20.46
N ASN K 229 -25.96 -24.10 21.02
CA ASN K 229 -25.18 -23.42 22.05
C ASN K 229 -25.17 -24.24 23.35
N PRO K 230 -24.21 -23.98 24.24
CA PRO K 230 -24.20 -24.69 25.53
C PRO K 230 -25.46 -24.43 26.36
N ASN K 231 -26.00 -25.52 26.90
CA ASN K 231 -27.26 -25.57 27.66
C ASN K 231 -28.41 -25.03 26.81
N ASP K 232 -28.49 -25.50 25.57
CA ASP K 232 -29.62 -25.25 24.69
C ASP K 232 -30.28 -26.58 24.35
N THR K 233 -31.37 -26.51 23.60
CA THR K 233 -32.19 -27.69 23.33
C THR K 233 -32.72 -27.63 21.90
N VAL K 234 -32.57 -28.72 21.17
CA VAL K 234 -33.10 -28.84 19.82
C VAL K 234 -34.25 -29.84 19.85
N THR K 235 -35.23 -29.64 18.97
CA THR K 235 -36.44 -30.45 18.97
C THR K 235 -36.79 -30.77 17.53
N PHE K 236 -37.07 -32.05 17.25
CA PHE K 236 -37.39 -32.51 15.91
C PHE K 236 -38.81 -33.06 15.90
N SER K 237 -39.77 -32.22 15.54
CA SER K 237 -41.11 -32.69 15.23
C SER K 237 -41.12 -33.23 13.81
N PHE K 238 -41.59 -34.45 13.64
CA PHE K 238 -41.62 -35.05 12.30
C PHE K 238 -42.73 -36.08 12.23
N ASN K 239 -43.19 -36.33 11.00
CA ASN K 239 -44.11 -37.42 10.73
C ASN K 239 -43.75 -38.14 9.43
N GLY K 240 -42.53 -37.99 8.96
CA GLY K 240 -42.05 -38.66 7.77
C GLY K 240 -40.91 -37.90 7.12
N ALA K 241 -40.19 -38.63 6.26
CA ALA K 241 -39.08 -38.10 5.45
C ALA K 241 -37.99 -37.45 6.28
N PHE K 242 -37.63 -38.09 7.39
CA PHE K 242 -36.67 -37.56 8.34
C PHE K 242 -35.54 -38.57 8.49
N ILE K 243 -34.32 -38.15 8.16
CA ILE K 243 -33.13 -38.95 8.38
C ILE K 243 -32.56 -38.51 9.72
N ALA K 244 -32.82 -39.30 10.75
CA ALA K 244 -32.60 -38.85 12.11
C ALA K 244 -31.12 -38.88 12.47
N PRO K 245 -30.64 -37.90 13.23
CA PRO K 245 -29.28 -37.97 13.75
C PRO K 245 -29.14 -39.05 14.80
N ASP K 246 -27.91 -39.50 14.97
CA ASP K 246 -27.59 -40.48 15.99
C ASP K 246 -26.58 -39.94 16.99
N ARG K 247 -25.52 -39.31 16.51
CA ARG K 247 -24.44 -38.81 17.37
C ARG K 247 -24.17 -37.35 17.01
N ALA K 248 -24.28 -36.47 18.01
CA ALA K 248 -23.88 -35.08 17.81
C ALA K 248 -22.37 -34.96 17.79
N SER K 249 -21.87 -33.89 17.19
CA SER K 249 -20.45 -33.72 16.98
C SER K 249 -19.94 -32.47 17.68
N PHE K 250 -18.70 -32.53 18.13
CA PHE K 250 -18.07 -31.44 18.86
C PHE K 250 -16.69 -31.19 18.30
N LEU K 251 -16.28 -29.93 18.32
CA LEU K 251 -14.98 -29.57 17.76
C LEU K 251 -13.88 -29.80 18.80
N ARG K 252 -12.66 -30.00 18.31
CA ARG K 252 -11.53 -30.36 19.16
C ARG K 252 -10.62 -29.18 19.49
N GLY K 253 -10.18 -28.44 18.47
CA GLY K 253 -9.19 -27.40 18.67
C GLY K 253 -8.97 -26.52 17.47
N LYS K 254 -7.71 -26.26 17.14
CA LYS K 254 -7.36 -25.42 16.00
C LYS K 254 -6.49 -26.21 15.03
N SER K 255 -6.85 -26.14 13.74
CA SER K 255 -6.06 -26.71 12.67
C SER K 255 -6.27 -25.88 11.43
N MET K 256 -5.67 -26.31 10.32
CA MET K 256 -5.87 -25.65 9.04
C MET K 256 -6.07 -26.70 7.96
N GLY K 257 -6.96 -26.41 7.03
CA GLY K 257 -7.29 -27.31 5.94
C GLY K 257 -6.78 -26.77 4.62
N ILE K 258 -6.17 -27.66 3.84
CA ILE K 258 -5.72 -27.34 2.49
C ILE K 258 -6.34 -28.33 1.53
N GLN K 259 -6.36 -27.95 0.26
CA GLN K 259 -6.75 -28.81 -0.84
C GLN K 259 -5.54 -28.98 -1.74
N SER K 260 -5.18 -30.22 -2.05
CA SER K 260 -3.92 -30.48 -2.73
C SER K 260 -4.09 -31.66 -3.66
N GLY K 261 -3.04 -31.91 -4.45
CA GLY K 261 -3.00 -33.04 -5.35
C GLY K 261 -1.69 -33.79 -5.30
N VAL K 262 -0.78 -33.33 -4.46
CA VAL K 262 0.54 -33.92 -4.34
C VAL K 262 0.61 -34.73 -3.06
N GLN K 263 1.67 -35.53 -2.91
CA GLN K 263 1.78 -36.44 -1.79
C GLN K 263 2.27 -35.73 -0.54
N VAL K 264 1.96 -36.30 0.61
CA VAL K 264 2.33 -35.72 1.89
C VAL K 264 3.68 -36.29 2.31
N ASP K 265 4.53 -35.42 2.85
CA ASP K 265 5.88 -35.77 3.28
C ASP K 265 5.98 -35.39 4.74
N ALA K 266 6.51 -36.29 5.57
CA ALA K 266 6.69 -36.02 6.98
C ALA K 266 8.13 -35.71 7.34
N ASP K 267 8.97 -35.43 6.34
CA ASP K 267 10.38 -35.17 6.58
C ASP K 267 10.70 -33.67 6.62
N CYS K 268 10.09 -32.88 5.74
CA CYS K 268 10.37 -31.45 5.71
C CYS K 268 9.45 -30.76 6.71
N GLU K 269 9.90 -29.64 7.24
CA GLU K 269 9.03 -28.75 7.99
C GLU K 269 8.57 -27.63 7.06
N GLY K 270 7.26 -27.54 6.82
CA GLY K 270 6.73 -26.52 5.96
C GLY K 270 5.73 -25.62 6.66
N ASP K 271 5.47 -24.44 6.10
CA ASP K 271 4.54 -23.52 6.73
C ASP K 271 3.59 -22.84 5.75
N CYS K 272 3.83 -22.91 4.44
CA CYS K 272 3.02 -22.22 3.44
C CYS K 272 2.70 -23.22 2.32
N TYR K 273 1.44 -23.61 2.23
CA TYR K 273 1.01 -24.64 1.30
C TYR K 273 0.10 -24.07 0.23
N TYR K 274 0.09 -24.76 -0.91
CA TYR K 274 -0.88 -24.50 -1.97
C TYR K 274 -1.21 -25.84 -2.61
N SER K 275 -1.94 -25.81 -3.73
CA SER K 275 -2.44 -27.04 -4.32
C SER K 275 -1.38 -27.84 -5.05
N GLY K 276 -0.14 -27.37 -5.13
CA GLY K 276 0.89 -28.12 -5.82
C GLY K 276 2.13 -28.36 -5.00
N GLY K 277 2.10 -28.02 -3.73
CA GLY K 277 3.24 -28.31 -2.89
C GLY K 277 3.37 -27.31 -1.74
N THR K 278 4.62 -26.95 -1.44
CA THR K 278 4.97 -26.13 -0.30
C THR K 278 6.02 -25.13 -0.71
N ILE K 279 5.88 -23.88 -0.25
CA ILE K 279 6.85 -22.82 -0.53
C ILE K 279 7.73 -22.67 0.70
N ILE K 280 9.01 -22.99 0.55
CA ILE K 280 10.00 -22.86 1.62
C ILE K 280 11.12 -21.98 1.08
N SER K 281 11.15 -20.73 1.53
CA SER K 281 12.15 -19.78 1.08
C SER K 281 12.27 -18.63 2.07
N ASN K 282 13.39 -17.92 1.98
CA ASN K 282 13.60 -16.69 2.72
C ASN K 282 13.26 -15.45 1.90
N LEU K 283 12.89 -15.61 0.64
CA LEU K 283 12.53 -14.48 -0.20
C LEU K 283 11.19 -13.91 0.27
N PRO K 284 11.00 -12.59 0.21
CA PRO K 284 9.77 -12.00 0.73
C PRO K 284 8.61 -11.99 -0.25
N PHE K 285 8.84 -12.28 -1.53
CA PHE K 285 7.79 -12.26 -2.53
C PHE K 285 7.80 -13.59 -3.27
N GLN K 286 6.62 -13.99 -3.74
CA GLN K 286 6.50 -15.22 -4.51
C GLN K 286 5.48 -15.02 -5.63
N ASN K 287 5.61 -15.84 -6.66
CA ASN K 287 4.78 -15.76 -7.86
C ASN K 287 4.36 -17.17 -8.28
N ILE K 288 3.90 -17.97 -7.31
CA ILE K 288 3.51 -19.35 -7.57
C ILE K 288 1.99 -19.51 -7.55
N ASP K 289 1.35 -19.16 -6.44
CA ASP K 289 -0.09 -19.26 -6.34
C ASP K 289 -0.66 -18.07 -5.57
N SER K 290 -1.79 -17.56 -6.07
CA SER K 290 -2.51 -16.52 -5.34
C SER K 290 -3.11 -17.06 -4.06
N ARG K 291 -3.58 -18.31 -4.09
CA ARG K 291 -4.37 -18.89 -3.02
C ARG K 291 -3.53 -19.77 -2.10
N ALA K 292 -2.27 -19.41 -1.89
CA ALA K 292 -1.45 -20.13 -0.93
C ALA K 292 -1.84 -19.73 0.49
N VAL K 293 -1.96 -20.71 1.37
CA VAL K 293 -2.47 -20.49 2.72
C VAL K 293 -1.38 -20.84 3.73
N GLY K 294 -1.58 -20.35 4.96
CA GLY K 294 -0.59 -20.49 6.00
C GLY K 294 0.13 -19.19 6.25
N LYS K 295 1.41 -19.26 6.61
CA LYS K 295 2.25 -18.07 6.77
C LYS K 295 3.14 -17.99 5.54
N CYS K 296 2.67 -17.24 4.54
CA CYS K 296 3.22 -17.27 3.20
C CYS K 296 3.95 -15.98 2.85
N PRO K 297 4.85 -16.01 1.86
CA PRO K 297 5.34 -14.77 1.27
C PRO K 297 4.23 -14.08 0.50
N ARG K 298 4.41 -12.78 0.28
CA ARG K 298 3.39 -11.99 -0.40
C ARG K 298 3.37 -12.32 -1.88
N TYR K 299 2.19 -12.59 -2.42
CA TYR K 299 2.05 -12.88 -3.83
C TYR K 299 2.13 -11.60 -4.65
N VAL K 300 3.00 -11.59 -5.65
CA VAL K 300 3.14 -10.49 -6.57
C VAL K 300 2.83 -11.01 -7.97
N LYS K 301 2.60 -10.08 -8.90
CA LYS K 301 2.31 -10.49 -10.27
C LYS K 301 3.54 -10.50 -11.16
N GLN K 302 4.64 -9.89 -10.72
CA GLN K 302 5.90 -9.98 -11.43
C GLN K 302 6.56 -11.31 -11.16
N ARG K 303 7.38 -11.75 -12.10
CA ARG K 303 8.11 -13.00 -11.94
C ARG K 303 9.61 -12.81 -11.73
N SER K 304 10.10 -11.59 -11.80
CA SER K 304 11.49 -11.30 -11.51
C SER K 304 11.58 -9.87 -10.98
N LEU K 305 12.24 -9.71 -9.84
CA LEU K 305 12.51 -8.39 -9.26
C LEU K 305 13.91 -8.47 -8.65
N LEU K 306 14.90 -7.94 -9.35
CA LEU K 306 16.29 -8.09 -8.96
C LEU K 306 16.71 -6.99 -8.01
N LEU K 307 17.28 -7.38 -6.88
CA LEU K 307 17.73 -6.46 -5.85
C LEU K 307 19.25 -6.36 -5.89
N ALA K 308 19.76 -5.14 -5.98
CA ALA K 308 21.20 -4.95 -6.06
C ALA K 308 21.85 -5.20 -4.71
N THR K 309 22.84 -6.07 -4.68
CA THR K 309 23.63 -6.32 -3.49
C THR K 309 25.04 -5.75 -3.61
N GLY K 310 25.40 -5.19 -4.76
CA GLY K 310 26.70 -4.57 -4.92
C GLY K 310 26.61 -3.13 -5.37
N MET K 311 27.74 -2.57 -5.80
CA MET K 311 27.78 -1.20 -6.29
C MET K 311 27.49 -1.17 -7.78
N LYS K 312 27.46 0.04 -8.34
CA LYS K 312 27.30 0.18 -9.79
C LYS K 312 28.59 -0.21 -10.50
N ASN K 313 28.46 -0.97 -11.58
CA ASN K 313 29.62 -1.52 -12.28
C ASN K 313 30.09 -0.55 -13.37
N VAL K 314 31.32 -0.07 -13.22
CA VAL K 314 31.99 0.72 -14.24
C VAL K 314 33.27 -0.02 -14.64
N PRO K 315 33.27 -0.68 -15.79
CA PRO K 315 34.42 -1.50 -16.19
C PRO K 315 35.59 -0.64 -16.65
N GLU K 316 36.74 -1.29 -16.79
CA GLU K 316 37.96 -0.62 -17.21
C GLU K 316 37.93 -0.25 -18.69
N ASP L 1 44.90 29.67 18.45
CA ASP L 1 44.35 30.18 17.19
C ASP L 1 43.72 29.05 16.38
N LYS L 2 42.51 28.64 16.78
CA LYS L 2 41.76 27.67 16.02
C LYS L 2 40.28 27.85 16.33
N ILE L 3 39.45 27.28 15.45
CA ILE L 3 38.00 27.40 15.54
C ILE L 3 37.38 26.09 15.08
N CYS L 4 36.49 25.54 15.88
CA CYS L 4 35.92 24.23 15.62
C CYS L 4 34.44 24.34 15.30
N LEU L 5 33.87 23.23 14.85
CA LEU L 5 32.45 23.12 14.54
C LEU L 5 31.94 21.78 15.02
N GLY L 6 30.86 21.78 15.80
CA GLY L 6 30.37 20.55 16.37
C GLY L 6 28.86 20.57 16.50
N HIS L 7 28.32 19.40 16.82
CA HIS L 7 26.90 19.24 17.05
C HIS L 7 26.65 18.81 18.49
N HIS L 8 25.41 18.88 18.92
CA HIS L 8 25.11 18.60 20.30
C HIS L 8 24.88 17.11 20.51
N ALA L 9 24.95 16.68 21.77
CA ALA L 9 24.76 15.28 22.11
C ALA L 9 24.20 15.20 23.51
N VAL L 10 23.64 14.04 23.83
CA VAL L 10 23.13 13.73 25.16
C VAL L 10 23.84 12.48 25.66
N SER L 11 23.67 12.21 26.96
CA SER L 11 24.32 11.04 27.56
C SER L 11 23.67 9.75 27.09
N ASN L 12 22.33 9.69 27.10
CA ASN L 12 21.59 8.52 26.68
C ASN L 12 20.45 8.96 25.78
N GLY L 13 20.41 8.42 24.56
CA GLY L 13 19.39 8.72 23.61
C GLY L 13 18.39 7.59 23.42
N THR L 14 17.52 7.77 22.44
CA THR L 14 16.48 6.80 22.13
C THR L 14 16.91 5.98 20.93
N LYS L 15 16.57 4.70 20.95
CA LYS L 15 16.90 3.78 19.86
C LYS L 15 15.73 3.68 18.90
N VAL L 16 15.94 4.08 17.65
CA VAL L 16 14.96 3.93 16.60
C VAL L 16 15.55 3.04 15.52
N ASN L 17 14.68 2.51 14.67
CA ASN L 17 15.08 1.68 13.55
C ASN L 17 15.17 2.52 12.27
N THR L 18 16.10 2.14 11.41
CA THR L 18 16.36 2.83 10.16
C THR L 18 16.24 1.78 9.04
N LEU L 19 16.47 2.18 7.79
CA LEU L 19 16.31 1.27 6.68
C LEU L 19 17.41 0.22 6.63
N THR L 20 18.63 0.57 7.04
CA THR L 20 19.77 -0.33 6.98
C THR L 20 20.32 -0.70 8.36
N GLU L 21 19.66 -0.28 9.44
CA GLU L 21 20.22 -0.48 10.77
C GLU L 21 19.09 -0.50 11.79
N ARG L 22 19.20 -1.36 12.78
CA ARG L 22 18.25 -1.45 13.88
C ARG L 22 18.90 -0.94 15.15
N GLY L 23 18.20 -0.07 15.87
CA GLY L 23 18.71 0.43 17.13
C GLY L 23 19.72 1.55 17.01
N VAL L 24 19.50 2.48 16.08
CA VAL L 24 20.36 3.65 15.99
C VAL L 24 20.03 4.61 17.13
N GLU L 25 21.05 5.08 17.82
CA GLU L 25 20.88 6.09 18.85
C GLU L 25 20.63 7.43 18.19
N VAL L 26 19.40 7.92 18.30
CA VAL L 26 19.10 9.30 17.97
C VAL L 26 19.02 10.08 19.27
N VAL L 27 19.02 11.41 19.17
CA VAL L 27 18.97 12.25 20.36
C VAL L 27 17.59 12.18 21.01
N ASN L 28 16.55 12.35 20.21
CA ASN L 28 15.18 12.31 20.72
C ASN L 28 14.32 11.53 19.74
N ALA L 29 13.19 11.03 20.24
CA ALA L 29 12.26 10.31 19.40
C ALA L 29 10.85 10.49 19.95
N THR L 30 9.88 10.00 19.21
CA THR L 30 8.49 10.07 19.62
C THR L 30 7.75 8.84 19.12
N GLU L 31 6.59 8.60 19.71
CA GLU L 31 5.78 7.44 19.38
C GLU L 31 4.76 7.80 18.32
N THR L 32 4.62 6.91 17.33
CA THR L 32 3.70 7.10 16.22
C THR L 32 2.45 6.23 16.33
N VAL L 33 2.45 5.24 17.21
CA VAL L 33 1.34 4.29 17.33
C VAL L 33 0.63 4.54 18.65
N GLU L 34 -0.68 4.75 18.57
CA GLU L 34 -1.47 5.06 19.75
C GLU L 34 -1.90 3.79 20.47
N ARG L 35 -1.75 3.79 21.80
CA ARG L 35 -2.16 2.66 22.62
C ARG L 35 -3.10 3.04 23.76
N THR L 36 -3.17 4.31 24.16
CA THR L 36 -4.03 4.73 25.24
C THR L 36 -5.25 5.45 24.69
N ASN L 37 -6.41 5.21 25.30
CA ASN L 37 -7.67 5.76 24.86
C ASN L 37 -8.38 6.39 26.05
N ILE L 38 -9.55 6.95 25.78
CA ILE L 38 -10.44 7.48 26.82
C ILE L 38 -11.58 6.50 26.99
N PRO L 39 -11.76 5.90 28.18
CA PRO L 39 -12.72 4.79 28.35
C PRO L 39 -14.16 5.23 28.56
N ARG L 40 -14.60 6.18 27.74
CA ARG L 40 -15.98 6.67 27.73
C ARG L 40 -16.35 7.00 26.30
N ILE L 41 -17.65 7.15 26.05
CA ILE L 41 -18.15 7.57 24.75
C ILE L 41 -18.31 9.08 24.84
N CYS L 42 -17.22 9.80 24.60
CA CYS L 42 -17.21 11.26 24.68
C CYS L 42 -17.87 11.80 23.42
N SER L 43 -19.06 12.38 23.58
CA SER L 43 -19.92 12.76 22.46
C SER L 43 -20.53 14.15 22.66
N LYS L 44 -19.71 15.15 22.95
CA LYS L 44 -20.19 16.52 22.98
C LYS L 44 -20.49 16.99 21.57
N GLY L 45 -21.53 17.81 21.43
CA GLY L 45 -21.90 18.35 20.14
C GLY L 45 -22.73 17.44 19.29
N LYS L 46 -23.02 16.24 19.74
CA LYS L 46 -23.86 15.29 19.02
C LYS L 46 -25.15 15.05 19.79
N ARG L 47 -26.05 14.32 19.16
CA ARG L 47 -27.35 13.99 19.72
C ARG L 47 -27.36 12.47 19.94
N THR L 48 -27.03 12.05 21.15
CA THR L 48 -26.75 10.66 21.46
C THR L 48 -27.97 9.99 22.07
N VAL L 49 -28.36 8.85 21.51
CA VAL L 49 -29.42 8.01 22.05
C VAL L 49 -28.79 6.74 22.59
N ASP L 50 -29.00 6.48 23.88
CA ASP L 50 -28.47 5.29 24.56
C ASP L 50 -29.62 4.33 24.78
N LEU L 51 -29.62 3.23 24.03
CA LEU L 51 -30.76 2.31 24.05
C LEU L 51 -30.80 1.51 25.34
N GLY L 52 -29.70 0.87 25.70
CA GLY L 52 -29.66 0.13 26.96
C GLY L 52 -30.30 -1.23 26.87
N GLN L 53 -31.43 -1.41 27.56
CA GLN L 53 -32.13 -2.69 27.58
C GLN L 53 -32.91 -2.95 26.30
N CYS L 54 -33.00 -1.97 25.41
CA CYS L 54 -33.75 -2.08 24.18
C CYS L 54 -32.82 -2.41 23.02
N GLY L 55 -33.34 -3.16 22.05
CA GLY L 55 -32.60 -3.49 20.85
C GLY L 55 -32.91 -2.53 19.72
N LEU L 56 -32.02 -2.48 18.74
CA LEU L 56 -32.19 -1.51 17.66
C LEU L 56 -33.39 -1.83 16.79
N LEU L 57 -33.60 -3.12 16.48
CA LEU L 57 -34.74 -3.51 15.66
C LEU L 57 -36.03 -3.59 16.44
N GLY L 58 -35.96 -3.56 17.78
CA GLY L 58 -37.18 -3.59 18.57
C GLY L 58 -38.00 -2.33 18.42
N THR L 59 -37.34 -1.19 18.24
CA THR L 59 -38.01 0.10 18.09
C THR L 59 -38.90 0.19 16.86
N ILE L 60 -38.73 -0.73 15.89
CA ILE L 60 -39.68 -0.84 14.80
C ILE L 60 -40.95 -1.57 15.24
N THR L 61 -40.80 -2.67 15.97
CA THR L 61 -41.95 -3.47 16.41
C THR L 61 -42.48 -3.06 17.77
N GLY L 62 -41.64 -2.53 18.66
CA GLY L 62 -42.08 -2.02 19.94
C GLY L 62 -42.42 -3.01 21.04
N PRO L 63 -41.43 -3.71 21.59
CA PRO L 63 -41.64 -4.47 22.83
C PRO L 63 -41.76 -3.53 24.02
N PRO L 64 -42.09 -4.03 25.23
CA PRO L 64 -42.20 -3.12 26.38
C PRO L 64 -40.91 -2.42 26.79
N GLN L 65 -39.73 -2.97 26.48
CA GLN L 65 -38.49 -2.30 26.83
C GLN L 65 -38.10 -1.20 25.85
N CYS L 66 -38.84 -1.04 24.76
CA CYS L 66 -38.54 -0.05 23.72
C CYS L 66 -39.67 0.94 23.58
N ASP L 67 -40.30 1.31 24.70
CA ASP L 67 -41.47 2.17 24.64
C ASP L 67 -41.10 3.64 24.45
N GLN L 68 -39.92 4.05 24.92
CA GLN L 68 -39.49 5.44 24.83
C GLN L 68 -38.59 5.68 23.62
N PHE L 69 -38.42 4.69 22.75
CA PHE L 69 -37.55 4.80 21.59
C PHE L 69 -38.29 4.55 20.29
N LEU L 70 -39.61 4.72 20.28
CA LEU L 70 -40.40 4.39 19.10
C LEU L 70 -40.34 5.46 18.03
N GLU L 71 -39.98 6.68 18.39
CA GLU L 71 -39.83 7.78 17.45
C GLU L 71 -38.58 8.57 17.76
N PHE L 72 -37.49 7.87 18.08
CA PHE L 72 -36.28 8.52 18.55
C PHE L 72 -35.57 9.24 17.41
N SER L 73 -34.63 10.10 17.80
CA SER L 73 -33.85 10.87 16.84
C SER L 73 -32.45 11.01 17.40
N ALA L 74 -31.45 10.78 16.54
CA ALA L 74 -30.09 10.67 17.05
C ALA L 74 -29.08 11.05 15.98
N ASP L 75 -27.94 11.55 16.44
CA ASP L 75 -26.72 11.64 15.65
C ASP L 75 -25.76 10.50 15.96
N LEU L 76 -26.03 9.74 17.01
CA LEU L 76 -25.13 8.66 17.45
C LEU L 76 -25.95 7.69 18.28
N ILE L 77 -26.10 6.46 17.80
CA ILE L 77 -26.87 5.43 18.47
C ILE L 77 -25.90 4.45 19.14
N ILE L 78 -26.04 4.27 20.44
CA ILE L 78 -25.19 3.36 21.20
C ILE L 78 -26.00 2.11 21.54
N GLU L 79 -25.57 0.96 21.01
CA GLU L 79 -26.17 -0.32 21.33
C GLU L 79 -25.44 -0.96 22.49
N ARG L 80 -26.19 -1.51 23.44
CA ARG L 80 -25.63 -2.23 24.56
C ARG L 80 -25.86 -3.72 24.40
N ARG L 81 -25.08 -4.51 25.14
CA ARG L 81 -25.13 -5.96 25.01
C ARG L 81 -26.43 -6.54 25.54
N GLU L 82 -26.99 -5.94 26.59
CA GLU L 82 -28.20 -6.44 27.22
C GLU L 82 -29.48 -6.05 26.49
N GLY L 83 -29.37 -5.40 25.34
CA GLY L 83 -30.55 -5.01 24.60
C GLY L 83 -31.18 -6.19 23.88
N SER L 84 -32.50 -6.28 23.97
CA SER L 84 -33.27 -7.33 23.33
C SER L 84 -34.27 -6.72 22.37
N ASP L 85 -34.52 -7.44 21.27
CA ASP L 85 -35.40 -6.96 20.22
C ASP L 85 -36.85 -7.40 20.41
N VAL L 86 -37.06 -8.51 21.10
CA VAL L 86 -38.37 -9.17 21.15
C VAL L 86 -38.79 -9.37 22.59
N CYS L 87 -40.10 -9.50 22.79
CA CYS L 87 -40.67 -9.98 24.04
C CYS L 87 -41.29 -11.36 23.90
N TYR L 88 -42.20 -11.53 22.95
CA TYR L 88 -42.57 -12.87 22.50
C TYR L 88 -41.41 -13.45 21.69
N PRO L 89 -41.10 -14.74 21.86
CA PRO L 89 -39.92 -15.30 21.19
C PRO L 89 -40.05 -15.35 19.68
N GLY L 90 -38.94 -15.09 19.00
CA GLY L 90 -38.93 -14.93 17.57
C GLY L 90 -37.70 -14.16 17.16
N LYS L 91 -37.58 -13.94 15.85
CA LYS L 91 -36.42 -13.25 15.31
C LYS L 91 -36.77 -12.68 13.94
N PHE L 92 -35.89 -11.81 13.46
CA PHE L 92 -36.07 -11.15 12.17
C PHE L 92 -35.41 -11.96 11.06
N VAL L 93 -35.81 -11.66 9.83
CA VAL L 93 -35.24 -12.27 8.63
C VAL L 93 -34.46 -11.18 7.91
N ASN L 94 -33.22 -11.50 7.53
CA ASN L 94 -32.19 -10.53 7.14
C ASN L 94 -32.05 -9.45 8.20
N GLU L 95 -31.71 -9.89 9.41
CA GLU L 95 -31.66 -8.99 10.56
C GLU L 95 -30.45 -8.08 10.52
N GLU L 96 -29.36 -8.51 9.89
CA GLU L 96 -28.16 -7.69 9.86
C GLU L 96 -28.17 -6.65 8.76
N ALA L 97 -28.93 -6.88 7.69
CA ALA L 97 -29.15 -5.82 6.71
C ALA L 97 -30.08 -4.75 7.27
N LEU L 98 -31.02 -5.12 8.13
CA LEU L 98 -31.90 -4.14 8.75
C LEU L 98 -31.18 -3.35 9.85
N ARG L 99 -30.22 -3.97 10.53
CA ARG L 99 -29.46 -3.26 11.55
C ARG L 99 -28.56 -2.20 10.94
N GLN L 100 -27.99 -2.46 9.76
CA GLN L 100 -27.17 -1.47 9.09
C GLN L 100 -28.00 -0.35 8.48
N ILE L 101 -29.31 -0.55 8.33
CA ILE L 101 -30.18 0.50 7.85
C ILE L 101 -30.49 1.48 8.98
N LEU L 102 -30.90 0.97 10.14
CA LEU L 102 -31.29 1.83 11.25
C LEU L 102 -30.11 2.46 11.98
N ARG L 103 -28.92 1.86 11.89
CA ARG L 103 -27.72 2.51 12.42
C ARG L 103 -27.38 3.77 11.63
N GLU L 104 -27.74 3.80 10.35
CA GLU L 104 -27.43 4.90 9.46
C GLU L 104 -28.62 5.84 9.28
N SER L 105 -29.75 5.53 9.92
CA SER L 105 -31.03 6.16 9.58
C SER L 105 -31.22 7.52 10.24
N GLY L 106 -30.59 7.77 11.37
CA GLY L 106 -30.76 9.02 12.06
C GLY L 106 -32.01 9.13 12.90
N GLY L 107 -32.82 8.08 12.97
CA GLY L 107 -34.08 8.13 13.69
C GLY L 107 -35.18 7.42 12.94
N ILE L 108 -36.40 7.45 13.47
CA ILE L 108 -37.55 6.80 12.85
C ILE L 108 -38.77 7.68 13.05
N ASP L 109 -39.56 7.85 12.00
CA ASP L 109 -40.78 8.64 12.01
C ASP L 109 -41.95 7.71 11.69
N LYS L 110 -42.72 7.34 12.71
CA LYS L 110 -43.81 6.39 12.51
C LYS L 110 -45.03 7.08 11.93
N GLU L 111 -45.63 6.45 10.92
CA GLU L 111 -46.80 6.96 10.21
C GLU L 111 -47.86 5.87 10.17
N ALA L 112 -49.07 6.20 10.64
CA ALA L 112 -50.12 5.20 10.79
C ALA L 112 -50.65 4.75 9.43
N MET L 113 -51.03 3.47 9.38
CA MET L 113 -51.51 2.86 8.14
C MET L 113 -53.01 2.92 7.99
N GLY L 114 -53.76 2.84 9.08
CA GLY L 114 -55.21 2.96 9.01
C GLY L 114 -55.91 1.72 8.50
N PHE L 115 -55.52 0.54 8.98
CA PHE L 115 -56.19 -0.69 8.61
C PHE L 115 -57.44 -0.90 9.46
N THR L 116 -58.51 -1.33 8.81
CA THR L 116 -59.74 -1.69 9.48
C THR L 116 -59.96 -3.19 9.39
N TYR L 117 -60.53 -3.78 10.42
CA TYR L 117 -60.65 -5.23 10.53
C TYR L 117 -62.11 -5.59 10.81
N SER L 118 -62.71 -6.33 9.88
CA SER L 118 -64.15 -6.57 9.87
C SER L 118 -64.45 -7.97 10.39
N GLY L 119 -64.92 -8.05 11.63
CA GLY L 119 -65.44 -9.29 12.18
C GLY L 119 -64.43 -10.22 12.81
N ILE L 120 -63.19 -9.76 13.02
CA ILE L 120 -62.17 -10.58 13.66
C ILE L 120 -61.72 -9.88 14.93
N ARG L 121 -61.15 -10.66 15.84
CA ARG L 121 -60.56 -10.07 17.03
C ARG L 121 -59.23 -9.42 16.69
N THR L 122 -58.80 -8.51 17.56
CA THR L 122 -57.55 -7.79 17.38
C THR L 122 -56.71 -7.73 18.66
N ASN L 123 -57.33 -7.81 19.84
CA ASN L 123 -56.62 -7.68 21.11
C ASN L 123 -55.94 -8.99 21.51
N GLY L 124 -55.06 -9.47 20.64
CA GLY L 124 -54.25 -10.62 20.97
C GLY L 124 -53.12 -10.21 21.89
N ALA L 125 -53.03 -10.87 23.03
CA ALA L 125 -52.04 -10.53 24.05
C ALA L 125 -51.32 -11.80 24.47
N THR L 126 -50.23 -11.62 25.22
CA THR L 126 -49.42 -12.74 25.66
C THR L 126 -48.76 -12.37 26.99
N SER L 127 -48.36 -13.40 27.73
CA SER L 127 -47.77 -13.21 29.04
C SER L 127 -46.28 -12.89 28.99
N SER L 128 -45.66 -12.93 27.81
CA SER L 128 -44.26 -12.58 27.69
C SER L 128 -44.05 -11.08 27.64
N CYS L 129 -45.02 -10.33 27.11
CA CYS L 129 -44.89 -8.89 26.90
C CYS L 129 -45.70 -8.22 28.00
N ARG L 130 -45.04 -7.98 29.15
CA ARG L 130 -45.71 -7.45 30.34
C ARG L 130 -45.72 -5.93 30.28
N ARG L 131 -46.90 -5.36 30.07
CA ARG L 131 -47.09 -3.90 30.02
C ARG L 131 -48.44 -3.61 30.67
N SER L 132 -48.40 -3.32 31.98
CA SER L 132 -49.59 -3.15 32.83
C SER L 132 -50.53 -4.33 32.72
N GLY L 133 -49.97 -5.54 32.82
CA GLY L 133 -50.71 -6.77 32.64
C GLY L 133 -50.18 -7.55 31.45
N SER L 134 -51.10 -8.14 30.69
CA SER L 134 -50.77 -8.90 29.50
C SER L 134 -51.01 -8.02 28.28
N SER L 135 -49.98 -7.88 27.44
CA SER L 135 -50.05 -7.02 26.27
C SER L 135 -49.35 -7.70 25.12
N PHE L 136 -49.07 -6.93 24.08
CA PHE L 136 -48.37 -7.40 22.89
C PHE L 136 -47.40 -6.29 22.48
N TYR L 137 -46.89 -6.37 21.25
CA TYR L 137 -46.09 -5.30 20.70
C TYR L 137 -46.91 -4.03 20.55
N ALA L 138 -46.23 -2.89 20.61
CA ALA L 138 -46.93 -1.62 20.61
C ALA L 138 -47.32 -1.18 19.20
N GLU L 139 -46.65 -1.69 18.17
CA GLU L 139 -46.88 -1.25 16.80
C GLU L 139 -47.33 -2.39 15.91
N MET L 140 -47.69 -3.53 16.48
CA MET L 140 -48.20 -4.67 15.75
C MET L 140 -49.48 -5.15 16.41
N LYS L 141 -50.35 -5.77 15.62
CA LYS L 141 -51.59 -6.33 16.10
C LYS L 141 -51.62 -7.83 15.87
N TRP L 142 -52.21 -8.57 16.78
CA TRP L 142 -52.37 -10.01 16.68
C TRP L 142 -53.81 -10.30 16.31
N LEU L 143 -54.04 -10.58 15.03
CA LEU L 143 -55.39 -10.81 14.52
C LEU L 143 -55.80 -12.24 14.83
N LEU L 144 -56.91 -12.40 15.54
CA LEU L 144 -57.41 -13.71 15.93
C LEU L 144 -58.80 -13.94 15.37
N SER L 145 -59.39 -15.07 15.74
CA SER L 145 -60.81 -15.31 15.50
C SER L 145 -61.63 -14.75 16.65
N ASN L 146 -62.95 -14.75 16.46
CA ASN L 146 -63.84 -14.08 17.42
C ASN L 146 -63.87 -14.80 18.76
N THR L 147 -63.81 -16.13 18.73
CA THR L 147 -63.61 -16.93 19.92
C THR L 147 -62.71 -18.10 19.54
N ASP L 148 -62.42 -18.97 20.51
CA ASP L 148 -61.55 -20.09 20.25
C ASP L 148 -62.21 -21.12 19.35
N ASN L 149 -61.41 -21.72 18.46
CA ASN L 149 -61.78 -22.72 17.45
C ASN L 149 -62.75 -22.20 16.41
N ALA L 150 -62.97 -20.88 16.34
CA ALA L 150 -63.83 -20.30 15.34
C ALA L 150 -63.08 -20.15 14.02
N ALA L 151 -63.81 -19.80 12.96
CA ALA L 151 -63.22 -19.66 11.65
C ALA L 151 -62.51 -18.31 11.52
N PHE L 152 -61.82 -18.13 10.40
CA PHE L 152 -61.12 -16.89 10.11
C PHE L 152 -61.37 -16.52 8.65
N PRO L 153 -61.96 -15.36 8.38
CA PRO L 153 -62.27 -14.98 7.00
C PRO L 153 -61.02 -14.55 6.24
N GLN L 154 -61.05 -14.78 4.93
CA GLN L 154 -59.95 -14.35 4.07
C GLN L 154 -60.00 -12.84 3.87
N MET L 155 -58.89 -12.16 4.13
CA MET L 155 -58.82 -10.72 4.11
C MET L 155 -57.74 -10.24 3.14
N THR L 156 -57.79 -8.95 2.83
CA THR L 156 -56.81 -8.32 1.97
C THR L 156 -56.77 -6.83 2.32
N LYS L 157 -55.63 -6.36 2.82
CA LYS L 157 -55.46 -4.98 3.21
C LYS L 157 -54.31 -4.36 2.44
N SER L 158 -54.45 -3.07 2.14
CA SER L 158 -53.51 -2.38 1.25
C SER L 158 -53.03 -1.09 1.87
N TYR L 159 -51.81 -0.70 1.51
CA TYR L 159 -51.22 0.55 1.97
C TYR L 159 -50.43 1.18 0.82
N LYS L 160 -50.59 2.48 0.65
CA LYS L 160 -49.90 3.23 -0.40
C LYS L 160 -48.93 4.21 0.24
N ASN L 161 -47.67 4.17 -0.19
CA ASN L 161 -46.65 5.07 0.33
C ASN L 161 -46.78 6.41 -0.37
N THR L 162 -47.45 7.37 0.29
CA THR L 162 -47.69 8.67 -0.32
C THR L 162 -46.53 9.64 -0.16
N ARG L 163 -45.61 9.38 0.77
CA ARG L 163 -44.52 10.31 1.04
C ARG L 163 -43.42 10.15 0.01
N LYS L 164 -42.42 11.03 0.08
CA LYS L 164 -41.35 11.09 -0.91
C LYS L 164 -40.11 10.34 -0.46
N ASN L 165 -40.28 9.29 0.33
CA ASN L 165 -39.17 8.55 0.91
C ASN L 165 -39.58 7.10 1.04
N PRO L 166 -38.61 6.17 1.07
CA PRO L 166 -38.96 4.76 1.28
C PRO L 166 -39.51 4.49 2.68
N ALA L 167 -40.45 3.55 2.76
CA ALA L 167 -41.15 3.23 3.99
C ALA L 167 -40.78 1.83 4.45
N LEU L 168 -40.35 1.72 5.70
CA LEU L 168 -39.96 0.45 6.30
C LEU L 168 -41.21 -0.25 6.81
N ILE L 169 -41.75 -1.17 6.01
CA ILE L 169 -42.92 -1.97 6.38
C ILE L 169 -42.42 -3.22 7.09
N VAL L 170 -43.11 -3.64 8.15
CA VAL L 170 -42.76 -4.84 8.91
C VAL L 170 -44.04 -5.60 9.26
N TRP L 171 -44.06 -6.90 8.98
CA TRP L 171 -45.14 -7.77 9.40
C TRP L 171 -44.56 -9.03 10.02
N GLY L 172 -45.38 -9.75 10.76
CA GLY L 172 -44.96 -10.97 11.42
C GLY L 172 -45.79 -12.16 11.00
N ILE L 173 -45.19 -13.34 11.09
CA ILE L 173 -45.86 -14.60 10.84
C ILE L 173 -45.78 -15.43 12.12
N HIS L 174 -46.93 -15.90 12.58
CA HIS L 174 -46.99 -16.67 13.82
C HIS L 174 -46.87 -18.15 13.51
N HIS L 175 -45.86 -18.80 14.08
CA HIS L 175 -45.68 -20.25 14.02
C HIS L 175 -46.07 -20.79 15.38
N SER L 176 -47.27 -21.36 15.48
CA SER L 176 -47.82 -21.74 16.77
C SER L 176 -47.10 -22.97 17.33
N GLY L 177 -47.36 -23.26 18.60
CA GLY L 177 -46.68 -24.35 19.27
C GLY L 177 -47.24 -25.72 18.95
N SER L 178 -48.49 -25.80 18.50
CA SER L 178 -49.15 -27.06 18.24
C SER L 178 -50.07 -26.90 17.04
N THR L 179 -50.61 -28.01 16.57
CA THR L 179 -51.67 -27.96 15.56
C THR L 179 -53.05 -27.79 16.18
N ALA L 180 -53.19 -28.04 17.49
CA ALA L 180 -54.38 -27.67 18.23
C ALA L 180 -54.33 -26.24 18.72
N GLU L 181 -53.23 -25.55 18.50
CA GLU L 181 -53.09 -24.13 18.83
C GLU L 181 -53.34 -23.24 17.62
N GLN L 182 -52.89 -23.68 16.45
CA GLN L 182 -53.14 -22.93 15.22
C GLN L 182 -54.62 -22.95 14.87
N THR L 183 -55.29 -24.08 15.10
CA THR L 183 -56.71 -24.19 14.82
C THR L 183 -57.57 -23.47 15.86
N LYS L 184 -57.03 -23.27 17.07
CA LYS L 184 -57.76 -22.54 18.10
C LYS L 184 -57.86 -21.05 17.77
N LEU L 185 -56.88 -20.50 17.06
CA LEU L 185 -56.80 -19.06 16.87
C LEU L 185 -57.02 -18.60 15.45
N TYR L 186 -56.93 -19.48 14.46
CA TYR L 186 -57.21 -19.11 13.08
C TYR L 186 -58.06 -20.16 12.35
N GLY L 187 -58.70 -21.07 13.09
CA GLY L 187 -59.53 -22.08 12.47
C GLY L 187 -58.74 -23.19 11.81
N SER L 188 -59.47 -24.19 11.35
CA SER L 188 -58.87 -25.32 10.68
C SER L 188 -58.55 -24.98 9.22
N GLY L 189 -57.65 -25.75 8.63
CA GLY L 189 -57.29 -25.62 7.24
C GLY L 189 -55.85 -25.17 7.06
N ASN L 190 -55.46 -25.07 5.79
CA ASN L 190 -54.12 -24.63 5.41
C ASN L 190 -54.13 -23.12 5.21
N LYS L 191 -53.20 -22.43 5.86
CA LYS L 191 -53.17 -20.98 5.89
C LYS L 191 -52.05 -20.45 5.00
N LEU L 192 -52.11 -19.15 4.74
CA LEU L 192 -51.19 -18.51 3.81
C LEU L 192 -51.17 -17.02 4.06
N VAL L 193 -50.01 -16.41 3.84
CA VAL L 193 -49.85 -14.96 3.83
C VAL L 193 -49.10 -14.59 2.57
N THR L 194 -49.70 -13.74 1.74
CA THR L 194 -49.08 -13.31 0.49
C THR L 194 -48.81 -11.81 0.58
N VAL L 195 -47.61 -11.40 0.20
CA VAL L 195 -47.17 -10.02 0.30
C VAL L 195 -46.57 -9.62 -1.05
N GLY L 196 -47.11 -8.55 -1.65
CA GLY L 196 -46.63 -8.11 -2.94
C GLY L 196 -46.38 -6.62 -2.95
N SER L 197 -45.58 -6.21 -3.93
CA SER L 197 -45.27 -4.81 -4.16
C SER L 197 -44.89 -4.65 -5.64
N SER L 198 -44.42 -3.46 -6.00
CA SER L 198 -43.94 -3.21 -7.35
C SER L 198 -42.49 -3.62 -7.54
N ASN L 199 -41.83 -4.09 -6.48
CA ASN L 199 -40.44 -4.49 -6.53
C ASN L 199 -40.21 -5.75 -5.70
N TYR L 200 -41.26 -6.34 -5.16
CA TYR L 200 -41.17 -7.42 -4.19
C TYR L 200 -42.33 -8.37 -4.41
N GLN L 201 -42.06 -9.66 -4.21
CA GLN L 201 -43.12 -10.67 -4.19
C GLN L 201 -42.59 -11.87 -3.41
N GLN L 202 -43.27 -12.20 -2.32
CA GLN L 202 -43.01 -13.41 -1.56
C GLN L 202 -44.31 -13.89 -0.96
N SER L 203 -44.27 -15.10 -0.41
CA SER L 203 -45.43 -15.64 0.27
C SER L 203 -44.95 -16.55 1.39
N PHE L 204 -45.79 -16.69 2.40
CA PHE L 204 -45.41 -17.37 3.64
C PHE L 204 -46.54 -18.30 4.07
N VAL L 205 -46.17 -19.35 4.78
CA VAL L 205 -47.12 -20.32 5.30
C VAL L 205 -46.67 -20.67 6.72
N PRO L 206 -47.58 -20.67 7.69
CA PRO L 206 -47.17 -21.00 9.05
C PRO L 206 -46.87 -22.48 9.19
N SER L 207 -45.97 -22.80 10.12
CA SER L 207 -45.53 -24.17 10.35
C SER L 207 -45.55 -24.43 11.84
N PRO L 208 -46.65 -24.97 12.36
CA PRO L 208 -46.71 -25.31 13.79
C PRO L 208 -45.86 -26.52 14.11
N GLY L 209 -45.65 -26.71 15.40
CA GLY L 209 -44.84 -27.81 15.90
C GLY L 209 -44.18 -27.37 17.18
N ALA L 210 -43.89 -28.33 18.04
CA ALA L 210 -43.27 -28.04 19.33
C ALA L 210 -41.79 -27.75 19.15
N ARG L 211 -41.28 -26.86 19.98
CA ARG L 211 -39.85 -26.61 20.07
C ARG L 211 -39.54 -26.20 21.51
N THR L 212 -38.35 -25.66 21.74
CA THR L 212 -37.92 -25.40 23.10
C THR L 212 -38.59 -24.16 23.67
N GLN L 213 -38.73 -24.14 24.99
CA GLN L 213 -39.39 -23.03 25.68
C GLN L 213 -38.45 -21.84 25.76
N VAL L 214 -38.82 -20.74 25.11
CA VAL L 214 -38.15 -19.45 25.28
C VAL L 214 -39.19 -18.48 25.82
N ASN L 215 -38.87 -17.86 26.96
CA ASN L 215 -39.75 -16.96 27.71
C ASN L 215 -41.07 -17.61 28.12
N GLY L 216 -41.11 -18.94 28.23
CA GLY L 216 -42.31 -19.65 28.62
C GLY L 216 -43.20 -20.11 27.49
N GLN L 217 -42.87 -19.79 26.23
CA GLN L 217 -43.67 -20.22 25.09
C GLN L 217 -42.84 -21.04 24.12
N SER L 218 -43.54 -21.83 23.32
CA SER L 218 -42.93 -22.62 22.25
C SER L 218 -43.37 -22.16 20.86
N GLY L 219 -44.16 -21.10 20.78
CA GLY L 219 -44.45 -20.50 19.50
C GLY L 219 -43.42 -19.44 19.14
N ARG L 220 -43.34 -19.13 17.85
CA ARG L 220 -42.39 -18.16 17.34
C ARG L 220 -43.09 -17.17 16.43
N ILE L 221 -42.53 -15.97 16.32
CA ILE L 221 -43.02 -14.95 15.40
C ILE L 221 -41.86 -14.49 14.53
N ASP L 222 -41.98 -14.70 13.22
CA ASP L 222 -40.95 -14.33 12.26
C ASP L 222 -41.27 -12.97 11.67
N PHE L 223 -40.41 -11.98 11.91
CA PHE L 223 -40.62 -10.64 11.41
C PHE L 223 -39.90 -10.46 10.08
N HIS L 224 -40.62 -9.94 9.09
CA HIS L 224 -40.06 -9.69 7.77
C HIS L 224 -40.20 -8.20 7.47
N TRP L 225 -39.50 -7.74 6.45
CA TRP L 225 -39.49 -6.31 6.17
C TRP L 225 -39.19 -6.04 4.70
N LEU L 226 -39.67 -4.89 4.23
CA LEU L 226 -39.36 -4.39 2.90
C LEU L 226 -39.34 -2.86 2.97
N MET L 227 -38.75 -2.25 1.95
CA MET L 227 -38.75 -0.80 1.81
C MET L 227 -39.64 -0.41 0.63
N LEU L 228 -40.84 0.08 0.94
CA LEU L 228 -41.78 0.51 -0.09
C LEU L 228 -41.29 1.80 -0.72
N ASN L 229 -41.11 1.78 -2.05
CA ASN L 229 -40.66 2.96 -2.77
C ASN L 229 -41.74 4.04 -2.78
N PRO L 230 -41.38 5.30 -3.06
CA PRO L 230 -42.40 6.36 -3.16
C PRO L 230 -43.42 6.10 -4.25
N ASN L 231 -44.70 6.31 -3.89
CA ASN L 231 -45.87 6.03 -4.72
C ASN L 231 -45.89 4.57 -5.17
N ASP L 232 -45.67 3.66 -4.21
CA ASP L 232 -45.84 2.23 -4.41
C ASP L 232 -46.93 1.73 -3.47
N THR L 233 -47.24 0.45 -3.59
CA THR L 233 -48.37 -0.13 -2.87
C THR L 233 -48.02 -1.53 -2.41
N VAL L 234 -48.28 -1.83 -1.14
CA VAL L 234 -48.07 -3.16 -0.58
C VAL L 234 -49.44 -3.75 -0.28
N THR L 235 -49.54 -5.07 -0.38
CA THR L 235 -50.82 -5.75 -0.23
C THR L 235 -50.59 -7.01 0.61
N PHE L 236 -51.42 -7.22 1.62
CA PHE L 236 -51.31 -8.36 2.52
C PHE L 236 -52.55 -9.22 2.39
N SER L 237 -52.48 -10.24 1.56
CA SER L 237 -53.50 -11.29 1.53
C SER L 237 -53.19 -12.27 2.65
N PHE L 238 -54.17 -12.53 3.51
CA PHE L 238 -53.94 -13.46 4.61
C PHE L 238 -55.26 -14.09 5.02
N ASN L 239 -55.15 -15.27 5.64
CA ASN L 239 -56.30 -15.93 6.26
C ASN L 239 -55.91 -16.55 7.60
N GLY L 240 -54.82 -16.11 8.20
CA GLY L 240 -54.40 -16.57 9.50
C GLY L 240 -52.91 -16.41 9.68
N ALA L 241 -52.48 -16.47 10.95
CA ALA L 241 -51.08 -16.42 11.39
C ALA L 241 -50.36 -15.16 10.90
N PHE L 242 -51.04 -14.02 10.98
CA PHE L 242 -50.53 -12.75 10.47
C PHE L 242 -50.50 -11.77 11.63
N ILE L 243 -49.30 -11.27 11.94
CA ILE L 243 -49.13 -10.20 12.92
C ILE L 243 -49.11 -8.90 12.14
N ALA L 244 -50.24 -8.20 12.13
CA ALA L 244 -50.43 -7.11 11.19
C ALA L 244 -49.66 -5.87 11.62
N PRO L 245 -49.10 -5.13 10.66
CA PRO L 245 -48.50 -3.83 10.99
C PRO L 245 -49.57 -2.81 11.37
N ASP L 246 -49.12 -1.81 12.11
CA ASP L 246 -50.00 -0.71 12.49
C ASP L 246 -49.48 0.62 11.97
N ARG L 247 -48.18 0.88 12.14
CA ARG L 247 -47.57 2.14 11.75
C ARG L 247 -46.34 1.86 10.90
N ALA L 248 -46.31 2.41 9.69
CA ALA L 248 -45.12 2.32 8.87
C ALA L 248 -44.07 3.30 9.37
N SER L 249 -42.81 3.02 9.04
CA SER L 249 -41.68 3.78 9.57
C SER L 249 -40.91 4.45 8.46
N PHE L 250 -40.37 5.63 8.77
CA PHE L 250 -39.62 6.42 7.80
C PHE L 250 -38.32 6.88 8.43
N LEU L 251 -37.28 7.00 7.62
CA LEU L 251 -35.98 7.39 8.13
C LEU L 251 -35.88 8.91 8.21
N ARG L 252 -35.00 9.39 9.08
CA ARG L 252 -34.89 10.80 9.38
C ARG L 252 -33.72 11.48 8.68
N GLY L 253 -32.52 10.91 8.77
CA GLY L 253 -31.34 11.57 8.26
C GLY L 253 -30.11 10.71 8.27
N LYS L 254 -28.99 11.26 8.72
CA LYS L 254 -27.72 10.54 8.78
C LYS L 254 -27.22 10.50 10.22
N SER L 255 -26.83 9.31 10.66
CA SER L 255 -26.18 9.12 11.95
C SER L 255 -25.23 7.94 11.85
N MET L 256 -24.62 7.58 12.96
CA MET L 256 -23.75 6.43 13.01
C MET L 256 -24.03 5.64 14.29
N GLY L 257 -24.00 4.31 14.17
CA GLY L 257 -24.28 3.42 15.28
C GLY L 257 -23.02 2.70 15.72
N ILE L 258 -22.82 2.66 17.03
CA ILE L 258 -21.72 1.92 17.63
C ILE L 258 -22.29 0.94 18.64
N GLN L 259 -21.49 -0.07 18.96
CA GLN L 259 -21.77 -1.02 20.03
C GLN L 259 -20.68 -0.86 21.08
N SER L 260 -21.09 -0.68 22.33
CA SER L 260 -20.13 -0.31 23.36
C SER L 260 -20.55 -0.93 24.69
N GLY L 261 -19.67 -0.79 25.67
CA GLY L 261 -19.94 -1.28 27.01
C GLY L 261 -19.56 -0.27 28.08
N VAL L 262 -19.09 0.88 27.67
CA VAL L 262 -18.66 1.93 28.58
C VAL L 262 -19.71 3.04 28.59
N GLN L 263 -19.58 3.95 29.55
CA GLN L 263 -20.59 4.99 29.75
C GLN L 263 -20.41 6.13 28.77
N VAL L 264 -21.48 6.85 28.52
CA VAL L 264 -21.47 7.96 27.59
C VAL L 264 -21.15 9.25 28.34
N ASP L 265 -20.31 10.08 27.73
CA ASP L 265 -19.86 11.33 28.32
C ASP L 265 -20.23 12.43 27.33
N ALA L 266 -20.82 13.51 27.83
CA ALA L 266 -21.18 14.64 26.98
C ALA L 266 -20.23 15.81 27.14
N ASP L 267 -19.06 15.58 27.74
CA ASP L 267 -18.11 16.65 27.97
C ASP L 267 -17.00 16.69 26.92
N CYS L 268 -16.49 15.52 26.52
CA CYS L 268 -15.42 15.49 25.53
C CYS L 268 -16.04 15.51 24.14
N GLU L 269 -15.29 16.04 23.18
CA GLU L 269 -15.65 15.91 21.78
C GLU L 269 -14.81 14.76 21.20
N GLY L 270 -15.49 13.72 20.73
CA GLY L 270 -14.81 12.58 20.16
C GLY L 270 -15.21 12.31 18.73
N ASP L 271 -14.40 11.55 18.00
CA ASP L 271 -14.71 11.27 16.60
C ASP L 271 -14.46 9.83 16.19
N CYS L 272 -13.74 9.04 16.99
CA CYS L 272 -13.38 7.67 16.65
C CYS L 272 -13.69 6.77 17.83
N TYR L 273 -14.70 5.93 17.70
CA TYR L 273 -15.20 5.10 18.79
C TYR L 273 -14.94 3.63 18.52
N TYR L 274 -14.84 2.87 19.61
CA TYR L 274 -14.83 1.42 19.56
C TYR L 274 -15.57 0.92 20.79
N SER L 275 -15.52 -0.39 21.03
CA SER L 275 -16.33 -1.00 22.09
C SER L 275 -15.82 -0.72 23.49
N GLY L 276 -14.70 -0.02 23.65
CA GLY L 276 -14.19 0.25 24.97
C GLY L 276 -13.91 1.71 25.24
N GLY L 277 -14.29 2.59 24.34
CA GLY L 277 -14.12 4.00 24.59
C GLY L 277 -13.95 4.77 23.29
N THR L 278 -13.06 5.78 23.35
CA THR L 278 -12.86 6.75 22.29
C THR L 278 -11.37 7.00 22.13
N ILE L 279 -10.91 7.06 20.88
CA ILE L 279 -9.50 7.34 20.58
C ILE L 279 -9.38 8.81 20.20
N ILE L 280 -8.71 9.59 21.03
CA ILE L 280 -8.48 11.02 20.78
C ILE L 280 -6.97 11.23 20.79
N SER L 281 -6.38 11.42 19.62
CA SER L 281 -4.94 11.61 19.51
C SER L 281 -4.61 12.25 18.18
N ASN L 282 -3.42 12.84 18.11
CA ASN L 282 -2.86 13.34 16.87
C ASN L 282 -1.93 12.34 16.19
N LEU L 283 -1.69 11.19 16.80
CA LEU L 283 -0.85 10.17 16.20
C LEU L 283 -1.57 9.55 15.00
N PRO L 284 -0.84 9.20 13.94
CA PRO L 284 -1.50 8.68 12.73
C PRO L 284 -1.80 7.20 12.76
N PHE L 285 -1.24 6.45 13.70
CA PHE L 285 -1.44 5.01 13.78
C PHE L 285 -1.93 4.65 15.17
N GLN L 286 -2.72 3.59 15.27
CA GLN L 286 -3.20 3.11 16.55
C GLN L 286 -3.22 1.59 16.55
N ASN L 287 -3.18 1.02 17.76
CA ASN L 287 -3.12 -0.42 17.96
C ASN L 287 -4.06 -0.81 19.09
N ILE L 288 -5.29 -0.29 19.05
CA ILE L 288 -6.28 -0.53 20.09
C ILE L 288 -7.36 -1.50 19.62
N ASP L 289 -8.06 -1.16 18.53
CA ASP L 289 -9.10 -2.03 18.00
C ASP L 289 -9.08 -1.99 16.48
N SER L 290 -9.25 -3.17 15.88
CA SER L 290 -9.40 -3.26 14.43
C SER L 290 -10.71 -2.65 13.97
N ARG L 291 -11.77 -2.81 14.76
CA ARG L 291 -13.12 -2.44 14.38
C ARG L 291 -13.54 -1.09 14.93
N ALA L 292 -12.62 -0.15 15.04
CA ALA L 292 -12.97 1.19 15.44
C ALA L 292 -13.61 1.93 14.27
N VAL L 293 -14.70 2.64 14.55
CA VAL L 293 -15.50 3.27 13.51
C VAL L 293 -15.49 4.78 13.70
N GLY L 294 -15.86 5.49 12.64
CA GLY L 294 -15.79 6.92 12.61
C GLY L 294 -14.63 7.41 11.76
N LYS L 295 -14.02 8.52 12.15
CA LYS L 295 -12.82 9.03 11.48
C LYS L 295 -11.63 8.70 12.37
N CYS L 296 -11.02 7.56 12.11
CA CYS L 296 -10.08 6.92 13.01
C CYS L 296 -8.65 6.97 12.47
N PRO L 297 -7.65 6.84 13.34
CA PRO L 297 -6.30 6.55 12.86
C PRO L 297 -6.23 5.15 12.28
N ARG L 298 -5.22 4.92 11.45
CA ARG L 298 -5.08 3.63 10.78
C ARG L 298 -4.61 2.58 11.77
N TYR L 299 -5.29 1.43 11.79
CA TYR L 299 -4.91 0.35 12.67
C TYR L 299 -3.70 -0.38 12.10
N VAL L 300 -2.68 -0.55 12.94
CA VAL L 300 -1.48 -1.29 12.60
C VAL L 300 -1.37 -2.46 13.57
N LYS L 301 -0.53 -3.43 13.23
CA LYS L 301 -0.34 -4.57 14.11
C LYS L 301 0.85 -4.41 15.05
N GLN L 302 1.72 -3.44 14.78
CA GLN L 302 2.80 -3.14 15.71
C GLN L 302 2.27 -2.31 16.87
N ARG L 303 2.96 -2.39 18.00
CA ARG L 303 2.58 -1.63 19.18
C ARG L 303 3.55 -0.50 19.50
N SER L 304 4.67 -0.41 18.79
CA SER L 304 5.61 0.69 18.96
C SER L 304 6.31 0.94 17.63
N LEU L 305 6.31 2.20 17.19
CA LEU L 305 7.04 2.62 16.00
C LEU L 305 7.59 3.99 16.30
N LEU L 306 8.87 4.06 16.63
CA LEU L 306 9.50 5.29 17.10
C LEU L 306 10.02 6.11 15.93
N LEU L 307 9.63 7.38 15.90
CA LEU L 307 10.02 8.30 14.85
C LEU L 307 11.06 9.26 15.39
N ALA L 308 12.19 9.37 14.69
CA ALA L 308 13.27 10.22 15.16
C ALA L 308 12.92 11.68 14.92
N THR L 309 13.00 12.48 15.98
CA THR L 309 12.81 13.92 15.90
C THR L 309 14.12 14.68 16.06
N GLY L 310 15.22 13.99 16.35
CA GLY L 310 16.52 14.64 16.46
C GLY L 310 17.55 14.05 15.53
N MET L 311 18.81 14.39 15.74
CA MET L 311 19.91 13.88 14.96
C MET L 311 20.42 12.57 15.55
N LYS L 312 21.41 11.97 14.90
CA LYS L 312 22.06 10.78 15.43
C LYS L 312 22.95 11.16 16.60
N ASN L 313 22.90 10.39 17.68
CA ASN L 313 23.62 10.70 18.91
C ASN L 313 25.00 10.09 18.88
N VAL L 314 26.03 10.93 18.91
CA VAL L 314 27.42 10.52 19.08
C VAL L 314 27.95 11.16 20.35
N PRO L 315 28.07 10.41 21.44
CA PRO L 315 28.48 11.00 22.71
C PRO L 315 29.98 11.30 22.74
N GLU L 316 30.37 12.05 23.77
CA GLU L 316 31.76 12.46 23.94
C GLU L 316 32.63 11.29 24.37
C1 NAG M . 6.94 23.96 -18.71
C2 NAG M . 7.72 24.94 -19.60
C3 NAG M . 6.88 25.40 -20.78
C4 NAG M . 6.35 24.19 -21.55
C5 NAG M . 5.61 23.24 -20.61
C6 NAG M . 5.17 21.97 -21.28
C7 NAG M . 7.57 27.00 -18.16
C8 NAG M . 8.41 28.04 -17.47
N2 NAG M . 8.27 26.07 -18.85
O3 NAG M . 7.69 26.20 -21.64
O4 NAG M . 5.47 24.61 -22.59
O5 NAG M . 6.46 22.86 -19.52
O6 NAG M . 6.07 20.90 -21.02
O7 NAG M . 6.34 27.01 -18.10
C1 NAG N . -22.65 1.95 -1.79
C2 NAG N . -24.12 2.11 -1.40
C3 NAG N . -24.92 2.74 -2.54
C4 NAG N . -24.27 4.05 -2.99
C5 NAG N . -22.81 3.80 -3.35
C6 NAG N . -22.06 5.07 -3.69
C7 NAG N . -25.23 0.59 0.18
C8 NAG N . -25.79 -0.78 0.40
N2 NAG N . -24.70 0.83 -1.02
O3 NAG N . -26.26 2.98 -2.12
O4 NAG N . -24.96 4.57 -4.11
O5 NAG N . -22.13 3.22 -2.22
O6 NAG N . -21.20 4.87 -4.80
O7 NAG N . -25.25 1.45 1.06
C1 NAG O . 37.84 23.58 -26.70
C2 NAG O . 38.13 22.88 -28.03
C3 NAG O . 39.47 23.38 -28.60
C4 NAG O . 39.48 24.89 -28.71
C5 NAG O . 39.14 25.52 -27.35
C6 NAG O . 39.00 27.02 -27.41
C7 NAG O . 37.10 20.65 -28.08
C8 NAG O . 37.31 19.19 -27.85
N2 NAG O . 38.16 21.44 -27.86
O3 NAG O . 39.66 22.80 -29.89
O4 NAG O . 40.76 25.34 -29.12
O5 NAG O . 37.88 25.01 -26.89
O6 NAG O . 37.75 27.41 -27.95
O7 NAG O . 36.02 21.11 -28.44
C1 NAG P . -12.48 -16.57 -9.50
C2 NAG P . -13.51 -17.27 -10.40
C3 NAG P . -13.11 -18.72 -10.63
C4 NAG P . -11.68 -18.81 -11.17
C5 NAG P . -10.73 -18.08 -10.23
C6 NAG P . -9.31 -18.03 -10.73
C7 NAG P . -15.87 -16.62 -10.46
C8 NAG P . -17.19 -16.64 -9.73
N2 NAG P . -14.84 -17.20 -9.82
O3 NAG P . -14.01 -19.33 -11.55
O4 NAG P . -11.28 -20.17 -11.28
O5 NAG P . -11.17 -16.71 -10.07
O6 NAG P . -8.38 -18.23 -9.69
O7 NAG P . -15.75 -16.11 -11.56
C1 NAG Q . 50.96 1.99 9.95
C2 NAG Q . 51.32 1.30 11.26
C3 NAG Q . 52.73 1.68 11.69
C4 NAG Q . 53.73 1.40 10.58
C5 NAG Q . 53.29 2.08 9.29
C6 NAG Q . 54.16 1.74 8.10
C7 NAG Q . 49.30 0.89 12.60
C8 NAG Q . 48.42 1.40 13.71
N2 NAG Q . 50.36 1.65 12.31
O3 NAG Q . 53.10 0.95 12.86
O4 NAG Q . 55.02 1.88 10.94
O5 NAG Q . 51.95 1.67 8.95
O6 NAG Q . 53.84 0.46 7.59
O7 NAG Q . 49.06 -0.15 12.01
C1 NAG R . -13.93 -12.92 12.62
C2 NAG R . -14.61 -14.15 13.22
C3 NAG R . -15.14 -13.85 14.61
C4 NAG R . -14.04 -13.30 15.50
C5 NAG R . -13.40 -12.08 14.84
C6 NAG R . -12.24 -11.52 15.61
C7 NAG R . -15.69 -15.85 11.81
C8 NAG R . -16.88 -16.16 10.94
N2 NAG R . -15.68 -14.63 12.35
O3 NAG R . -15.67 -15.04 15.18
O4 NAG R . -14.57 -12.92 16.76
O5 NAG R . -12.91 -12.44 13.53
O6 NAG R . -12.24 -10.11 15.62
O7 NAG R . -14.81 -16.66 12.01
C1 NAG S . 29.34 40.71 13.50
C2 NAG S . 28.54 42.01 13.51
C3 NAG S . 29.49 43.22 13.56
C4 NAG S . 30.46 43.08 14.73
C5 NAG S . 31.18 41.75 14.67
C6 NAG S . 32.07 41.49 15.87
C7 NAG S . 26.39 41.72 12.37
C8 NAG S . 25.63 41.88 11.08
N2 NAG S . 27.66 42.10 12.36
O3 NAG S . 28.73 44.41 13.70
O4 NAG S . 31.41 44.14 14.68
O5 NAG S . 30.23 40.67 14.64
O6 NAG S . 31.31 41.08 17.00
O7 NAG S . 25.85 41.27 13.38
C1 NAG T . 27.78 -12.61 -6.45
C2 NAG T . 29.29 -12.88 -6.46
C3 NAG T . 29.58 -14.37 -6.55
C4 NAG T . 28.84 -15.12 -5.45
C5 NAG T . 27.35 -14.78 -5.48
C6 NAG T . 26.59 -15.38 -4.33
C7 NAG T . 29.82 -12.21 -8.83
C8 NAG T . 30.69 -11.30 -9.65
N2 NAG T . 30.00 -12.12 -7.50
O3 NAG T . 30.98 -14.60 -6.43
O4 NAG T . 29.00 -16.53 -5.59
O5 NAG T . 27.16 -13.36 -5.39
O6 NAG T . 26.39 -14.45 -3.28
O7 NAG T . 29.01 -12.98 -9.35
C1 NAG U . 12.93 15.36 23.85
C2 NAG U . 13.73 16.38 24.66
C3 NAG U . 13.03 16.72 25.97
C4 NAG U . 11.59 17.15 25.71
C5 NAG U . 10.86 16.10 24.88
C6 NAG U . 9.47 16.53 24.48
C7 NAG U . 15.56 14.89 25.52
C8 NAG U . 17.05 14.73 25.58
N2 NAG U . 15.12 15.98 24.87
O3 NAG U . 13.73 17.76 26.63
O4 NAG U . 10.90 17.35 26.93
O5 NAG U . 11.58 15.84 23.66
O6 NAG U . 9.45 17.04 23.15
O7 NAG U . 14.80 14.08 26.06
#